data_9V52
#
_entry.id   9V52
#
_cell.length_a   1.00
_cell.length_b   1.00
_cell.length_c   1.00
_cell.angle_alpha   90.00
_cell.angle_beta   90.00
_cell.angle_gamma   90.00
#
_symmetry.space_group_name_H-M   'P 1'
#
loop_
_entity.id
_entity.type
_entity.pdbx_description
1 polymer 'Outer membrane protein TolC'
2 polymer 'Uncharacterized lipoprotein YbjP'
#
loop_
_entity_poly.entity_id
_entity_poly.type
_entity_poly.pdbx_seq_one_letter_code
_entity_poly.pdbx_strand_id
1 'polypeptide(L)'
;MKKLLPILIGLSLSGFSSLSQAENLMQVYQQARLSNPELRKSAADRDAAFEKINEARSPLLPQLGLGADYTYSNGYRDAN
GINSNATSASLQLTQSIFDMSKWRALTLQEKAAGIQDVTYQTDQQTLILNTATAYFNVLNAIDVLSYTQAQKEAIYRQLD
QTTQRFNVGLVAITDVQNARAQYDTVLANEVTARNNLDNAVEQLRQITGNYYPELAALNVENFKTDKPQPVNALLKEAEK
RNLSLLQARLSQDLAREQIRQAQDGHLPTLDLTASTGISDTSYSGSKTRGAAGTQYDDSNMGQNKVGLSFSLPIYQGGMV
NSQVKQAQYNFVGASEQLESAHRSVVQTVRSSFNNINASISSINAYKQAVVSAQSSLDAMEAGYSVGTRTIVDVLDATTT
LYNAKQELANARYNYLINQLNIKSALGTLNEQDLLALNNALSKPVSTNPENVAPQTPEQNAIADGYAPDSPAPVVQQTSA
RTTTSNGHNPFRN
;
C1,C3,C2
2 'polypeptide(L)'
;MRYSKLTMLIPCALLLSACTTVTPAYKDNGTRSGPCVEGGPDNVAQQFYDYRILHRSNDITALRPYLSDKLATLLSDASR
DNNHRELLTNDPFSSRTTLPDSAHVASASTIPNRDARNIPLRVDLKQGDQGWQDEVLMIQEGQCWVIDDVRYLGGSVHAT
AGTLRQSIENR
;
P1,P3,P2
#
# COMPACT_ATOMS: atom_id res chain seq x y z
N GLU A 23 -31.50 16.91 -2.23
CA GLU A 23 -31.20 17.59 -3.48
C GLU A 23 -30.81 16.60 -4.57
N ASN A 24 -30.75 17.07 -5.81
CA ASN A 24 -30.42 16.22 -6.94
C ASN A 24 -28.90 16.03 -7.00
N LEU A 25 -28.41 15.46 -8.10
CA LEU A 25 -27.00 15.08 -8.17
C LEU A 25 -26.09 16.30 -8.30
N MET A 26 -26.52 17.35 -8.99
CA MET A 26 -25.68 18.54 -9.15
C MET A 26 -25.38 19.19 -7.80
N GLN A 27 -26.39 19.39 -6.97
CA GLN A 27 -26.17 20.02 -5.68
C GLN A 27 -25.30 19.14 -4.79
N VAL A 28 -25.52 17.83 -4.82
CA VAL A 28 -24.71 16.91 -4.03
C VAL A 28 -23.25 17.00 -4.46
N TYR A 29 -22.99 16.97 -5.76
CA TYR A 29 -21.61 17.05 -6.23
C TYR A 29 -20.99 18.39 -5.89
N GLN A 30 -21.75 19.49 -6.04
CA GLN A 30 -21.18 20.80 -5.73
C GLN A 30 -20.80 20.90 -4.26
N GLN A 31 -21.69 20.42 -3.37
CA GLN A 31 -21.37 20.45 -1.95
C GLN A 31 -20.19 19.55 -1.63
N ALA A 32 -20.09 18.39 -2.32
CA ALA A 32 -18.95 17.51 -2.10
C ALA A 32 -17.65 18.16 -2.53
N ARG A 33 -17.65 18.83 -3.68
CA ARG A 33 -16.45 19.47 -4.18
C ARG A 33 -16.04 20.63 -3.30
N LEU A 34 -17.01 21.39 -2.79
CA LEU A 34 -16.68 22.58 -2.02
C LEU A 34 -16.21 22.26 -0.61
N SER A 35 -16.45 21.05 -0.11
CA SER A 35 -16.15 20.74 1.29
C SER A 35 -15.55 19.34 1.42
N ASN A 36 -14.61 18.99 0.54
CA ASN A 36 -13.97 17.68 0.66
C ASN A 36 -12.55 17.84 1.17
N PRO A 37 -12.13 17.05 2.15
CA PRO A 37 -10.77 17.18 2.69
C PRO A 37 -9.71 16.51 1.83
N GLU A 38 -10.02 15.37 1.20
CA GLU A 38 -9.00 14.67 0.43
C GLU A 38 -8.61 15.46 -0.82
N LEU A 39 -9.58 16.06 -1.52
CA LEU A 39 -9.25 16.88 -2.67
C LEU A 39 -8.46 18.11 -2.24
N ARG A 40 -8.81 18.70 -1.10
CA ARG A 40 -8.04 19.83 -0.59
C ARG A 40 -6.60 19.42 -0.29
N LYS A 41 -6.41 18.24 0.29
CA LYS A 41 -5.05 17.76 0.57
C LYS A 41 -4.26 17.55 -0.72
N SER A 42 -4.89 16.95 -1.72
CA SER A 42 -4.20 16.75 -2.99
C SER A 42 -3.84 18.08 -3.63
N ALA A 43 -4.74 19.06 -3.57
CA ALA A 43 -4.45 20.38 -4.13
C ALA A 43 -3.32 21.08 -3.37
N ALA A 44 -3.30 20.94 -2.05
CA ALA A 44 -2.22 21.53 -1.27
C ALA A 44 -0.88 20.88 -1.61
N ASP A 45 -0.88 19.56 -1.79
CA ASP A 45 0.35 18.88 -2.19
C ASP A 45 0.82 19.35 -3.56
N ARG A 46 -0.12 19.52 -4.50
CA ARG A 46 0.24 20.02 -5.82
C ARG A 46 0.83 21.42 -5.73
N ASP A 47 0.23 22.29 -4.92
CA ASP A 47 0.74 23.64 -4.78
C ASP A 47 2.14 23.65 -4.14
N ALA A 48 2.38 22.78 -3.17
CA ALA A 48 3.71 22.69 -2.57
C ALA A 48 4.74 22.23 -3.59
N ALA A 49 4.40 21.20 -4.38
CA ALA A 49 5.32 20.75 -5.42
C ALA A 49 5.54 21.84 -6.46
N PHE A 50 4.54 22.69 -6.68
CA PHE A 50 4.71 23.80 -7.61
C PHE A 50 5.65 24.86 -7.03
N GLU A 51 5.52 25.14 -5.74
CA GLU A 51 6.37 26.13 -5.09
C GLU A 51 7.81 25.62 -4.91
N LYS A 52 8.02 24.31 -5.01
CA LYS A 52 9.38 23.77 -4.98
C LYS A 52 10.28 24.39 -6.04
N ILE A 53 9.71 25.00 -7.08
CA ILE A 53 10.52 25.58 -8.15
C ILE A 53 11.41 26.68 -7.63
N ASN A 54 10.89 27.52 -6.72
CA ASN A 54 11.70 28.60 -6.18
C ASN A 54 12.87 28.07 -5.35
N GLU A 55 12.64 27.02 -4.55
CA GLU A 55 13.74 26.42 -3.82
C GLU A 55 14.77 25.83 -4.77
N ALA A 56 14.32 25.21 -5.86
CA ALA A 56 15.26 24.68 -6.84
C ALA A 56 16.04 25.78 -7.53
N ARG A 57 15.43 26.94 -7.75
CA ARG A 57 16.06 28.06 -8.44
C ARG A 57 16.92 28.92 -7.51
N SER A 58 16.77 28.79 -6.20
CA SER A 58 17.53 29.63 -5.28
C SER A 58 19.05 29.54 -5.45
N PRO A 59 19.68 28.36 -5.56
CA PRO A 59 21.16 28.34 -5.57
C PRO A 59 21.78 29.00 -6.80
N LEU A 60 21.03 29.18 -7.88
CA LEU A 60 21.57 29.88 -9.04
C LEU A 60 21.67 31.37 -8.83
N LEU A 61 20.82 31.94 -7.99
CA LEU A 61 20.81 33.36 -7.70
C LEU A 61 21.98 33.72 -6.77
N PRO A 62 22.33 35.01 -6.68
CA PRO A 62 23.44 35.40 -5.81
C PRO A 62 23.20 34.97 -4.36
N GLN A 63 24.28 34.54 -3.70
CA GLN A 63 24.24 34.13 -2.31
C GLN A 63 25.11 35.10 -1.51
N LEU A 64 24.48 35.94 -0.69
CA LEU A 64 25.17 36.98 0.05
C LEU A 64 25.07 36.69 1.54
N GLY A 65 26.12 37.01 2.28
CA GLY A 65 26.14 36.71 3.71
C GLY A 65 27.12 37.58 4.46
N LEU A 66 26.99 37.53 5.78
CA LEU A 66 27.84 38.30 6.69
C LEU A 66 28.37 37.40 7.78
N GLY A 67 29.57 37.68 8.25
CA GLY A 67 30.16 36.90 9.32
C GLY A 67 31.25 37.62 10.08
N ALA A 68 31.16 37.63 11.40
CA ALA A 68 32.15 38.28 12.24
C ALA A 68 32.60 37.33 13.33
N ASP A 69 33.86 37.48 13.76
CA ASP A 69 34.42 36.57 14.75
C ASP A 69 35.49 37.30 15.56
N TYR A 70 35.87 36.67 16.67
CA TYR A 70 36.88 37.23 17.56
C TYR A 70 37.65 36.07 18.16
N THR A 71 38.96 36.03 17.95
CA THR A 71 39.82 34.94 18.35
C THR A 71 40.89 35.43 19.30
N TYR A 72 41.00 34.78 20.45
CA TYR A 72 42.06 35.03 21.42
C TYR A 72 43.05 33.88 21.37
N SER A 73 44.33 34.20 21.20
CA SER A 73 45.37 33.19 21.05
C SER A 73 46.42 33.36 22.13
N ASN A 74 46.70 32.28 22.85
CA ASN A 74 47.80 32.22 23.82
C ASN A 74 48.85 31.26 23.30
N GLY A 75 50.11 31.57 23.58
CA GLY A 75 51.19 30.75 23.05
C GLY A 75 52.13 30.21 24.10
N TYR A 76 52.80 29.11 23.79
CA TYR A 76 53.82 28.53 24.66
C TYR A 76 54.86 27.85 23.78
N ARG A 77 55.69 27.01 24.40
CA ARG A 77 56.80 26.31 23.73
C ARG A 77 57.74 27.38 23.21
N ASP A 78 58.21 27.32 21.96
CA ASP A 78 59.03 28.38 21.43
C ASP A 78 58.26 29.68 21.23
N ALA A 79 56.93 29.64 21.27
CA ALA A 79 56.10 30.83 21.19
C ALA A 79 55.64 31.27 22.57
N ASN A 80 56.49 31.11 23.58
CA ASN A 80 56.14 31.50 24.94
C ASN A 80 56.04 33.02 25.05
N GLY A 81 55.11 33.48 25.88
CA GLY A 81 54.96 34.91 26.10
C GLY A 81 54.47 35.68 24.89
N ILE A 82 53.54 35.12 24.12
CA ILE A 82 52.93 35.79 22.99
C ILE A 82 51.43 35.61 23.08
N ASN A 83 50.70 36.70 23.19
CA ASN A 83 49.24 36.70 23.23
C ASN A 83 48.71 37.61 22.13
N SER A 84 47.69 37.14 21.43
CA SER A 84 47.12 37.89 20.32
C SER A 84 45.61 37.95 20.43
N ASN A 85 45.03 39.04 19.96
CA ASN A 85 43.59 39.26 19.98
C ASN A 85 43.19 39.77 18.60
N ALA A 86 42.40 38.98 17.87
CA ALA A 86 42.05 39.31 16.49
C ALA A 86 40.54 39.37 16.34
N THR A 87 40.02 40.55 16.01
CA THR A 87 38.60 40.75 15.77
C THR A 87 38.39 41.03 14.28
N SER A 88 37.58 40.22 13.62
CA SER A 88 37.39 40.32 12.18
C SER A 88 35.92 40.35 11.84
N ALA A 89 35.61 41.02 10.73
CA ALA A 89 34.28 41.04 10.15
C ALA A 89 34.41 40.88 8.63
N SER A 90 33.37 40.32 8.01
CA SER A 90 33.44 40.07 6.59
C SER A 90 32.04 40.03 6.00
N LEU A 91 31.94 40.43 4.74
CA LEU A 91 30.69 40.40 3.98
C LEU A 91 30.99 39.76 2.63
N GLN A 92 30.37 38.62 2.36
CA GLN A 92 30.73 37.78 1.23
C GLN A 92 29.56 37.66 0.26
N LEU A 93 29.90 37.43 -1.01
CA LEU A 93 28.93 37.22 -2.08
C LEU A 93 29.48 36.16 -3.01
N THR A 94 28.66 35.16 -3.34
CA THR A 94 29.06 34.06 -4.20
C THR A 94 28.02 33.85 -5.29
N GLN A 95 28.49 33.59 -6.51
CA GLN A 95 27.63 33.29 -7.63
C GLN A 95 28.23 32.12 -8.42
N SER A 96 27.35 31.32 -9.02
CA SER A 96 27.77 30.18 -9.82
C SER A 96 27.70 30.56 -11.29
N ILE A 97 28.85 30.80 -11.90
CA ILE A 97 28.87 31.31 -13.27
C ILE A 97 28.43 30.22 -14.25
N PHE A 98 28.95 29.01 -14.09
CA PHE A 98 28.65 27.91 -15.01
C PHE A 98 28.57 26.62 -14.21
N ASP A 99 27.35 26.08 -14.08
CA ASP A 99 27.14 24.82 -13.37
C ASP A 99 25.85 24.21 -13.90
N MET A 100 25.98 23.21 -14.78
CA MET A 100 24.80 22.62 -15.41
C MET A 100 23.97 21.79 -14.44
N SER A 101 24.55 21.37 -13.32
CA SER A 101 23.80 20.55 -12.37
C SER A 101 22.61 21.31 -11.81
N LYS A 102 22.78 22.61 -11.52
CA LYS A 102 21.66 23.40 -11.01
C LYS A 102 20.54 23.52 -12.03
N TRP A 103 20.88 23.76 -13.30
CA TRP A 103 19.85 23.83 -14.33
C TRP A 103 19.12 22.51 -14.48
N ARG A 104 19.86 21.40 -14.42
CA ARG A 104 19.21 20.10 -14.51
C ARG A 104 18.30 19.84 -13.32
N ALA A 105 18.71 20.27 -12.13
CA ALA A 105 17.84 20.14 -10.96
C ALA A 105 16.57 20.97 -11.12
N LEU A 106 16.70 22.18 -11.68
CA LEU A 106 15.53 23.01 -11.94
C LEU A 106 14.58 22.32 -12.92
N THR A 107 15.12 21.73 -13.98
CA THR A 107 14.27 21.04 -14.94
C THR A 107 13.59 19.83 -14.30
N LEU A 108 14.31 19.10 -13.45
CA LEU A 108 13.71 17.98 -12.74
C LEU A 108 12.56 18.43 -11.86
N GLN A 109 12.74 19.56 -11.16
CA GLN A 109 11.65 20.09 -10.35
C GLN A 109 10.45 20.49 -11.21
N GLU A 110 10.71 21.06 -12.38
CA GLU A 110 9.62 21.38 -13.31
C GLU A 110 8.83 20.13 -13.68
N LYS A 111 9.54 19.05 -14.04
CA LYS A 111 8.84 17.82 -14.42
C LYS A 111 8.06 17.24 -13.24
N ALA A 112 8.62 17.31 -12.04
CA ALA A 112 7.89 16.83 -10.87
C ALA A 112 6.61 17.62 -10.65
N ALA A 113 6.68 18.94 -10.83
CA ALA A 113 5.47 19.75 -10.70
C ALA A 113 4.44 19.35 -11.75
N GLY A 114 4.89 19.05 -12.97
CA GLY A 114 3.96 18.62 -14.00
C GLY A 114 3.24 17.32 -13.62
N ILE A 115 4.00 16.33 -13.16
CA ILE A 115 3.35 15.07 -12.79
C ILE A 115 2.43 15.26 -11.60
N GLN A 116 2.76 16.19 -10.69
CA GLN A 116 1.85 16.46 -9.57
C GLN A 116 0.55 17.09 -10.06
N ASP A 117 0.63 17.99 -11.04
CA ASP A 117 -0.59 18.54 -11.60
C ASP A 117 -1.45 17.45 -12.23
N VAL A 118 -0.81 16.51 -12.93
CA VAL A 118 -1.56 15.43 -13.56
C VAL A 118 -2.26 14.57 -12.50
N THR A 119 -1.54 14.22 -11.43
CA THR A 119 -2.19 13.39 -10.41
C THR A 119 -3.28 14.14 -9.67
N TYR A 120 -3.17 15.46 -9.57
CA TYR A 120 -4.28 16.23 -9.01
C TYR A 120 -5.52 16.15 -9.88
N GLN A 121 -5.34 16.22 -11.21
CA GLN A 121 -6.48 16.06 -12.11
C GLN A 121 -7.10 14.67 -11.95
N THR A 122 -6.26 13.64 -11.82
CA THR A 122 -6.78 12.30 -11.59
C THR A 122 -7.58 12.22 -10.28
N ASP A 123 -7.11 12.92 -9.25
CA ASP A 123 -7.86 12.94 -7.98
C ASP A 123 -9.21 13.60 -8.15
N GLN A 124 -9.27 14.67 -8.95
CA GLN A 124 -10.56 15.31 -9.22
C GLN A 124 -11.53 14.32 -9.88
N GLN A 125 -11.05 13.59 -10.89
CA GLN A 125 -11.90 12.60 -11.54
C GLN A 125 -12.37 11.54 -10.55
N THR A 126 -11.46 11.07 -9.69
CA THR A 126 -11.82 10.06 -8.71
C THR A 126 -12.91 10.57 -7.77
N LEU A 127 -12.81 11.83 -7.34
CA LEU A 127 -13.83 12.39 -6.45
C LEU A 127 -15.19 12.40 -7.13
N ILE A 128 -15.24 12.83 -8.39
CA ILE A 128 -16.55 12.91 -9.05
C ILE A 128 -17.15 11.52 -9.21
N LEU A 129 -16.32 10.53 -9.56
CA LEU A 129 -16.82 9.16 -9.68
C LEU A 129 -17.32 8.64 -8.33
N ASN A 130 -16.59 8.92 -7.26
CA ASN A 130 -16.97 8.42 -5.95
C ASN A 130 -18.29 9.03 -5.48
N THR A 131 -18.48 10.33 -5.68
CA THR A 131 -19.73 10.93 -5.21
C THR A 131 -20.92 10.41 -6.01
N ALA A 132 -20.77 10.25 -7.33
CA ALA A 132 -21.86 9.66 -8.10
C ALA A 132 -22.17 8.24 -7.63
N THR A 133 -21.13 7.44 -7.38
CA THR A 133 -21.35 6.07 -6.94
C THR A 133 -22.08 6.02 -5.61
N ALA A 134 -21.70 6.88 -4.66
CA ALA A 134 -22.35 6.87 -3.35
C ALA A 134 -23.81 7.29 -3.46
N TYR A 135 -24.10 8.33 -4.26
CA TYR A 135 -25.48 8.77 -4.45
C TYR A 135 -26.33 7.64 -5.02
N PHE A 136 -25.86 6.99 -6.08
CA PHE A 136 -26.67 5.95 -6.69
C PHE A 136 -26.75 4.70 -5.82
N ASN A 137 -25.74 4.46 -4.98
CA ASN A 137 -25.83 3.36 -4.01
C ASN A 137 -26.94 3.62 -3.01
N VAL A 138 -27.06 4.87 -2.54
CA VAL A 138 -28.16 5.19 -1.62
C VAL A 138 -29.50 4.96 -2.30
N LEU A 139 -29.63 5.41 -3.55
CA LEU A 139 -30.91 5.20 -4.25
C LEU A 139 -31.21 3.72 -4.43
N ASN A 140 -30.20 2.92 -4.77
CA ASN A 140 -30.41 1.49 -4.93
C ASN A 140 -30.83 0.84 -3.62
N ALA A 141 -30.23 1.26 -2.50
CA ALA A 141 -30.64 0.73 -1.21
C ALA A 141 -32.09 1.05 -0.90
N ILE A 142 -32.52 2.28 -1.21
CA ILE A 142 -33.92 2.65 -1.00
C ILE A 142 -34.83 1.74 -1.81
N ASP A 143 -34.48 1.52 -3.09
CA ASP A 143 -35.31 0.69 -3.94
C ASP A 143 -35.39 -0.74 -3.42
N VAL A 144 -34.26 -1.30 -2.99
CA VAL A 144 -34.26 -2.67 -2.47
C VAL A 144 -35.12 -2.78 -1.23
N LEU A 145 -35.01 -1.80 -0.32
CA LEU A 145 -35.82 -1.84 0.89
C LEU A 145 -37.30 -1.77 0.57
N SER A 146 -37.69 -0.89 -0.36
CA SER A 146 -39.10 -0.78 -0.72
C SER A 146 -39.61 -2.08 -1.33
N TYR A 147 -38.83 -2.71 -2.19
CA TYR A 147 -39.26 -3.97 -2.79
C TYR A 147 -39.42 -5.07 -1.73
N THR A 148 -38.49 -5.14 -0.79
CA THR A 148 -38.61 -6.14 0.28
C THR A 148 -39.84 -5.88 1.14
N GLN A 149 -40.14 -4.60 1.43
CA GLN A 149 -41.34 -4.29 2.18
C GLN A 149 -42.59 -4.71 1.43
N ALA A 150 -42.62 -4.49 0.11
CA ALA A 150 -43.78 -4.92 -0.67
C ALA A 150 -43.93 -6.43 -0.62
N GLN A 151 -42.82 -7.17 -0.70
CA GLN A 151 -42.89 -8.62 -0.59
C GLN A 151 -43.44 -9.04 0.76
N LYS A 152 -43.01 -8.38 1.83
CA LYS A 152 -43.53 -8.69 3.16
C LYS A 152 -45.03 -8.43 3.24
N GLU A 153 -45.48 -7.32 2.65
CA GLU A 153 -46.92 -7.03 2.66
C GLU A 153 -47.71 -8.10 1.92
N ALA A 154 -47.20 -8.54 0.76
CA ALA A 154 -47.90 -9.58 0.01
C ALA A 154 -47.97 -10.88 0.79
N ILE A 155 -46.86 -11.27 1.42
CA ILE A 155 -46.86 -12.53 2.19
C ILE A 155 -47.77 -12.40 3.41
N TYR A 156 -47.83 -11.21 4.02
CA TYR A 156 -48.74 -11.01 5.14
C TYR A 156 -50.20 -11.13 4.70
N ARG A 157 -50.52 -10.59 3.52
CA ARG A 157 -51.87 -10.74 2.99
C ARG A 157 -52.21 -12.21 2.78
N GLN A 158 -51.26 -12.97 2.22
CA GLN A 158 -51.48 -14.40 2.04
C GLN A 158 -51.67 -15.10 3.39
N LEU A 159 -50.87 -14.74 4.38
CA LEU A 159 -51.03 -15.25 5.74
C LEU A 159 -52.43 -15.01 6.27
N ASP A 160 -52.91 -13.77 6.16
CA ASP A 160 -54.23 -13.44 6.68
C ASP A 160 -55.31 -14.23 5.98
N GLN A 161 -55.24 -14.33 4.65
CA GLN A 161 -56.25 -15.06 3.91
C GLN A 161 -56.27 -16.53 4.30
N THR A 162 -55.09 -17.17 4.36
CA THR A 162 -55.04 -18.58 4.71
C THR A 162 -55.49 -18.82 6.15
N THR A 163 -55.10 -17.94 7.07
CA THR A 163 -55.50 -18.10 8.46
C THR A 163 -57.00 -17.96 8.63
N GLN A 164 -57.62 -16.99 7.93
CA GLN A 164 -59.06 -16.85 8.04
C GLN A 164 -59.78 -18.03 7.39
N ARG A 165 -59.22 -18.57 6.29
CA ARG A 165 -59.81 -19.75 5.68
C ARG A 165 -59.76 -20.94 6.62
N PHE A 166 -58.64 -21.11 7.32
CA PHE A 166 -58.56 -22.20 8.29
C PHE A 166 -59.46 -21.97 9.49
N ASN A 167 -59.61 -20.71 9.93
CA ASN A 167 -60.52 -20.42 11.04
C ASN A 167 -61.95 -20.79 10.68
N VAL A 168 -62.39 -20.44 9.46
CA VAL A 168 -63.64 -20.98 8.96
C VAL A 168 -63.53 -22.50 8.81
N GLY A 169 -62.42 -22.96 8.25
CA GLY A 169 -62.09 -24.37 8.14
C GLY A 169 -62.33 -24.95 6.76
N LEU A 170 -61.28 -24.99 5.95
CA LEU A 170 -61.31 -25.66 4.66
C LEU A 170 -60.07 -26.47 4.34
N VAL A 171 -58.91 -26.17 4.94
CA VAL A 171 -57.65 -26.79 4.59
C VAL A 171 -56.89 -27.08 5.87
N ALA A 172 -55.92 -27.98 5.77
CA ALA A 172 -55.11 -28.40 6.92
C ALA A 172 -54.20 -27.27 7.37
N ILE A 173 -53.39 -27.56 8.39
CA ILE A 173 -52.54 -26.53 9.00
C ILE A 173 -51.19 -26.36 8.32
N THR A 174 -50.88 -27.20 7.34
CA THR A 174 -49.56 -27.15 6.71
C THR A 174 -49.31 -25.82 6.01
N ASP A 175 -50.32 -25.31 5.30
CA ASP A 175 -50.16 -24.06 4.55
C ASP A 175 -49.83 -22.90 5.48
N VAL A 176 -50.50 -22.84 6.63
CA VAL A 176 -50.25 -21.77 7.59
C VAL A 176 -48.80 -21.80 8.05
N GLN A 177 -48.29 -23.00 8.38
CA GLN A 177 -46.93 -23.12 8.85
C GLN A 177 -45.94 -22.70 7.78
N ASN A 178 -46.13 -23.18 6.55
CA ASN A 178 -45.19 -22.86 5.48
C ASN A 178 -45.17 -21.36 5.19
N ALA A 179 -46.35 -20.75 5.11
CA ALA A 179 -46.42 -19.32 4.82
C ALA A 179 -45.85 -18.50 5.97
N ARG A 180 -46.02 -18.97 7.22
CA ARG A 180 -45.42 -18.27 8.34
C ARG A 180 -43.90 -18.34 8.30
N ALA A 181 -43.35 -19.50 7.92
CA ALA A 181 -41.90 -19.59 7.77
C ALA A 181 -41.39 -18.63 6.71
N GLN A 182 -42.08 -18.57 5.58
CA GLN A 182 -41.69 -17.62 4.53
C GLN A 182 -41.77 -16.18 5.04
N TYR A 183 -42.83 -15.87 5.79
CA TYR A 183 -42.99 -14.52 6.33
C TYR A 183 -41.85 -14.15 7.27
N ASP A 184 -41.44 -15.09 8.12
CA ASP A 184 -40.32 -14.81 9.03
C ASP A 184 -39.02 -14.59 8.27
N THR A 185 -38.76 -15.41 7.26
CA THR A 185 -37.55 -15.21 6.46
C THR A 185 -37.55 -13.85 5.78
N VAL A 186 -38.71 -13.45 5.24
CA VAL A 186 -38.82 -12.16 4.58
C VAL A 186 -38.62 -11.03 5.59
N LEU A 187 -39.09 -11.22 6.82
CA LEU A 187 -38.89 -10.21 7.86
C LEU A 187 -37.40 -10.03 8.16
N ALA A 188 -36.66 -11.14 8.27
CA ALA A 188 -35.22 -11.03 8.50
C ALA A 188 -34.53 -10.29 7.34
N ASN A 189 -34.93 -10.63 6.11
CA ASN A 189 -34.36 -9.94 4.96
C ASN A 189 -34.67 -8.44 5.00
N GLU A 190 -35.88 -8.07 5.43
CA GLU A 190 -36.24 -6.67 5.53
C GLU A 190 -35.37 -5.95 6.55
N VAL A 191 -35.10 -6.60 7.69
CA VAL A 191 -34.25 -5.99 8.71
C VAL A 191 -32.86 -5.72 8.14
N THR A 192 -32.28 -6.72 7.47
CA THR A 192 -30.94 -6.52 6.94
C THR A 192 -30.91 -5.46 5.83
N ALA A 193 -31.99 -5.36 5.03
CA ALA A 193 -32.04 -4.33 3.99
C ALA A 193 -32.13 -2.94 4.59
N ARG A 194 -32.92 -2.79 5.66
CA ARG A 194 -32.99 -1.49 6.33
C ARG A 194 -31.63 -1.08 6.89
N ASN A 195 -30.92 -2.04 7.49
CA ASN A 195 -29.58 -1.74 7.99
C ASN A 195 -28.65 -1.31 6.86
N ASN A 196 -28.71 -2.01 5.73
CA ASN A 196 -27.86 -1.65 4.59
C ASN A 196 -28.16 -0.25 4.08
N LEU A 197 -29.45 0.11 4.01
CA LEU A 197 -29.81 1.45 3.55
C LEU A 197 -29.29 2.52 4.51
N ASP A 198 -29.41 2.29 5.82
CA ASP A 198 -28.90 3.27 6.77
C ASP A 198 -27.39 3.43 6.64
N ASN A 199 -26.68 2.30 6.48
CA ASN A 199 -25.23 2.39 6.28
C ASN A 199 -24.90 3.18 5.03
N ALA A 200 -25.64 2.97 3.94
CA ALA A 200 -25.36 3.67 2.70
C ALA A 200 -25.59 5.17 2.83
N VAL A 201 -26.69 5.57 3.49
CA VAL A 201 -26.95 7.00 3.62
C VAL A 201 -25.91 7.66 4.52
N GLU A 202 -25.46 6.96 5.55
CA GLU A 202 -24.40 7.52 6.39
C GLU A 202 -23.10 7.65 5.60
N GLN A 203 -22.80 6.68 4.74
CA GLN A 203 -21.60 6.77 3.91
C GLN A 203 -21.68 7.96 2.97
N LEU A 204 -22.86 8.20 2.38
CA LEU A 204 -23.02 9.38 1.53
C LEU A 204 -22.79 10.66 2.32
N ARG A 205 -23.34 10.73 3.53
CA ARG A 205 -23.12 11.91 4.37
C ARG A 205 -21.64 12.10 4.66
N GLN A 206 -20.91 11.00 4.89
CA GLN A 206 -19.48 11.09 5.13
C GLN A 206 -18.74 11.62 3.91
N ILE A 207 -19.10 11.13 2.72
CA ILE A 207 -18.40 11.56 1.51
C ILE A 207 -18.75 12.99 1.11
N THR A 208 -19.89 13.50 1.57
CA THR A 208 -20.33 14.85 1.22
C THR A 208 -20.12 15.86 2.35
N GLY A 209 -20.45 15.49 3.58
CA GLY A 209 -20.35 16.40 4.71
C GLY A 209 -21.65 16.99 5.18
N ASN A 210 -22.78 16.63 4.56
CA ASN A 210 -24.08 17.13 4.93
C ASN A 210 -25.06 15.97 4.99
N TYR A 211 -26.08 16.12 5.84
CA TYR A 211 -27.11 15.10 6.02
C TYR A 211 -28.28 15.43 5.09
N TYR A 212 -28.51 14.57 4.11
CA TYR A 212 -29.54 14.81 3.11
C TYR A 212 -30.80 14.04 3.47
N PRO A 213 -31.94 14.70 3.70
CA PRO A 213 -33.16 13.98 4.06
C PRO A 213 -33.85 13.36 2.85
N GLU A 214 -33.72 13.98 1.68
CA GLU A 214 -34.38 13.47 0.49
C GLU A 214 -33.51 13.73 -0.74
N LEU A 215 -33.59 12.82 -1.70
CA LEU A 215 -32.81 12.89 -2.92
C LEU A 215 -33.72 12.64 -4.12
N ALA A 216 -33.30 13.15 -5.28
CA ALA A 216 -34.07 12.91 -6.49
C ALA A 216 -33.97 11.46 -6.91
N ALA A 217 -35.12 10.83 -7.14
CA ALA A 217 -35.17 9.42 -7.49
C ALA A 217 -35.02 9.25 -9.00
N LEU A 218 -35.25 8.04 -9.50
CA LEU A 218 -35.15 7.73 -10.91
C LEU A 218 -36.52 7.36 -11.46
N ASN A 219 -36.95 8.07 -12.49
CA ASN A 219 -38.22 7.76 -13.15
C ASN A 219 -37.99 6.78 -14.29
N VAL A 220 -39.05 6.04 -14.63
CA VAL A 220 -38.96 5.02 -15.65
C VAL A 220 -39.54 5.46 -17.00
N GLU A 221 -40.32 6.55 -17.03
CA GLU A 221 -40.86 7.02 -18.29
C GLU A 221 -39.78 7.64 -19.16
N ASN A 222 -38.93 8.49 -18.58
CA ASN A 222 -37.91 9.21 -19.34
C ASN A 222 -36.58 8.49 -19.39
N PHE A 223 -36.48 7.28 -18.84
CA PHE A 223 -35.22 6.54 -18.86
C PHE A 223 -35.10 5.84 -20.21
N LYS A 224 -34.28 6.39 -21.09
CA LYS A 224 -34.05 5.86 -22.42
C LYS A 224 -32.56 5.62 -22.58
N THR A 225 -32.20 4.42 -23.03
CA THR A 225 -30.79 4.04 -23.15
C THR A 225 -30.25 4.39 -24.53
N ASP A 226 -28.94 4.60 -24.59
CA ASP A 226 -28.26 4.94 -25.83
C ASP A 226 -27.06 4.03 -26.03
N LYS A 227 -26.88 3.55 -27.25
CA LYS A 227 -25.75 2.70 -27.55
C LYS A 227 -24.45 3.52 -27.49
N PRO A 228 -23.37 2.94 -27.00
CA PRO A 228 -22.11 3.69 -26.89
C PRO A 228 -21.40 3.78 -28.23
N GLN A 229 -20.39 4.63 -28.26
CA GLN A 229 -19.58 4.79 -29.45
C GLN A 229 -18.78 3.50 -29.70
N PRO A 230 -18.43 3.22 -30.96
CA PRO A 230 -17.66 2.01 -31.25
C PRO A 230 -16.34 2.02 -30.50
N VAL A 231 -15.90 0.82 -30.09
CA VAL A 231 -14.72 0.71 -29.25
C VAL A 231 -13.47 1.25 -29.92
N ASN A 232 -13.49 1.41 -31.25
CA ASN A 232 -12.33 1.93 -31.95
C ASN A 232 -12.06 3.39 -31.58
N ALA A 233 -13.00 4.29 -31.90
CA ALA A 233 -12.81 5.69 -31.57
C ALA A 233 -12.68 5.90 -30.07
N LEU A 234 -13.37 5.09 -29.28
CA LEU A 234 -13.20 5.10 -27.84
C LEU A 234 -11.74 4.85 -27.46
N LEU A 235 -11.15 3.80 -28.04
CA LEU A 235 -9.77 3.46 -27.73
C LEU A 235 -8.81 4.56 -28.20
N LYS A 236 -9.10 5.14 -29.35
CA LYS A 236 -8.26 6.22 -29.87
C LYS A 236 -8.25 7.41 -28.92
N GLU A 237 -9.43 7.90 -28.54
CA GLU A 237 -9.49 9.05 -27.64
C GLU A 237 -8.90 8.72 -26.29
N ALA A 238 -9.12 7.49 -25.80
CA ALA A 238 -8.56 7.11 -24.50
C ALA A 238 -7.05 7.10 -24.54
N GLU A 239 -6.47 6.55 -25.60
CA GLU A 239 -5.01 6.55 -25.72
C GLU A 239 -4.47 7.97 -25.82
N LYS A 240 -5.18 8.85 -26.52
CA LYS A 240 -4.69 10.22 -26.66
C LYS A 240 -4.77 10.99 -25.35
N ARG A 241 -5.85 10.83 -24.59
CA ARG A 241 -6.18 11.75 -23.51
C ARG A 241 -6.28 11.12 -22.13
N ASN A 242 -5.84 9.88 -21.94
CA ASN A 242 -5.94 9.28 -20.62
C ASN A 242 -4.98 9.94 -19.64
N LEU A 243 -5.41 10.09 -18.39
CA LEU A 243 -4.59 10.75 -17.39
C LEU A 243 -3.44 9.86 -16.92
N SER A 244 -3.71 8.57 -16.69
CA SER A 244 -2.66 7.67 -16.20
C SER A 244 -1.55 7.52 -17.24
N LEU A 245 -1.92 7.41 -18.51
CA LEU A 245 -0.91 7.28 -19.56
C LEU A 245 -0.08 8.56 -19.67
N LEU A 246 -0.72 9.73 -19.53
CA LEU A 246 0.02 10.97 -19.54
C LEU A 246 0.99 11.05 -18.36
N GLN A 247 0.55 10.60 -17.18
CA GLN A 247 1.44 10.57 -16.03
C GLN A 247 2.63 9.65 -16.27
N ALA A 248 2.38 8.49 -16.89
CA ALA A 248 3.48 7.58 -17.20
C ALA A 248 4.46 8.20 -18.19
N ARG A 249 3.94 8.90 -19.21
CA ARG A 249 4.81 9.56 -20.18
C ARG A 249 5.66 10.63 -19.50
N LEU A 250 5.05 11.41 -18.61
CA LEU A 250 5.81 12.43 -17.88
C LEU A 250 6.86 11.79 -16.98
N SER A 251 6.55 10.65 -16.37
CA SER A 251 7.54 9.95 -15.55
C SER A 251 8.71 9.45 -16.40
N GLN A 252 8.43 8.93 -17.59
CA GLN A 252 9.52 8.49 -18.46
C GLN A 252 10.39 9.68 -18.89
N ASP A 253 9.76 10.81 -19.20
CA ASP A 253 10.54 12.01 -19.52
C ASP A 253 11.38 12.46 -18.32
N LEU A 254 10.82 12.32 -17.11
CA LEU A 254 11.58 12.65 -15.91
C LEU A 254 12.78 11.72 -15.76
N ALA A 255 12.61 10.44 -16.07
CA ALA A 255 13.74 9.52 -16.03
C ALA A 255 14.81 9.90 -17.05
N ARG A 256 14.37 10.33 -18.24
CA ARG A 256 15.33 10.79 -19.24
C ARG A 256 16.10 12.01 -18.75
N GLU A 257 15.41 12.96 -18.13
CA GLU A 257 16.13 14.11 -17.59
C GLU A 257 17.03 13.72 -16.43
N GLN A 258 16.63 12.71 -15.64
CA GLN A 258 17.47 12.23 -14.56
C GLN A 258 18.77 11.63 -15.08
N ILE A 259 18.68 10.80 -16.13
CA ILE A 259 19.91 10.25 -16.71
C ILE A 259 20.73 11.35 -17.36
N ARG A 260 20.08 12.38 -17.92
CA ARG A 260 20.83 13.50 -18.46
C ARG A 260 21.60 14.23 -17.36
N GLN A 261 20.99 14.39 -16.19
CA GLN A 261 21.63 14.99 -15.03
C GLN A 261 22.62 14.06 -14.34
N ALA A 262 22.59 12.77 -14.67
CA ALA A 262 23.27 11.77 -13.85
C ALA A 262 24.78 12.01 -13.80
N GLN A 263 25.39 12.37 -14.91
CA GLN A 263 26.84 12.47 -14.91
C GLN A 263 27.34 13.65 -14.07
N ASP A 264 27.09 14.88 -14.52
CA ASP A 264 27.41 16.11 -13.81
C ASP A 264 28.79 16.08 -13.17
N GLY A 265 29.70 15.30 -13.73
CA GLY A 265 31.02 15.13 -13.14
C GLY A 265 32.13 15.38 -14.15
N HIS A 266 31.77 15.32 -15.43
CA HIS A 266 32.71 15.63 -16.50
C HIS A 266 32.67 17.10 -16.89
N LEU A 267 31.78 17.89 -16.29
CA LEU A 267 31.62 19.28 -16.65
C LEU A 267 32.29 20.15 -15.59
N PRO A 268 33.34 20.88 -15.92
CA PRO A 268 33.98 21.74 -14.92
C PRO A 268 33.05 22.85 -14.45
N THR A 269 33.19 23.21 -13.18
CA THR A 269 32.36 24.23 -12.55
C THR A 269 33.17 25.52 -12.38
N LEU A 270 32.45 26.65 -12.40
CA LEU A 270 33.06 27.96 -12.32
C LEU A 270 32.27 28.82 -11.34
N ASP A 271 32.97 29.46 -10.40
CA ASP A 271 32.34 30.27 -9.37
C ASP A 271 33.01 31.64 -9.31
N LEU A 272 32.24 32.64 -8.91
CA LEU A 272 32.74 33.99 -8.71
C LEU A 272 32.44 34.43 -7.28
N THR A 273 33.46 34.96 -6.60
CA THR A 273 33.33 35.36 -5.21
C THR A 273 33.81 36.80 -5.02
N ALA A 274 33.14 37.53 -4.13
CA ALA A 274 33.55 38.85 -3.70
C ALA A 274 33.43 38.92 -2.19
N SER A 275 34.29 39.71 -1.56
CA SER A 275 34.32 39.74 -0.11
C SER A 275 34.95 41.01 0.39
N THR A 276 34.23 41.76 1.22
CA THR A 276 34.75 42.94 1.90
C THR A 276 35.00 42.59 3.36
N GLY A 277 36.25 42.64 3.78
CA GLY A 277 36.62 42.18 5.11
C GLY A 277 37.52 43.15 5.83
N ILE A 278 37.34 43.22 7.15
CA ILE A 278 38.14 44.05 8.04
C ILE A 278 38.68 43.16 9.15
N SER A 279 39.90 43.44 9.59
CA SER A 279 40.51 42.71 10.69
C SER A 279 41.33 43.65 11.54
N ASP A 280 41.22 43.50 12.86
CA ASP A 280 42.00 44.26 13.82
C ASP A 280 42.72 43.30 14.74
N THR A 281 44.05 43.30 14.69
CA THR A 281 44.88 42.40 15.47
C THR A 281 45.72 43.20 16.45
N SER A 282 45.73 42.76 17.71
CA SER A 282 46.51 43.41 18.75
C SER A 282 47.36 42.36 19.45
N TYR A 283 48.58 42.73 19.81
CA TYR A 283 49.52 41.82 20.46
C TYR A 283 49.83 42.32 21.86
N SER A 284 50.06 41.38 22.77
CA SER A 284 50.44 41.71 24.14
C SER A 284 51.13 40.50 24.75
N GLY A 285 51.90 40.75 25.78
CA GLY A 285 52.60 39.68 26.48
C GLY A 285 53.92 40.18 27.03
N SER A 286 54.51 39.34 27.89
CA SER A 286 55.77 39.69 28.52
C SER A 286 56.89 39.81 27.49
N LYS A 287 56.94 38.89 26.53
CA LYS A 287 57.96 38.90 25.50
C LYS A 287 57.64 39.89 24.38
N THR A 288 56.41 40.39 24.30
CA THR A 288 56.02 41.32 23.25
C THR A 288 56.46 42.75 23.52
N ARG A 289 56.97 43.04 24.72
CA ARG A 289 57.42 44.38 25.07
C ARG A 289 58.91 44.58 24.82
N GLY A 290 59.48 43.88 23.85
CA GLY A 290 60.88 43.99 23.53
C GLY A 290 61.18 45.22 22.70
N ALA A 291 62.42 45.26 22.21
CA ALA A 291 62.92 46.39 21.45
C ALA A 291 62.60 46.30 19.95
N ALA A 292 61.97 45.22 19.50
CA ALA A 292 61.63 45.10 18.09
C ALA A 292 60.65 46.20 17.67
N GLY A 293 59.45 46.18 18.25
CA GLY A 293 58.48 47.24 18.00
C GLY A 293 58.02 47.36 16.56
N THR A 294 58.20 46.31 15.77
CA THR A 294 57.82 46.35 14.36
C THR A 294 56.73 45.36 14.01
N GLN A 295 56.92 44.08 14.34
CA GLN A 295 55.94 43.05 14.02
C GLN A 295 54.96 42.79 15.14
N TYR A 296 55.10 43.44 16.29
CA TYR A 296 54.26 43.23 17.45
C TYR A 296 53.42 44.47 17.77
N ASP A 297 52.90 45.12 16.74
CA ASP A 297 52.06 46.30 16.90
C ASP A 297 50.68 46.02 16.31
N ASP A 298 49.71 46.85 16.73
CA ASP A 298 48.34 46.67 16.27
C ASP A 298 48.24 46.87 14.77
N SER A 299 47.54 45.95 14.10
CA SER A 299 47.39 45.96 12.66
C SER A 299 45.91 46.06 12.32
N ASN A 300 45.56 46.95 11.39
CA ASN A 300 44.19 47.15 10.94
C ASN A 300 44.14 46.89 9.44
N MET A 301 43.80 45.67 9.06
CA MET A 301 43.79 45.25 7.67
C MET A 301 42.40 45.41 7.09
N GLY A 302 42.33 45.89 5.85
CA GLY A 302 41.08 45.96 5.12
C GLY A 302 41.25 45.46 3.70
N GLN A 303 40.44 44.49 3.28
CA GLN A 303 40.60 43.90 1.96
C GLN A 303 39.25 43.66 1.32
N ASN A 304 39.05 44.18 0.11
CA ASN A 304 37.92 43.79 -0.73
C ASN A 304 38.47 42.98 -1.90
N LYS A 305 38.05 41.72 -1.98
CA LYS A 305 38.61 40.74 -2.89
C LYS A 305 37.55 40.34 -3.92
N VAL A 306 37.95 40.25 -5.17
CA VAL A 306 37.13 39.70 -6.25
C VAL A 306 37.93 38.59 -6.92
N GLY A 307 37.34 37.40 -6.97
CA GLY A 307 38.09 36.26 -7.49
C GLY A 307 37.20 35.25 -8.19
N LEU A 308 37.84 34.39 -8.96
CA LEU A 308 37.16 33.32 -9.68
C LEU A 308 37.77 31.98 -9.29
N SER A 309 36.94 30.94 -9.30
CA SER A 309 37.36 29.59 -8.94
C SER A 309 36.91 28.63 -10.03
N PHE A 310 37.82 27.75 -10.45
CA PHE A 310 37.56 26.79 -11.53
C PHE A 310 37.88 25.40 -11.01
N SER A 311 36.91 24.49 -11.09
CA SER A 311 37.10 23.13 -10.63
C SER A 311 36.75 22.16 -11.74
N LEU A 312 37.43 21.01 -11.75
CA LEU A 312 37.20 19.99 -12.78
C LEU A 312 37.59 18.64 -12.21
N PRO A 313 36.62 17.78 -11.91
CA PRO A 313 36.96 16.39 -11.59
C PRO A 313 37.51 15.68 -12.82
N ILE A 314 38.48 14.80 -12.61
CA ILE A 314 39.15 14.08 -13.68
C ILE A 314 39.02 12.56 -13.50
N TYR A 315 39.22 12.08 -12.27
CA TYR A 315 39.05 10.66 -11.94
C TYR A 315 38.30 10.59 -10.62
N GLN A 316 37.00 10.37 -10.67
CA GLN A 316 36.15 10.34 -9.49
C GLN A 316 36.09 8.96 -8.86
N GLY A 317 36.95 8.03 -9.26
CA GLY A 317 36.89 6.68 -8.75
C GLY A 317 35.77 5.83 -9.31
N GLY A 318 35.24 6.20 -10.47
CA GLY A 318 34.16 5.44 -11.08
C GLY A 318 32.78 5.76 -10.56
N MET A 319 32.64 6.75 -9.68
CA MET A 319 31.34 7.08 -9.12
C MET A 319 30.38 7.59 -10.21
N VAL A 320 30.86 8.47 -11.08
CA VAL A 320 29.99 9.08 -12.07
C VAL A 320 29.51 8.06 -13.08
N ASN A 321 30.40 7.16 -13.51
CA ASN A 321 30.00 6.11 -14.45
C ASN A 321 28.93 5.21 -13.86
N SER A 322 29.12 4.81 -12.60
CA SER A 322 28.13 3.98 -11.94
C SER A 322 26.79 4.70 -11.80
N GLN A 323 26.83 5.99 -11.46
CA GLN A 323 25.59 6.76 -11.35
C GLN A 323 24.88 6.84 -12.70
N VAL A 324 25.64 7.06 -13.77
CA VAL A 324 25.04 7.13 -15.10
C VAL A 324 24.39 5.79 -15.46
N LYS A 325 25.07 4.68 -15.19
CA LYS A 325 24.49 3.39 -15.52
C LYS A 325 23.24 3.10 -14.69
N GLN A 326 23.26 3.49 -13.41
CA GLN A 326 22.06 3.34 -12.59
C GLN A 326 20.91 4.15 -13.16
N ALA A 327 21.19 5.36 -13.63
CA ALA A 327 20.14 6.16 -14.25
C ALA A 327 19.64 5.52 -15.54
N GLN A 328 20.52 4.87 -16.29
CA GLN A 328 20.08 4.15 -17.49
C GLN A 328 19.10 3.05 -17.12
N TYR A 329 19.43 2.27 -16.08
CA TYR A 329 18.53 1.21 -15.65
C TYR A 329 17.20 1.79 -15.16
N ASN A 330 17.25 2.91 -14.44
CA ASN A 330 16.03 3.54 -13.96
C ASN A 330 15.16 4.01 -15.12
N PHE A 331 15.78 4.55 -16.17
CA PHE A 331 15.03 4.98 -17.34
C PHE A 331 14.38 3.79 -18.04
N VAL A 332 15.09 2.67 -18.14
CA VAL A 332 14.50 1.46 -18.72
C VAL A 332 13.30 1.01 -17.88
N GLY A 333 13.44 1.02 -16.56
CA GLY A 333 12.32 0.65 -15.70
C GLY A 333 11.13 1.58 -15.85
N ALA A 334 11.39 2.88 -15.99
CA ALA A 334 10.30 3.83 -16.18
C ALA A 334 9.58 3.59 -17.49
N SER A 335 10.33 3.29 -18.56
CA SER A 335 9.69 2.98 -19.85
C SER A 335 8.84 1.72 -19.74
N GLU A 336 9.33 0.71 -19.02
CA GLU A 336 8.53 -0.49 -18.80
C GLU A 336 7.26 -0.18 -18.02
N GLN A 337 7.36 0.69 -17.02
CA GLN A 337 6.17 1.09 -16.27
C GLN A 337 5.18 1.81 -17.16
N LEU A 338 5.67 2.65 -18.07
CA LEU A 338 4.77 3.33 -19.01
C LEU A 338 4.06 2.34 -19.92
N GLU A 339 4.78 1.33 -20.41
CA GLU A 339 4.14 0.33 -21.26
C GLU A 339 3.08 -0.45 -20.47
N SER A 340 3.39 -0.78 -19.21
CA SER A 340 2.40 -1.43 -18.36
C SER A 340 1.17 -0.56 -18.17
N ALA A 341 1.36 0.74 -17.99
CA ALA A 341 0.24 1.66 -17.86
C ALA A 341 -0.62 1.67 -19.11
N HIS A 342 0.03 1.65 -20.29
CA HIS A 342 -0.75 1.62 -21.53
C HIS A 342 -1.56 0.33 -21.64
N ARG A 343 -0.97 -0.81 -21.30
CA ARG A 343 -1.71 -2.06 -21.36
C ARG A 343 -2.89 -2.04 -20.40
N SER A 344 -2.68 -1.49 -19.19
CA SER A 344 -3.79 -1.39 -18.24
C SER A 344 -4.89 -0.47 -18.75
N VAL A 345 -4.51 0.60 -19.44
CA VAL A 345 -5.51 1.51 -20.00
C VAL A 345 -6.34 0.80 -21.06
N VAL A 346 -5.69 0.03 -21.94
CA VAL A 346 -6.43 -0.72 -22.95
C VAL A 346 -7.38 -1.71 -22.29
N GLN A 347 -6.90 -2.40 -21.25
CA GLN A 347 -7.75 -3.33 -20.52
C GLN A 347 -8.96 -2.62 -19.92
N THR A 348 -8.74 -1.44 -19.33
CA THR A 348 -9.83 -0.70 -18.71
C THR A 348 -10.87 -0.29 -19.74
N VAL A 349 -10.42 0.19 -20.90
CA VAL A 349 -11.37 0.63 -21.93
C VAL A 349 -12.19 -0.56 -22.44
N ARG A 350 -11.52 -1.67 -22.73
CA ARG A 350 -12.24 -2.84 -23.23
C ARG A 350 -13.23 -3.36 -22.20
N SER A 351 -12.81 -3.42 -20.94
CA SER A 351 -13.71 -3.89 -19.88
C SER A 351 -14.91 -2.99 -19.73
N SER A 352 -14.70 -1.67 -19.78
CA SER A 352 -15.81 -0.73 -19.63
C SER A 352 -16.81 -0.88 -20.77
N PHE A 353 -16.32 -1.02 -22.02
CA PHE A 353 -17.23 -1.19 -23.14
C PHE A 353 -18.03 -2.48 -23.02
N ASN A 354 -17.35 -3.58 -22.69
CA ASN A 354 -18.05 -4.86 -22.57
C ASN A 354 -19.08 -4.82 -21.46
N ASN A 355 -18.73 -4.19 -20.33
CA ASN A 355 -19.67 -4.10 -19.21
C ASN A 355 -20.87 -3.23 -19.56
N ILE A 356 -20.66 -2.14 -20.32
CA ILE A 356 -21.78 -1.31 -20.73
C ILE A 356 -22.74 -2.11 -21.61
N ASN A 357 -22.19 -2.85 -22.57
CA ASN A 357 -23.05 -3.66 -23.43
C ASN A 357 -23.79 -4.72 -22.62
N ALA A 358 -23.11 -5.34 -21.66
CA ALA A 358 -23.77 -6.32 -20.80
C ALA A 358 -24.93 -5.68 -20.03
N SER A 359 -24.71 -4.48 -19.49
CA SER A 359 -25.77 -3.81 -18.73
C SER A 359 -26.97 -3.48 -19.62
N ILE A 360 -26.71 -2.97 -20.83
CA ILE A 360 -27.82 -2.57 -21.68
C ILE A 360 -28.60 -3.79 -22.17
N SER A 361 -27.93 -4.94 -22.35
CA SER A 361 -28.67 -6.15 -22.67
C SER A 361 -29.45 -6.68 -21.47
N SER A 362 -28.84 -6.63 -20.28
CA SER A 362 -29.47 -7.19 -19.09
C SER A 362 -30.70 -6.39 -18.69
N ILE A 363 -30.74 -5.10 -19.00
CA ILE A 363 -31.93 -4.31 -18.71
C ILE A 363 -33.15 -4.90 -19.41
N ASN A 364 -33.03 -5.14 -20.72
CA ASN A 364 -34.12 -5.73 -21.48
C ASN A 364 -34.42 -7.15 -21.00
N ALA A 365 -33.37 -7.92 -20.74
CA ALA A 365 -33.59 -9.29 -20.28
C ALA A 365 -34.39 -9.33 -18.98
N TYR A 366 -34.05 -8.45 -18.03
CA TYR A 366 -34.75 -8.44 -16.75
C TYR A 366 -36.15 -7.86 -16.87
N LYS A 367 -36.36 -6.90 -17.77
CA LYS A 367 -37.73 -6.42 -18.01
C LYS A 367 -38.62 -7.57 -18.51
N GLN A 368 -38.14 -8.31 -19.50
CA GLN A 368 -38.90 -9.46 -19.98
C GLN A 368 -39.10 -10.49 -18.88
N ALA A 369 -38.05 -10.72 -18.08
CA ALA A 369 -38.14 -11.71 -17.02
C ALA A 369 -39.17 -11.33 -15.97
N VAL A 370 -39.23 -10.05 -15.59
CA VAL A 370 -40.18 -9.64 -14.56
C VAL A 370 -41.61 -9.69 -15.09
N VAL A 371 -41.80 -9.33 -16.36
CA VAL A 371 -43.15 -9.46 -16.94
C VAL A 371 -43.58 -10.92 -16.95
N SER A 372 -42.67 -11.81 -17.36
CA SER A 372 -42.98 -13.24 -17.39
C SER A 372 -43.26 -13.77 -15.98
N ALA A 373 -42.50 -13.29 -14.99
CA ALA A 373 -42.69 -13.75 -13.62
C ALA A 373 -44.03 -13.29 -13.06
N GLN A 374 -44.45 -12.06 -13.38
CA GLN A 374 -45.77 -11.61 -12.95
C GLN A 374 -46.87 -12.45 -13.59
N SER A 375 -46.73 -12.75 -14.88
CA SER A 375 -47.72 -13.60 -15.53
C SER A 375 -47.74 -14.99 -14.90
N SER A 376 -46.56 -15.54 -14.57
CA SER A 376 -46.47 -16.85 -13.93
C SER A 376 -47.10 -16.84 -12.55
N LEU A 377 -46.91 -15.76 -11.79
CA LEU A 377 -47.53 -15.67 -10.47
C LEU A 377 -49.05 -15.62 -10.60
N ASP A 378 -49.57 -14.87 -11.57
CA ASP A 378 -51.01 -14.85 -11.79
C ASP A 378 -51.52 -16.24 -12.16
N ALA A 379 -50.80 -16.96 -13.03
CA ALA A 379 -51.21 -18.30 -13.41
C ALA A 379 -51.19 -19.25 -12.22
N MET A 380 -50.16 -19.15 -11.38
CA MET A 380 -50.10 -20.01 -10.19
C MET A 380 -51.23 -19.69 -9.22
N GLU A 381 -51.58 -18.41 -9.07
CA GLU A 381 -52.71 -18.06 -8.21
C GLU A 381 -54.01 -18.66 -8.75
N ALA A 382 -54.22 -18.57 -10.07
CA ALA A 382 -55.41 -19.18 -10.66
C ALA A 382 -55.42 -20.68 -10.46
N GLY A 383 -54.27 -21.33 -10.62
CA GLY A 383 -54.20 -22.76 -10.43
C GLY A 383 -54.48 -23.18 -8.99
N TYR A 384 -53.95 -22.40 -8.03
CA TYR A 384 -54.24 -22.66 -6.63
C TYR A 384 -55.72 -22.48 -6.33
N SER A 385 -56.34 -21.46 -6.93
CA SER A 385 -57.79 -21.30 -6.79
C SER A 385 -58.52 -22.52 -7.34
N VAL A 386 -58.09 -23.03 -8.49
CA VAL A 386 -58.65 -24.27 -9.01
C VAL A 386 -58.30 -25.43 -8.08
N GLY A 387 -57.04 -25.51 -7.65
CA GLY A 387 -56.62 -26.55 -6.73
C GLY A 387 -55.49 -27.41 -7.24
N THR A 388 -54.90 -27.03 -8.37
CA THR A 388 -53.80 -27.82 -8.95
C THR A 388 -52.49 -27.60 -8.20
N ARG A 389 -52.23 -26.38 -7.76
CA ARG A 389 -50.98 -26.03 -7.12
C ARG A 389 -51.13 -25.98 -5.60
N THR A 390 -50.05 -25.61 -4.92
CA THR A 390 -50.02 -25.51 -3.47
C THR A 390 -49.42 -24.16 -3.08
N ILE A 391 -49.55 -23.83 -1.79
CA ILE A 391 -49.16 -22.50 -1.32
C ILE A 391 -47.66 -22.29 -1.44
N VAL A 392 -46.87 -23.36 -1.32
CA VAL A 392 -45.42 -23.22 -1.44
C VAL A 392 -45.06 -22.74 -2.85
N ASP A 393 -45.80 -23.22 -3.86
CA ASP A 393 -45.51 -22.82 -5.23
C ASP A 393 -45.79 -21.33 -5.45
N VAL A 394 -46.93 -20.83 -4.96
CA VAL A 394 -47.23 -19.43 -5.16
C VAL A 394 -46.28 -18.55 -4.35
N LEU A 395 -45.87 -19.00 -3.16
CA LEU A 395 -44.87 -18.24 -2.41
C LEU A 395 -43.54 -18.19 -3.15
N ASP A 396 -43.13 -19.30 -3.76
CA ASP A 396 -41.90 -19.32 -4.56
C ASP A 396 -42.01 -18.40 -5.77
N ALA A 397 -43.18 -18.38 -6.41
CA ALA A 397 -43.38 -17.47 -7.54
C ALA A 397 -43.29 -16.02 -7.09
N THR A 398 -43.86 -15.69 -5.93
CA THR A 398 -43.75 -14.34 -5.40
C THR A 398 -42.29 -13.97 -5.14
N THR A 399 -41.54 -14.89 -4.54
CA THR A 399 -40.13 -14.63 -4.29
C THR A 399 -39.37 -14.39 -5.59
N THR A 400 -39.65 -15.21 -6.61
CA THR A 400 -38.97 -15.04 -7.90
C THR A 400 -39.31 -13.69 -8.53
N LEU A 401 -40.59 -13.30 -8.47
CA LEU A 401 -41.00 -12.03 -9.07
C LEU A 401 -40.30 -10.85 -8.39
N TYR A 402 -40.29 -10.86 -7.05
CA TYR A 402 -39.67 -9.74 -6.35
C TYR A 402 -38.15 -9.72 -6.55
N ASN A 403 -37.53 -10.90 -6.63
CA ASN A 403 -36.11 -10.96 -6.94
C ASN A 403 -35.83 -10.39 -8.32
N ALA A 404 -36.69 -10.70 -9.30
CA ALA A 404 -36.51 -10.15 -10.64
C ALA A 404 -36.62 -8.64 -10.63
N LYS A 405 -37.60 -8.09 -9.90
CA LYS A 405 -37.73 -6.64 -9.81
C LYS A 405 -36.49 -6.00 -9.20
N GLN A 406 -35.98 -6.60 -8.11
CA GLN A 406 -34.78 -6.08 -7.47
C GLN A 406 -33.59 -6.11 -8.42
N GLU A 407 -33.44 -7.21 -9.16
CA GLU A 407 -32.33 -7.33 -10.10
C GLU A 407 -32.44 -6.31 -11.23
N LEU A 408 -33.66 -6.04 -11.70
CA LEU A 408 -33.83 -5.03 -12.74
C LEU A 408 -33.42 -3.64 -12.24
N ALA A 409 -33.84 -3.28 -11.03
CA ALA A 409 -33.46 -1.97 -10.49
C ALA A 409 -31.94 -1.88 -10.32
N ASN A 410 -31.33 -2.94 -9.79
CA ASN A 410 -29.89 -2.95 -9.62
C ASN A 410 -29.18 -2.84 -10.96
N ALA A 411 -29.71 -3.50 -11.99
CA ALA A 411 -29.10 -3.41 -13.32
C ALA A 411 -29.18 -2.00 -13.87
N ARG A 412 -30.29 -1.31 -13.64
CA ARG A 412 -30.41 0.08 -14.09
C ARG A 412 -29.35 0.95 -13.44
N TYR A 413 -29.23 0.89 -12.11
CA TYR A 413 -28.26 1.73 -11.43
C TYR A 413 -26.83 1.36 -11.83
N ASN A 414 -26.57 0.07 -12.01
CA ASN A 414 -25.25 -0.37 -12.45
C ASN A 414 -24.94 0.16 -13.85
N TYR A 415 -25.95 0.22 -14.72
CA TYR A 415 -25.73 0.77 -16.06
C TYR A 415 -25.37 2.25 -15.99
N LEU A 416 -26.05 3.01 -15.14
CA LEU A 416 -25.70 4.43 -15.02
C LEU A 416 -24.27 4.62 -14.50
N ILE A 417 -23.94 3.90 -13.42
CA ILE A 417 -22.58 3.98 -12.88
C ILE A 417 -21.56 3.55 -13.92
N ASN A 418 -21.90 2.53 -14.71
CA ASN A 418 -21.01 2.01 -15.73
C ASN A 418 -20.78 3.04 -16.84
N GLN A 419 -21.82 3.77 -17.22
CA GLN A 419 -21.67 4.84 -18.19
C GLN A 419 -20.71 5.91 -17.68
N LEU A 420 -20.85 6.27 -16.40
CA LEU A 420 -19.88 7.22 -15.83
C LEU A 420 -18.47 6.63 -15.82
N ASN A 421 -18.36 5.32 -15.55
CA ASN A 421 -17.05 4.67 -15.48
C ASN A 421 -16.35 4.69 -16.83
N ILE A 422 -17.08 4.39 -17.91
CA ILE A 422 -16.46 4.40 -19.23
C ILE A 422 -16.09 5.83 -19.63
N LYS A 423 -16.94 6.79 -19.28
CA LYS A 423 -16.58 8.19 -19.55
C LYS A 423 -15.30 8.57 -18.81
N SER A 424 -15.15 8.13 -17.57
CA SER A 424 -13.92 8.41 -16.82
C SER A 424 -12.71 7.74 -17.46
N ALA A 425 -12.85 6.48 -17.86
CA ALA A 425 -11.73 5.77 -18.47
C ALA A 425 -11.34 6.40 -19.79
N LEU A 426 -12.27 7.06 -20.47
CA LEU A 426 -11.93 7.79 -21.68
C LEU A 426 -10.98 8.94 -21.38
N GLY A 427 -11.07 9.52 -20.20
CA GLY A 427 -10.18 10.59 -19.78
C GLY A 427 -10.70 12.00 -19.93
N THR A 428 -11.97 12.17 -20.27
CA THR A 428 -12.56 13.48 -20.52
C THR A 428 -13.84 13.64 -19.73
N LEU A 429 -13.80 13.32 -18.44
CA LEU A 429 -14.96 13.37 -17.57
C LEU A 429 -14.97 14.67 -16.79
N ASN A 430 -16.11 15.35 -16.78
CA ASN A 430 -16.27 16.62 -16.06
C ASN A 430 -17.73 16.72 -15.62
N GLU A 431 -18.15 17.93 -15.23
CA GLU A 431 -19.50 18.13 -14.71
C GLU A 431 -20.58 18.03 -15.79
N GLN A 432 -20.22 18.08 -17.08
CA GLN A 432 -21.22 17.93 -18.12
C GLN A 432 -21.84 16.54 -18.10
N ASP A 433 -21.03 15.51 -17.86
CA ASP A 433 -21.57 14.16 -17.73
C ASP A 433 -22.47 14.05 -16.51
N LEU A 434 -22.11 14.74 -15.43
CA LEU A 434 -22.98 14.78 -14.26
C LEU A 434 -24.31 15.43 -14.60
N LEU A 435 -24.29 16.51 -15.40
CA LEU A 435 -25.54 17.15 -15.81
C LEU A 435 -26.37 16.21 -16.68
N ALA A 436 -25.71 15.47 -17.58
CA ALA A 436 -26.43 14.50 -18.41
C ALA A 436 -27.10 13.44 -17.56
N LEU A 437 -26.40 12.93 -16.54
CA LEU A 437 -27.01 11.97 -15.63
C LEU A 437 -28.15 12.58 -14.85
N ASN A 438 -27.96 13.80 -14.34
CA ASN A 438 -28.96 14.46 -13.50
C ASN A 438 -30.22 14.82 -14.26
N ASN A 439 -30.13 14.98 -15.59
CA ASN A 439 -31.32 15.27 -16.37
C ASN A 439 -32.35 14.15 -16.30
N ALA A 440 -31.96 12.96 -15.88
CA ALA A 440 -32.85 11.81 -15.81
C ALA A 440 -33.51 11.64 -14.45
N LEU A 441 -33.17 12.45 -13.45
CA LEU A 441 -33.74 12.35 -12.12
C LEU A 441 -34.82 13.42 -11.97
N SER A 442 -36.05 13.00 -11.68
CA SER A 442 -37.18 13.92 -11.59
C SER A 442 -37.82 13.96 -10.23
N LYS A 443 -38.24 12.81 -9.69
CA LYS A 443 -39.06 12.83 -8.49
C LYS A 443 -38.19 12.75 -7.23
N PRO A 444 -38.49 13.53 -6.19
CA PRO A 444 -37.75 13.41 -4.93
C PRO A 444 -38.38 12.40 -3.99
N VAL A 445 -37.53 11.62 -3.34
CA VAL A 445 -37.95 10.62 -2.35
C VAL A 445 -37.09 10.78 -1.10
N SER A 446 -37.71 10.52 0.04
CA SER A 446 -37.05 10.67 1.34
C SER A 446 -36.31 9.39 1.71
N THR A 447 -35.11 9.55 2.27
CA THR A 447 -34.27 8.43 2.65
C THR A 447 -34.34 8.12 4.14
N ASN A 448 -35.34 8.63 4.84
CA ASN A 448 -35.48 8.37 6.27
C ASN A 448 -36.05 6.98 6.49
N PRO A 449 -35.36 6.10 7.22
CA PRO A 449 -35.92 4.76 7.47
C PRO A 449 -37.28 4.80 8.15
N GLU A 450 -37.50 5.73 9.09
CA GLU A 450 -38.76 5.74 9.82
C GLU A 450 -39.93 6.17 8.95
N ASN A 451 -39.72 7.21 8.13
CA ASN A 451 -40.81 7.67 7.26
C ASN A 451 -41.18 6.61 6.24
N VAL A 452 -40.19 5.92 5.68
CA VAL A 452 -40.47 4.88 4.68
C VAL A 452 -40.98 3.60 5.33
N ALA A 453 -40.84 3.46 6.65
CA ALA A 453 -41.31 2.28 7.38
C ALA A 453 -42.20 2.74 8.53
N PRO A 454 -43.47 3.02 8.26
CA PRO A 454 -44.41 3.50 9.28
C PRO A 454 -44.75 2.44 10.33
N CYS B 19 34.41 -2.83 -12.75
CA CYS B 19 34.28 -4.15 -12.14
C CYS B 19 32.82 -4.52 -11.93
N THR B 20 32.59 -5.55 -11.10
CA THR B 20 31.26 -6.04 -10.71
C THR B 20 30.28 -6.02 -11.89
N THR B 21 30.61 -6.82 -12.91
CA THR B 21 29.77 -6.92 -14.09
C THR B 21 28.36 -7.36 -13.71
N VAL B 22 27.37 -6.79 -14.39
CA VAL B 22 25.97 -6.99 -14.02
C VAL B 22 25.58 -8.45 -14.18
N THR B 23 25.99 -9.07 -15.29
CA THR B 23 25.63 -10.45 -15.63
C THR B 23 24.11 -10.62 -15.60
N PRO B 24 23.40 -10.10 -16.60
CA PRO B 24 21.94 -10.21 -16.60
C PRO B 24 21.50 -11.66 -16.64
N ALA B 25 20.36 -11.93 -16.00
CA ALA B 25 19.89 -13.30 -15.78
C ALA B 25 18.88 -13.76 -16.82
N TYR B 26 18.98 -13.27 -18.05
CA TYR B 26 18.06 -13.67 -19.12
C TYR B 26 18.87 -14.23 -20.29
N LYS B 27 18.90 -15.55 -20.42
CA LYS B 27 19.48 -16.19 -21.59
C LYS B 27 18.37 -16.56 -22.58
N ASP B 28 17.69 -15.52 -23.07
CA ASP B 28 16.50 -15.67 -23.89
C ASP B 28 16.33 -14.40 -24.71
N ASN B 29 15.11 -14.17 -25.20
CA ASN B 29 14.78 -13.01 -26.03
C ASN B 29 15.53 -13.05 -27.36
N GLY B 30 15.27 -14.11 -28.11
CA GLY B 30 15.86 -14.28 -29.43
C GLY B 30 14.84 -14.53 -30.51
N THR B 31 15.04 -15.59 -31.29
CA THR B 31 14.15 -15.99 -32.40
C THR B 31 13.92 -14.83 -33.36
N ARG B 32 15.00 -14.45 -34.03
CA ARG B 32 14.97 -13.43 -35.07
C ARG B 32 15.01 -14.09 -36.43
N SER B 33 14.12 -13.67 -37.33
CA SER B 33 13.98 -14.30 -38.64
C SER B 33 14.61 -13.46 -39.76
N GLY B 34 14.18 -12.21 -39.91
CA GLY B 34 14.65 -11.37 -40.99
C GLY B 34 15.84 -10.53 -40.61
N PRO B 35 16.45 -9.87 -41.61
CA PRO B 35 17.60 -9.01 -41.33
C PRO B 35 17.20 -7.72 -40.66
N CYS B 36 18.16 -6.89 -40.25
CA CYS B 36 17.86 -5.64 -39.57
C CYS B 36 19.12 -4.78 -39.53
N VAL B 37 19.00 -3.60 -38.91
CA VAL B 37 20.08 -2.65 -38.75
C VAL B 37 20.98 -3.05 -37.57
N GLU B 38 22.10 -2.35 -37.42
CA GLU B 38 23.06 -2.69 -36.38
C GLU B 38 22.42 -2.69 -34.99
N GLY B 39 21.94 -1.55 -34.54
CA GLY B 39 21.31 -1.48 -33.23
C GLY B 39 21.15 -0.05 -32.76
N GLY B 40 20.53 0.07 -31.59
CA GLY B 40 20.22 1.35 -31.01
C GLY B 40 18.79 1.77 -31.31
N PRO B 41 17.96 1.87 -30.26
CA PRO B 41 16.54 2.20 -30.46
C PRO B 41 16.34 3.51 -31.19
N ASP B 42 16.90 4.59 -30.65
CA ASP B 42 16.84 5.88 -31.35
C ASP B 42 17.48 5.78 -32.72
N ASN B 43 18.57 5.02 -32.82
CA ASN B 43 19.26 4.87 -34.10
C ASN B 43 18.37 4.21 -35.14
N VAL B 44 17.73 3.09 -34.78
CA VAL B 44 16.91 2.37 -35.75
C VAL B 44 15.66 3.18 -36.09
N ALA B 45 15.07 3.85 -35.10
CA ALA B 45 13.91 4.70 -35.40
C ALA B 45 14.28 5.81 -36.36
N GLN B 46 15.41 6.49 -36.12
CA GLN B 46 15.85 7.55 -37.01
C GLN B 46 16.13 7.01 -38.40
N GLN B 47 16.77 5.84 -38.49
CA GLN B 47 17.08 5.27 -39.79
C GLN B 47 15.80 4.92 -40.54
N PHE B 48 14.81 4.36 -39.86
CA PHE B 48 13.55 4.02 -40.50
C PHE B 48 12.85 5.26 -41.03
N TYR B 49 12.76 6.30 -40.19
CA TYR B 49 12.10 7.53 -40.63
C TYR B 49 12.86 8.17 -41.78
N ASP B 50 14.19 8.15 -41.73
CA ASP B 50 14.98 8.73 -42.80
C ASP B 50 14.80 7.96 -44.11
N TYR B 51 14.72 6.62 -44.04
CA TYR B 51 14.50 5.85 -45.25
C TYR B 51 13.12 6.13 -45.82
N ARG B 52 12.10 6.23 -44.97
CA ARG B 52 10.77 6.54 -45.48
C ARG B 52 10.71 7.93 -46.10
N ILE B 53 11.37 8.91 -45.48
CA ILE B 53 11.31 10.29 -45.98
C ILE B 53 12.09 10.43 -47.28
N LEU B 54 13.30 9.89 -47.32
CA LEU B 54 14.16 10.08 -48.49
C LEU B 54 13.54 9.45 -49.73
N HIS B 55 13.05 8.23 -49.61
CA HIS B 55 12.36 7.58 -50.71
C HIS B 55 10.89 8.01 -50.72
N ARG B 56 10.14 7.47 -51.67
CA ARG B 56 8.72 7.76 -51.78
C ARG B 56 7.84 6.52 -51.81
N SER B 57 8.43 5.33 -51.72
CA SER B 57 7.65 4.11 -51.85
C SER B 57 6.90 3.78 -50.57
N ASN B 58 7.63 3.63 -49.46
CA ASN B 58 7.11 3.27 -48.14
C ASN B 58 6.42 1.91 -48.12
N ASP B 59 6.47 1.16 -49.22
CA ASP B 59 5.86 -0.15 -49.27
C ASP B 59 6.57 -1.11 -48.33
N ILE B 60 5.83 -2.12 -47.85
CA ILE B 60 6.33 -2.99 -46.80
C ILE B 60 7.42 -3.94 -47.31
N THR B 61 7.46 -4.22 -48.61
CA THR B 61 8.46 -5.14 -49.13
C THR B 61 9.88 -4.64 -48.87
N ALA B 62 10.12 -3.35 -49.10
CA ALA B 62 11.42 -2.76 -48.83
C ALA B 62 11.62 -2.39 -47.37
N LEU B 63 10.54 -2.39 -46.57
CA LEU B 63 10.60 -2.03 -45.16
C LEU B 63 10.67 -3.26 -44.26
N ARG B 64 10.87 -4.44 -44.84
CA ARG B 64 10.90 -5.67 -44.05
C ARG B 64 11.94 -5.67 -42.93
N PRO B 65 13.19 -5.22 -43.14
CA PRO B 65 14.16 -5.28 -42.02
C PRO B 65 13.76 -4.49 -40.80
N TYR B 66 13.07 -3.36 -40.95
CA TYR B 66 12.86 -2.48 -39.80
C TYR B 66 11.70 -2.95 -38.93
N LEU B 67 10.81 -3.80 -39.45
CA LEU B 67 9.76 -4.43 -38.66
C LEU B 67 10.08 -5.91 -38.45
N SER B 68 9.64 -6.45 -37.31
CA SER B 68 10.29 -7.66 -36.84
C SER B 68 9.80 -8.97 -37.46
N ASP B 69 8.66 -9.47 -37.00
CA ASP B 69 8.12 -10.70 -37.53
C ASP B 69 6.60 -10.69 -37.55
N LYS B 70 6.01 -9.77 -36.80
CA LYS B 70 4.56 -9.75 -36.58
C LYS B 70 3.88 -8.58 -37.25
N LEU B 71 4.43 -7.37 -37.12
CA LEU B 71 3.88 -6.24 -37.86
C LEU B 71 4.05 -6.45 -39.36
N ALA B 72 5.14 -7.11 -39.77
CA ALA B 72 5.33 -7.40 -41.19
C ALA B 72 4.23 -8.31 -41.72
N THR B 73 3.99 -9.44 -41.04
CA THR B 73 2.98 -10.37 -41.53
C THR B 73 1.57 -9.81 -41.35
N LEU B 74 1.35 -9.03 -40.28
CA LEU B 74 0.05 -8.38 -40.12
C LEU B 74 -0.22 -7.41 -41.26
N LEU B 75 0.78 -6.61 -41.63
CA LEU B 75 0.59 -5.69 -42.75
C LEU B 75 0.41 -6.45 -44.05
N SER B 76 1.14 -7.56 -44.23
CA SER B 76 0.99 -8.35 -45.45
C SER B 76 -0.41 -8.91 -45.57
N ASP B 77 -0.95 -9.49 -44.50
CA ASP B 77 -2.29 -10.08 -44.60
C ASP B 77 -3.37 -9.00 -44.63
N ALA B 78 -3.13 -7.83 -44.05
CA ALA B 78 -4.05 -6.71 -44.24
C ALA B 78 -4.07 -6.26 -45.69
N SER B 79 -2.90 -6.23 -46.35
CA SER B 79 -2.86 -5.88 -47.75
C SER B 79 -3.57 -6.91 -48.60
N ARG B 80 -3.39 -8.19 -48.29
CA ARG B 80 -4.08 -9.25 -49.03
C ARG B 80 -5.55 -9.37 -48.66
N ASP B 81 -5.99 -8.74 -47.56
CA ASP B 81 -7.37 -8.85 -47.13
C ASP B 81 -8.31 -7.99 -47.96
N ASN B 82 -7.83 -6.84 -48.42
CA ASN B 82 -8.63 -5.85 -49.15
C ASN B 82 -9.84 -5.47 -48.30
N ASN B 83 -9.54 -4.92 -47.14
CA ASN B 83 -10.53 -4.26 -46.28
C ASN B 83 -10.05 -2.90 -45.81
N HIS B 84 -8.76 -2.75 -45.52
CA HIS B 84 -8.15 -1.52 -45.04
C HIS B 84 -7.36 -0.83 -46.14
N ARG B 85 -7.88 -0.84 -47.38
CA ARG B 85 -7.12 -0.33 -48.51
C ARG B 85 -6.73 1.13 -48.32
N GLU B 86 -7.67 1.97 -47.87
CA GLU B 86 -7.37 3.39 -47.70
C GLU B 86 -6.29 3.61 -46.65
N LEU B 87 -6.42 2.96 -45.50
CA LEU B 87 -5.44 3.15 -44.43
C LEU B 87 -4.06 2.70 -44.86
N LEU B 88 -3.97 1.56 -45.55
CA LEU B 88 -2.67 1.03 -45.93
C LEU B 88 -2.09 1.73 -47.15
N THR B 89 -2.92 2.45 -47.91
CA THR B 89 -2.40 3.09 -49.11
C THR B 89 -2.04 4.56 -48.86
N ASN B 90 -2.69 5.22 -47.90
CA ASN B 90 -2.31 6.60 -47.61
C ASN B 90 -1.05 6.64 -46.76
N ASP B 91 -1.14 6.14 -45.52
CA ASP B 91 0.03 6.02 -44.66
C ASP B 91 -0.28 5.11 -43.48
N PRO B 92 0.51 4.06 -43.27
CA PRO B 92 0.25 3.17 -42.12
C PRO B 92 0.95 3.62 -40.85
N PHE B 93 2.06 4.34 -40.99
CA PHE B 93 2.95 4.60 -39.86
C PHE B 93 2.91 6.04 -39.36
N SER B 94 2.40 6.98 -40.15
CA SER B 94 2.27 8.36 -39.72
C SER B 94 0.82 8.65 -39.36
N SER B 95 0.63 9.56 -38.41
CA SER B 95 -0.71 9.88 -37.94
C SER B 95 -1.55 10.60 -38.98
N ARG B 96 -0.94 11.07 -40.08
CA ARG B 96 -1.65 11.81 -41.11
C ARG B 96 -1.97 10.92 -42.30
N THR B 97 -2.46 11.54 -43.36
CA THR B 97 -2.62 10.92 -44.66
C THR B 97 -1.54 11.33 -45.64
N THR B 98 -0.57 12.13 -45.21
CA THR B 98 0.50 12.61 -46.07
C THR B 98 1.85 12.27 -45.46
N LEU B 99 2.83 12.02 -46.32
CA LEU B 99 4.17 11.68 -45.85
C LEU B 99 4.78 12.88 -45.12
N PRO B 100 5.38 12.68 -43.94
CA PRO B 100 5.97 13.81 -43.21
C PRO B 100 7.12 14.44 -43.95
N ASP B 101 7.64 15.53 -43.38
CA ASP B 101 8.76 16.25 -43.94
C ASP B 101 10.04 16.11 -43.12
N SER B 102 9.94 15.92 -41.82
CA SER B 102 11.12 15.67 -41.00
C SER B 102 10.69 14.96 -39.72
N ALA B 103 11.62 14.22 -39.13
CA ALA B 103 11.37 13.49 -37.90
C ALA B 103 12.54 13.67 -36.95
N HIS B 104 12.23 13.69 -35.66
CA HIS B 104 13.24 13.80 -34.61
C HIS B 104 12.87 12.83 -33.50
N VAL B 105 13.62 11.75 -33.38
CA VAL B 105 13.31 10.71 -32.41
C VAL B 105 13.88 11.10 -31.06
N ALA B 106 13.12 10.85 -30.00
CA ALA B 106 13.58 11.13 -28.65
C ALA B 106 14.84 10.34 -28.36
N SER B 107 15.83 11.01 -27.77
CA SER B 107 17.12 10.38 -27.55
C SER B 107 17.04 9.36 -26.42
N ALA B 108 17.99 8.42 -26.45
CA ALA B 108 18.14 7.43 -25.39
C ALA B 108 19.60 7.00 -25.38
N SER B 109 20.28 7.18 -24.24
CA SER B 109 21.72 6.97 -24.19
C SER B 109 22.05 5.49 -24.24
N THR B 110 21.91 4.89 -25.43
CA THR B 110 22.10 3.46 -25.63
C THR B 110 21.22 2.65 -24.67
N ILE B 111 21.51 1.36 -24.54
CA ILE B 111 20.75 0.50 -23.64
C ILE B 111 21.72 -0.45 -22.97
N PRO B 112 21.79 -0.48 -21.64
CA PRO B 112 22.73 -1.39 -20.98
C PRO B 112 22.37 -2.85 -21.25
N ASN B 113 23.41 -3.68 -21.41
CA ASN B 113 23.32 -5.11 -21.67
C ASN B 113 22.15 -5.49 -22.57
N ARG B 114 21.39 -6.52 -22.18
CA ARG B 114 20.26 -6.98 -22.96
C ARG B 114 18.97 -7.09 -22.14
N ASP B 115 19.03 -6.94 -20.82
CA ASP B 115 17.86 -7.06 -19.97
C ASP B 115 16.97 -5.84 -20.11
N ALA B 116 16.39 -5.66 -21.29
CA ALA B 116 15.52 -4.53 -21.58
C ALA B 116 14.78 -4.82 -22.87
N ARG B 117 13.46 -4.65 -22.84
CA ARG B 117 12.62 -4.94 -24.00
C ARG B 117 11.36 -4.10 -23.92
N ASN B 118 10.72 -3.93 -25.08
CA ASN B 118 9.45 -3.20 -25.18
C ASN B 118 9.59 -1.78 -24.63
N ILE B 119 10.45 -1.00 -25.27
CA ILE B 119 10.74 0.37 -24.84
C ILE B 119 10.02 1.32 -25.80
N PRO B 120 9.15 2.21 -25.31
CA PRO B 120 8.46 3.14 -26.20
C PRO B 120 9.15 4.49 -26.29
N LEU B 121 9.21 5.02 -27.51
CA LEU B 121 9.85 6.31 -27.76
C LEU B 121 8.89 7.20 -28.53
N ARG B 122 8.84 8.47 -28.16
CA ARG B 122 8.00 9.45 -28.83
C ARG B 122 8.84 10.24 -29.82
N VAL B 123 8.44 10.22 -31.09
CA VAL B 123 9.14 10.92 -32.15
C VAL B 123 8.35 12.15 -32.55
N ASP B 124 9.02 13.30 -32.60
CA ASP B 124 8.41 14.52 -33.08
C ASP B 124 8.39 14.46 -34.60
N LEU B 125 7.19 14.38 -35.17
CA LEU B 125 7.00 14.31 -36.61
C LEU B 125 6.69 15.72 -37.09
N LYS B 126 7.72 16.46 -37.48
CA LYS B 126 7.60 17.88 -37.79
C LYS B 126 7.43 18.08 -39.29
N GLN B 127 6.44 18.88 -39.66
CA GLN B 127 6.20 19.31 -41.03
C GLN B 127 6.28 20.83 -41.07
N GLY B 128 5.92 21.40 -42.21
CA GLY B 128 5.89 22.85 -42.33
C GLY B 128 4.92 23.48 -41.36
N ASP B 129 5.45 24.11 -40.31
CA ASP B 129 4.64 24.76 -39.27
C ASP B 129 3.61 23.80 -38.69
N GLN B 130 4.04 22.58 -38.38
CA GLN B 130 3.14 21.59 -37.81
C GLN B 130 3.94 20.56 -37.02
N GLY B 131 3.26 19.87 -36.12
CA GLY B 131 3.88 18.81 -35.34
C GLY B 131 2.82 17.92 -34.74
N TRP B 132 3.14 16.64 -34.62
CA TRP B 132 2.16 15.67 -34.13
C TRP B 132 2.71 14.78 -33.02
N GLN B 133 4.01 14.51 -33.04
CA GLN B 133 4.71 13.81 -31.95
C GLN B 133 4.08 12.44 -31.69
N ASP B 134 4.24 11.55 -32.68
CA ASP B 134 3.70 10.20 -32.54
C ASP B 134 4.58 9.38 -31.60
N GLU B 135 4.17 8.14 -31.33
CA GLU B 135 4.89 7.26 -30.42
C GLU B 135 5.01 5.88 -31.04
N VAL B 136 6.17 5.25 -30.86
CA VAL B 136 6.48 3.97 -31.47
C VAL B 136 7.12 3.06 -30.43
N LEU B 137 6.68 1.80 -30.40
CA LEU B 137 7.26 0.83 -29.49
C LEU B 137 8.52 0.22 -30.11
N MET B 138 9.37 -0.36 -29.25
CA MET B 138 10.60 -0.97 -29.69
C MET B 138 10.77 -2.33 -29.05
N ILE B 139 11.08 -3.32 -29.87
CA ILE B 139 11.26 -4.70 -29.45
C ILE B 139 12.70 -5.10 -29.78
N GLN B 140 13.38 -5.69 -28.80
CA GLN B 140 14.78 -6.09 -29.01
C GLN B 140 14.87 -7.38 -29.83
N GLU B 141 14.34 -8.47 -29.29
CA GLU B 141 14.28 -9.77 -29.97
C GLU B 141 15.61 -10.14 -30.64
N GLY B 142 16.63 -10.30 -29.79
CA GLY B 142 17.94 -10.74 -30.23
C GLY B 142 19.00 -9.69 -29.93
N GLN B 143 19.95 -9.55 -30.85
CA GLN B 143 21.00 -8.55 -30.75
C GLN B 143 20.64 -7.26 -31.49
N CYS B 144 19.37 -7.06 -31.79
CA CYS B 144 18.92 -5.98 -32.66
C CYS B 144 17.83 -5.18 -31.97
N TRP B 145 17.32 -4.17 -32.67
CA TRP B 145 16.18 -3.38 -32.22
C TRP B 145 15.24 -3.19 -33.40
N VAL B 146 13.94 -3.19 -33.13
CA VAL B 146 12.94 -3.17 -34.19
C VAL B 146 11.74 -2.33 -33.76
N ILE B 147 11.19 -1.57 -34.72
CA ILE B 147 9.99 -0.77 -34.54
C ILE B 147 8.75 -1.64 -34.44
N ASP B 148 7.79 -1.19 -33.64
CA ASP B 148 6.53 -1.91 -33.49
C ASP B 148 5.43 -0.93 -33.09
N ASP B 149 4.19 -1.36 -33.30
CA ASP B 149 2.99 -0.68 -32.83
C ASP B 149 2.73 0.64 -33.55
N VAL B 150 3.49 1.68 -33.20
CA VAL B 150 3.20 3.05 -33.61
C VAL B 150 1.87 3.48 -33.02
N ARG B 151 1.90 4.38 -32.04
CA ARG B 151 0.75 4.64 -31.18
C ARG B 151 -0.18 5.74 -31.68
N TYR B 152 0.11 6.36 -32.83
CA TYR B 152 -0.80 7.32 -33.45
C TYR B 152 -1.17 8.45 -32.49
N LEU B 153 -0.19 8.90 -31.70
CA LEU B 153 -0.41 9.93 -30.68
C LEU B 153 -0.33 11.30 -31.34
N GLY B 154 -1.46 11.77 -31.86
CA GLY B 154 -1.50 13.07 -32.49
C GLY B 154 -2.90 13.43 -32.90
N GLY B 155 -3.10 14.72 -33.17
CA GLY B 155 -4.39 15.19 -33.61
C GLY B 155 -4.71 14.78 -35.03
N SER B 156 -6.01 14.74 -35.34
CA SER B 156 -6.52 14.38 -36.66
C SER B 156 -5.96 13.03 -37.11
N VAL B 157 -6.33 11.99 -36.37
CA VAL B 157 -5.85 10.65 -36.66
C VAL B 157 -6.25 10.24 -38.08
N HIS B 158 -5.34 9.54 -38.76
CA HIS B 158 -5.45 9.22 -40.17
C HIS B 158 -6.77 8.50 -40.44
N ALA B 159 -6.92 7.30 -39.89
CA ALA B 159 -8.13 6.50 -40.10
C ALA B 159 -8.13 5.36 -39.09
N THR B 160 -9.23 4.60 -39.08
CA THR B 160 -9.50 3.57 -38.08
C THR B 160 -9.33 4.25 -36.72
N ALA B 161 -8.54 3.69 -35.79
CA ALA B 161 -8.37 4.30 -34.48
C ALA B 161 -7.29 3.56 -33.72
N GLY B 162 -6.86 4.17 -32.62
CA GLY B 162 -5.87 3.56 -31.76
C GLY B 162 -4.51 3.46 -32.43
N THR B 163 -3.73 2.47 -31.98
CA THR B 163 -2.45 2.18 -32.60
C THR B 163 -2.64 1.29 -33.82
N LEU B 164 -1.58 1.21 -34.63
CA LEU B 164 -1.68 0.51 -35.92
C LEU B 164 -2.01 -0.97 -35.73
N ARG B 165 -1.38 -1.61 -34.75
CA ARG B 165 -1.54 -3.05 -34.57
C ARG B 165 -3.00 -3.41 -34.28
N GLN B 166 -3.64 -2.69 -33.36
CA GLN B 166 -5.04 -2.96 -33.08
C GLN B 166 -5.98 -2.28 -34.08
N SER B 167 -5.47 -1.32 -34.85
CA SER B 167 -6.28 -0.75 -35.93
C SER B 167 -6.50 -1.77 -37.03
N ILE B 168 -5.46 -2.51 -37.42
CA ILE B 168 -5.59 -3.53 -38.45
C ILE B 168 -5.93 -4.90 -37.89
N GLU B 169 -6.00 -5.05 -36.57
CA GLU B 169 -6.39 -6.32 -35.99
C GLU B 169 -7.84 -6.64 -36.34
N ASN B 170 -8.08 -7.90 -36.71
CA ASN B 170 -9.41 -8.32 -37.12
C ASN B 170 -10.39 -8.30 -35.95
N GLU C 23 -3.11 -21.11 -28.51
CA GLU C 23 -2.08 -22.10 -28.19
C GLU C 23 -2.27 -22.66 -26.80
N ASN C 24 -1.50 -23.69 -26.45
CA ASN C 24 -1.64 -24.33 -25.15
C ASN C 24 -0.93 -23.49 -24.10
N LEU C 25 -0.78 -24.05 -22.89
CA LEU C 25 -0.23 -23.26 -21.78
C LEU C 25 1.24 -22.94 -21.97
N MET C 26 2.01 -23.84 -22.59
CA MET C 26 3.45 -23.61 -22.74
C MET C 26 3.72 -22.39 -23.61
N GLN C 27 3.10 -22.32 -24.78
CA GLN C 27 3.33 -21.18 -25.68
C GLN C 27 2.81 -19.89 -25.06
N VAL C 28 1.67 -19.96 -24.37
CA VAL C 28 1.12 -18.77 -23.73
C VAL C 28 2.09 -18.24 -22.69
N TYR C 29 2.63 -19.14 -21.86
CA TYR C 29 3.59 -18.71 -20.85
C TYR C 29 4.86 -18.16 -21.48
N GLN C 30 5.36 -18.80 -22.54
CA GLN C 30 6.58 -18.32 -23.18
C GLN C 30 6.38 -16.92 -23.74
N GLN C 31 5.26 -16.67 -24.40
CA GLN C 31 4.98 -15.34 -24.92
C GLN C 31 4.80 -14.34 -23.78
N ALA C 32 4.18 -14.76 -22.68
CA ALA C 32 4.01 -13.86 -21.54
C ALA C 32 5.35 -13.49 -20.93
N ARG C 33 6.26 -14.45 -20.80
CA ARG C 33 7.56 -14.18 -20.22
C ARG C 33 8.40 -13.31 -21.14
N LEU C 34 8.25 -13.49 -22.45
CA LEU C 34 9.08 -12.74 -23.38
C LEU C 34 8.65 -11.29 -23.53
N SER C 35 7.42 -10.95 -23.17
CA SER C 35 6.89 -9.62 -23.45
C SER C 35 6.08 -9.09 -22.26
N ASN C 36 6.59 -9.25 -21.05
CA ASN C 36 5.89 -8.72 -19.89
C ASN C 36 6.57 -7.45 -19.40
N PRO C 37 5.83 -6.36 -19.19
CA PRO C 37 6.48 -5.13 -18.73
C PRO C 37 6.90 -5.16 -17.27
N GLU C 38 6.07 -5.73 -16.38
CA GLU C 38 6.41 -5.69 -14.96
C GLU C 38 7.62 -6.56 -14.64
N LEU C 39 7.76 -7.70 -15.29
CA LEU C 39 8.96 -8.51 -15.11
C LEU C 39 10.20 -7.77 -15.59
N ARG C 40 10.09 -7.09 -16.73
CA ARG C 40 11.19 -6.27 -17.22
C ARG C 40 11.56 -5.20 -16.21
N LYS C 41 10.57 -4.55 -15.61
CA LYS C 41 10.84 -3.51 -14.62
C LYS C 41 11.54 -4.08 -13.40
N SER C 42 11.08 -5.24 -12.90
CA SER C 42 11.72 -5.84 -11.75
C SER C 42 13.16 -6.23 -12.06
N ALA C 43 13.40 -6.78 -13.25
CA ALA C 43 14.76 -7.14 -13.64
C ALA C 43 15.65 -5.92 -13.77
N ALA C 44 15.12 -4.82 -14.32
CA ALA C 44 15.89 -3.59 -14.41
C ALA C 44 16.23 -3.05 -13.03
N ASP C 45 15.27 -3.11 -12.10
CA ASP C 45 15.54 -2.67 -10.74
C ASP C 45 16.63 -3.51 -10.09
N ARG C 46 16.58 -4.83 -10.29
CA ARG C 46 17.62 -5.70 -9.75
C ARG C 46 18.98 -5.37 -10.34
N ASP C 47 19.03 -5.10 -11.64
CA ASP C 47 20.29 -4.76 -12.29
C ASP C 47 20.84 -3.43 -11.76
N ALA C 48 19.96 -2.45 -11.53
CA ALA C 48 20.41 -1.19 -10.94
C ALA C 48 20.96 -1.39 -9.53
N ALA C 49 20.28 -2.21 -8.74
CA ALA C 49 20.79 -2.50 -7.39
C ALA C 49 22.14 -3.19 -7.46
N PHE C 50 22.34 -4.06 -8.46
CA PHE C 50 23.64 -4.71 -8.63
C PHE C 50 24.71 -3.70 -9.02
N GLU C 51 24.38 -2.77 -9.91
CA GLU C 51 25.35 -1.76 -10.34
C GLU C 51 25.65 -0.75 -9.24
N LYS C 52 24.80 -0.66 -8.22
CA LYS C 52 25.10 0.22 -7.10
C LYS C 52 26.40 -0.15 -6.38
N ILE C 53 26.89 -1.38 -6.59
CA ILE C 53 28.13 -1.80 -5.94
C ILE C 53 29.29 -0.92 -6.36
N ASN C 54 29.35 -0.54 -7.64
CA ASN C 54 30.45 0.30 -8.10
C ASN C 54 30.41 1.68 -7.46
N GLU C 55 29.22 2.27 -7.31
CA GLU C 55 29.12 3.54 -6.61
C GLU C 55 29.53 3.40 -5.17
N ALA C 56 29.13 2.30 -4.52
CA ALA C 56 29.54 2.09 -3.13
C ALA C 56 31.05 1.91 -3.01
N ARG C 57 31.68 1.32 -4.02
CA ARG C 57 33.12 1.07 -3.99
C ARG C 57 33.95 2.27 -4.45
N SER C 58 33.33 3.25 -5.10
CA SER C 58 34.07 4.40 -5.62
C SER C 58 34.88 5.16 -4.58
N PRO C 59 34.36 5.50 -3.39
CA PRO C 59 35.15 6.38 -2.50
C PRO C 59 36.41 5.73 -1.96
N LEU C 60 36.52 4.41 -1.99
CA LEU C 60 37.76 3.76 -1.55
C LEU C 60 38.88 3.96 -2.55
N LEU C 61 38.55 4.06 -3.84
CA LEU C 61 39.54 4.24 -4.89
C LEU C 61 40.10 5.67 -4.85
N PRO C 62 41.25 5.90 -5.48
CA PRO C 62 41.83 7.25 -5.45
C PRO C 62 40.90 8.30 -6.03
N GLN C 63 40.90 9.47 -5.42
CA GLN C 63 40.10 10.60 -5.88
C GLN C 63 41.05 11.71 -6.35
N LEU C 64 41.03 11.99 -7.65
CA LEU C 64 41.97 12.91 -8.26
C LEU C 64 41.20 14.07 -8.88
N GLY C 65 41.74 15.28 -8.73
CA GLY C 65 41.06 16.45 -9.24
C GLY C 65 42.02 17.56 -9.59
N LEU C 66 41.48 18.58 -10.27
CA LEU C 66 42.23 19.75 -10.70
C LEU C 66 41.45 21.00 -10.34
N GLY C 67 42.17 22.07 -10.04
CA GLY C 67 41.53 23.32 -9.71
C GLY C 67 42.41 24.54 -9.88
N ALA C 68 41.91 25.56 -10.58
CA ALA C 68 42.66 26.79 -10.81
C ALA C 68 41.80 27.99 -10.41
N ASP C 69 42.45 29.05 -9.95
CA ASP C 69 41.73 30.22 -9.48
C ASP C 69 42.55 31.47 -9.72
N TYR C 70 41.87 32.61 -9.64
CA TYR C 70 42.45 33.92 -9.90
C TYR C 70 41.82 34.90 -8.91
N THR C 71 42.63 35.40 -7.98
CA THR C 71 42.14 36.27 -6.90
C THR C 71 42.78 37.64 -7.01
N TYR C 72 41.95 38.67 -7.04
CA TYR C 72 42.41 40.06 -7.06
C TYR C 72 42.06 40.71 -5.74
N SER C 73 43.05 41.34 -5.11
CA SER C 73 42.90 41.94 -3.79
C SER C 73 43.21 43.43 -3.87
N ASN C 74 42.30 44.25 -3.36
CA ASN C 74 42.51 45.69 -3.24
C ASN C 74 42.61 46.07 -1.76
N GLY C 75 43.56 46.93 -1.44
CA GLY C 75 43.81 47.28 -0.06
C GLY C 75 42.79 48.26 0.50
N TYR C 76 42.76 48.35 1.82
CA TYR C 76 41.81 49.18 2.53
C TYR C 76 42.33 49.39 3.95
N ARG C 77 41.87 50.47 4.57
CA ARG C 77 42.27 50.85 5.95
C ARG C 77 43.79 51.05 5.94
N ASP C 78 44.55 50.40 6.83
CA ASP C 78 46.00 50.56 6.84
C ASP C 78 46.66 49.95 5.62
N ALA C 79 45.96 49.12 4.86
CA ALA C 79 46.47 48.55 3.63
C ALA C 79 46.21 49.44 2.42
N ASN C 80 46.06 50.74 2.65
CA ASN C 80 45.80 51.68 1.55
C ASN C 80 46.94 51.66 0.55
N GLY C 81 46.59 51.71 -0.73
CA GLY C 81 47.59 51.65 -1.78
C GLY C 81 48.30 50.32 -1.89
N ILE C 82 47.57 49.22 -1.75
CA ILE C 82 48.13 47.88 -1.91
C ILE C 82 47.18 47.09 -2.79
N ASN C 83 47.68 46.60 -3.92
CA ASN C 83 46.92 45.77 -4.83
C ASN C 83 47.71 44.51 -5.15
N SER C 84 47.04 43.37 -5.14
CA SER C 84 47.68 42.09 -5.38
C SER C 84 46.87 41.28 -6.37
N ASN C 85 47.56 40.49 -7.18
CA ASN C 85 46.92 39.64 -8.18
C ASN C 85 47.56 38.27 -8.11
N ALA C 86 46.76 37.23 -7.84
CA ALA C 86 47.28 35.90 -7.61
C ALA C 86 46.62 34.92 -8.57
N THR C 87 47.43 34.21 -9.35
CA THR C 87 46.96 33.15 -10.24
C THR C 87 47.49 31.82 -9.73
N SER C 88 46.59 30.90 -9.40
CA SER C 88 46.97 29.64 -8.79
C SER C 88 46.39 28.48 -9.59
N ALA C 89 47.16 27.40 -9.65
CA ALA C 89 46.70 26.13 -10.21
C ALA C 89 47.13 25.00 -9.29
N SER C 90 46.35 23.94 -9.27
CA SER C 90 46.61 22.84 -8.34
C SER C 90 46.05 21.54 -8.90
N LEU C 91 46.76 20.46 -8.61
CA LEU C 91 46.36 19.10 -8.99
C LEU C 91 46.44 18.24 -7.75
N GLN C 92 45.30 17.74 -7.28
CA GLN C 92 45.19 17.09 -5.98
C GLN C 92 44.82 15.62 -6.14
N LEU C 93 45.27 14.81 -5.18
CA LEU C 93 44.96 13.38 -5.12
C LEU C 93 44.75 13.00 -3.67
N THR C 94 43.69 12.25 -3.39
CA THR C 94 43.35 11.85 -2.04
C THR C 94 43.03 10.36 -2.00
N GLN C 95 43.47 9.69 -0.95
CA GLN C 95 43.22 8.28 -0.72
C GLN C 95 42.87 8.06 0.74
N SER C 96 41.99 7.10 1.00
CA SER C 96 41.58 6.76 2.37
C SER C 96 42.35 5.52 2.79
N ILE C 97 43.37 5.70 3.64
CA ILE C 97 44.23 4.59 3.99
C ILE C 97 43.50 3.58 4.88
N PHE C 98 42.76 4.08 5.87
CA PHE C 98 42.05 3.19 6.79
C PHE C 98 40.75 3.87 7.18
N ASP C 99 39.62 3.29 6.75
CA ASP C 99 38.31 3.82 7.10
C ASP C 99 37.31 2.66 6.97
N MET C 100 36.91 2.10 8.11
CA MET C 100 36.03 0.93 8.09
C MET C 100 34.62 1.27 7.63
N SER C 101 34.23 2.55 7.70
CA SER C 101 32.88 2.92 7.31
C SER C 101 32.63 2.62 5.83
N LYS C 102 33.63 2.85 4.98
CA LYS C 102 33.47 2.58 3.56
C LYS C 102 33.28 1.09 3.30
N TRP C 103 34.07 0.25 3.96
CA TRP C 103 33.91 -1.20 3.78
C TRP C 103 32.56 -1.67 4.27
N ARG C 104 32.09 -1.12 5.40
CA ARG C 104 30.79 -1.50 5.90
C ARG C 104 29.67 -1.07 4.95
N ALA C 105 29.80 0.12 4.36
CA ALA C 105 28.83 0.56 3.35
C ALA C 105 28.85 -0.37 2.14
N LEU C 106 30.04 -0.81 1.74
CA LEU C 106 30.14 -1.75 0.63
C LEU C 106 29.42 -3.06 0.94
N THR C 107 29.60 -3.59 2.15
CA THR C 107 28.91 -4.83 2.51
C THR C 107 27.40 -4.61 2.57
N LEU C 108 26.96 -3.44 3.05
CA LEU C 108 25.54 -3.14 3.06
C LEU C 108 24.97 -3.14 1.64
N GLN C 109 25.70 -2.53 0.70
CA GLN C 109 25.26 -2.54 -0.68
C GLN C 109 25.21 -3.96 -1.25
N GLU C 110 26.18 -4.79 -0.88
CA GLU C 110 26.16 -6.19 -1.30
C GLU C 110 24.90 -6.89 -0.82
N LYS C 111 24.56 -6.72 0.46
CA LYS C 111 23.36 -7.37 0.99
C LYS C 111 22.10 -6.84 0.33
N ALA C 112 22.05 -5.54 0.04
CA ALA C 112 20.90 -4.98 -0.66
C ALA C 112 20.75 -5.61 -2.04
N ALA C 113 21.86 -5.78 -2.76
CA ALA C 113 21.80 -6.45 -4.06
C ALA C 113 21.29 -7.87 -3.92
N GLY C 114 21.71 -8.58 -2.86
CA GLY C 114 21.22 -9.93 -2.64
C GLY C 114 19.72 -9.99 -2.44
N ILE C 115 19.19 -9.11 -1.58
CA ILE C 115 17.75 -9.13 -1.34
C ILE C 115 17.00 -8.71 -2.61
N GLN C 116 17.57 -7.84 -3.44
CA GLN C 116 16.92 -7.50 -4.69
C GLN C 116 16.88 -8.69 -5.65
N ASP C 117 17.95 -9.49 -5.68
CA ASP C 117 17.92 -10.70 -6.50
C ASP C 117 16.83 -11.64 -6.01
N VAL C 118 16.69 -11.78 -4.69
CA VAL C 118 15.66 -12.68 -4.15
C VAL C 118 14.27 -12.18 -4.54
N THR C 119 14.03 -10.88 -4.42
CA THR C 119 12.69 -10.39 -4.77
C THR C 119 12.43 -10.50 -6.27
N TYR C 120 13.48 -10.42 -7.10
CA TYR C 120 13.30 -10.70 -8.52
C TYR C 120 12.85 -12.14 -8.75
N GLN C 121 13.46 -13.10 -8.04
CA GLN C 121 13.03 -14.48 -8.18
C GLN C 121 11.57 -14.65 -7.77
N THR C 122 11.18 -14.01 -6.66
CA THR C 122 9.79 -14.05 -6.24
C THR C 122 8.87 -13.47 -7.31
N ASP C 123 9.30 -12.41 -7.99
CA ASP C 123 8.51 -11.83 -9.06
C ASP C 123 8.33 -12.81 -10.22
N GLN C 124 9.39 -13.56 -10.55
CA GLN C 124 9.26 -14.59 -11.58
C GLN C 124 8.21 -15.62 -11.21
N GLN C 125 8.25 -16.09 -9.96
CA GLN C 125 7.25 -17.06 -9.51
C GLN C 125 5.85 -16.49 -9.62
N THR C 126 5.68 -15.23 -9.21
CA THR C 126 4.37 -14.59 -9.28
C THR C 126 3.87 -14.50 -10.71
N LEU C 127 4.77 -14.18 -11.65
CA LEU C 127 4.36 -14.11 -13.06
C LEU C 127 3.84 -15.47 -13.53
N ILE C 128 4.57 -16.55 -13.22
CA ILE C 128 4.15 -17.86 -13.68
C ILE C 128 2.77 -18.19 -13.11
N LEU C 129 2.58 -17.96 -11.81
CA LEU C 129 1.30 -18.27 -11.20
C LEU C 129 0.18 -17.44 -11.82
N ASN C 130 0.43 -16.15 -12.06
CA ASN C 130 -0.60 -15.28 -12.60
C ASN C 130 -1.01 -15.69 -14.01
N THR C 131 -0.04 -15.99 -14.87
CA THR C 131 -0.40 -16.37 -16.23
C THR C 131 -1.17 -17.69 -16.25
N ALA C 132 -0.76 -18.66 -15.41
CA ALA C 132 -1.53 -19.90 -15.35
C ALA C 132 -2.95 -19.64 -14.87
N THR C 133 -3.12 -18.80 -13.85
CA THR C 133 -4.45 -18.52 -13.31
C THR C 133 -5.34 -17.88 -14.37
N ALA C 134 -4.82 -16.89 -15.11
CA ALA C 134 -5.63 -16.25 -16.14
C ALA C 134 -5.99 -17.22 -17.26
N TYR C 135 -5.02 -18.03 -17.69
CA TYR C 135 -5.29 -18.97 -18.78
C TYR C 135 -6.37 -19.96 -18.38
N PHE C 136 -6.34 -20.44 -17.14
CA PHE C 136 -7.39 -21.38 -16.73
C PHE C 136 -8.71 -20.68 -16.46
N ASN C 137 -8.68 -19.40 -16.06
CA ASN C 137 -9.92 -18.65 -15.88
C ASN C 137 -10.67 -18.52 -17.20
N VAL C 138 -9.93 -18.33 -18.30
CA VAL C 138 -10.59 -18.24 -19.60
C VAL C 138 -11.35 -19.52 -19.91
N LEU C 139 -10.70 -20.68 -19.68
CA LEU C 139 -11.35 -21.96 -19.95
C LEU C 139 -12.55 -22.17 -19.03
N ASN C 140 -12.44 -21.78 -17.77
CA ASN C 140 -13.57 -21.92 -16.85
C ASN C 140 -14.75 -21.08 -17.32
N ALA C 141 -14.48 -19.85 -17.79
CA ALA C 141 -15.55 -19.01 -18.31
C ALA C 141 -16.20 -19.64 -19.55
N ILE C 142 -15.38 -20.22 -20.43
CA ILE C 142 -15.94 -20.87 -21.62
C ILE C 142 -16.86 -22.01 -21.21
N ASP C 143 -16.43 -22.83 -20.24
CA ASP C 143 -17.24 -23.95 -19.80
C ASP C 143 -18.54 -23.47 -19.18
N VAL C 144 -18.49 -22.41 -18.37
CA VAL C 144 -19.69 -21.88 -17.74
C VAL C 144 -20.67 -21.40 -18.81
N LEU C 145 -20.17 -20.67 -19.81
CA LEU C 145 -21.04 -20.17 -20.87
C LEU C 145 -21.68 -21.31 -21.65
N SER C 146 -20.90 -22.35 -21.97
CA SER C 146 -21.45 -23.47 -22.72
C SER C 146 -22.52 -24.19 -21.92
N TYR C 147 -22.30 -24.38 -20.62
CA TYR C 147 -23.30 -25.04 -19.79
C TYR C 147 -24.58 -24.23 -19.71
N THR C 148 -24.46 -22.91 -19.56
CA THR C 148 -25.66 -22.07 -19.51
C THR C 148 -26.41 -22.10 -20.84
N GLN C 149 -25.68 -22.10 -21.95
CA GLN C 149 -26.33 -22.19 -23.26
C GLN C 149 -27.07 -23.51 -23.42
N ALA C 150 -26.46 -24.61 -22.95
CA ALA C 150 -27.14 -25.91 -23.01
C ALA C 150 -28.40 -25.90 -22.16
N GLN C 151 -28.35 -25.28 -20.98
CA GLN C 151 -29.55 -25.16 -20.15
C GLN C 151 -30.64 -24.39 -20.89
N LYS C 152 -30.25 -23.30 -21.55
CA LYS C 152 -31.23 -22.52 -22.32
C LYS C 152 -31.85 -23.36 -23.42
N GLU C 153 -31.04 -24.16 -24.10
CA GLU C 153 -31.57 -25.02 -25.16
C GLU C 153 -32.56 -26.03 -24.61
N ALA C 154 -32.24 -26.65 -23.47
CA ALA C 154 -33.15 -27.62 -22.87
C ALA C 154 -34.47 -26.97 -22.46
N ILE C 155 -34.40 -25.78 -21.84
CA ILE C 155 -35.61 -25.10 -21.41
C ILE C 155 -36.43 -24.66 -22.62
N TYR C 156 -35.76 -24.26 -23.70
CA TYR C 156 -36.48 -23.90 -24.93
C TYR C 156 -37.20 -25.12 -25.50
N ARG C 157 -36.55 -26.28 -25.49
CA ARG C 157 -37.22 -27.50 -25.96
C ARG C 157 -38.45 -27.81 -25.11
N GLN C 158 -38.32 -27.68 -23.79
CA GLN C 158 -39.47 -27.91 -22.91
C GLN C 158 -40.59 -26.92 -23.20
N LEU C 159 -40.23 -25.64 -23.39
CA LEU C 159 -41.20 -24.62 -23.76
C LEU C 159 -41.94 -24.99 -25.04
N ASP C 160 -41.21 -25.40 -26.07
CA ASP C 160 -41.84 -25.71 -27.34
C ASP C 160 -42.77 -26.90 -27.20
N GLN C 161 -42.34 -27.94 -26.48
CA GLN C 161 -43.20 -29.11 -26.30
C GLN C 161 -44.48 -28.75 -25.55
N THR C 162 -44.35 -28.00 -24.45
CA THR C 162 -45.54 -27.64 -23.68
C THR C 162 -46.47 -26.73 -24.48
N THR C 163 -45.90 -25.77 -25.23
CA THR C 163 -46.73 -24.87 -26.02
C THR C 163 -47.47 -25.63 -27.12
N GLN C 164 -46.81 -26.57 -27.77
CA GLN C 164 -47.49 -27.34 -28.81
C GLN C 164 -48.57 -28.25 -28.22
N ARG C 165 -48.31 -28.81 -27.03
CA ARG C 165 -49.34 -29.61 -26.38
C ARG C 165 -50.54 -28.76 -26.00
N PHE C 166 -50.31 -27.54 -25.54
CA PHE C 166 -51.44 -26.65 -25.24
C PHE C 166 -52.16 -26.20 -26.50
N ASN C 167 -51.44 -25.99 -27.59
CA ASN C 167 -52.07 -25.64 -28.85
C ASN C 167 -53.00 -26.75 -29.32
N VAL C 168 -52.54 -28.01 -29.23
CA VAL C 168 -53.46 -29.12 -29.41
C VAL C 168 -54.52 -29.11 -28.32
N GLY C 169 -54.10 -28.87 -27.08
CA GLY C 169 -54.99 -28.69 -25.96
C GLY C 169 -55.05 -29.90 -25.05
N LEU C 170 -54.24 -29.90 -23.99
CA LEU C 170 -54.31 -30.91 -22.95
C LEU C 170 -54.19 -30.36 -21.54
N VAL C 171 -53.59 -29.18 -21.34
CA VAL C 171 -53.26 -28.67 -20.02
C VAL C 171 -53.43 -27.15 -20.05
N ALA C 172 -53.57 -26.55 -18.88
CA ALA C 172 -53.81 -25.12 -18.75
C ALA C 172 -52.55 -24.33 -19.07
N ILE C 173 -52.63 -23.01 -18.91
CA ILE C 173 -51.55 -22.10 -19.30
C ILE C 173 -50.49 -21.93 -18.22
N THR C 174 -50.71 -22.49 -17.03
CA THR C 174 -49.78 -22.28 -15.93
C THR C 174 -48.40 -22.83 -16.23
N ASP C 175 -48.33 -24.02 -16.83
CA ASP C 175 -47.04 -24.60 -17.19
C ASP C 175 -46.32 -23.74 -18.20
N VAL C 176 -47.05 -23.22 -19.19
CA VAL C 176 -46.43 -22.35 -20.19
C VAL C 176 -45.85 -21.10 -19.53
N GLN C 177 -46.62 -20.49 -18.64
CA GLN C 177 -46.15 -19.28 -17.96
C GLN C 177 -44.90 -19.55 -17.14
N ASN C 178 -44.92 -20.63 -16.35
CA ASN C 178 -43.78 -20.92 -15.49
C ASN C 178 -42.52 -21.23 -16.29
N ALA C 179 -42.67 -22.03 -17.34
CA ALA C 179 -41.51 -22.38 -18.16
C ALA C 179 -40.99 -21.16 -18.90
N ARG C 180 -41.88 -20.26 -19.31
CA ARG C 180 -41.41 -19.02 -19.95
C ARG C 180 -40.63 -18.15 -18.99
N ALA C 181 -41.09 -18.06 -17.73
CA ALA C 181 -40.33 -17.30 -16.73
C ALA C 181 -38.95 -17.91 -16.51
N GLN C 182 -38.88 -19.24 -16.41
CA GLN C 182 -37.58 -19.90 -16.26
C GLN C 182 -36.69 -19.62 -17.46
N TYR C 183 -37.26 -19.65 -18.67
CA TYR C 183 -36.49 -19.38 -19.88
C TYR C 183 -35.91 -17.97 -19.85
N ASP C 184 -36.71 -16.99 -19.43
CA ASP C 184 -36.22 -15.61 -19.38
C ASP C 184 -35.09 -15.46 -18.35
N THR C 185 -35.24 -16.08 -17.18
CA THR C 185 -34.18 -16.01 -16.17
C THR C 185 -32.89 -16.64 -16.70
N VAL C 186 -33.02 -17.79 -17.37
CA VAL C 186 -31.84 -18.46 -17.91
C VAL C 186 -31.19 -17.59 -18.99
N LEU C 187 -32.00 -16.88 -19.77
CA LEU C 187 -31.45 -15.97 -20.79
C LEU C 187 -30.63 -14.86 -20.14
N ALA C 188 -31.14 -14.28 -19.05
CA ALA C 188 -30.37 -13.26 -18.34
C ALA C 188 -29.04 -13.82 -17.83
N ASN C 189 -29.09 -15.02 -17.25
CA ASN C 189 -27.86 -15.65 -16.78
C ASN C 189 -26.87 -15.88 -17.92
N GLU C 190 -27.38 -16.25 -19.10
CA GLU C 190 -26.51 -16.46 -20.25
C GLU C 190 -25.83 -15.18 -20.67
N VAL C 191 -26.58 -14.06 -20.67
CA VAL C 191 -25.97 -12.77 -21.00
C VAL C 191 -24.84 -12.46 -20.02
N THR C 192 -25.09 -12.67 -18.73
CA THR C 192 -24.05 -12.41 -17.73
C THR C 192 -22.82 -13.28 -17.97
N ALA C 193 -23.03 -14.56 -18.27
CA ALA C 193 -21.89 -15.46 -18.49
C ALA C 193 -21.09 -15.06 -19.72
N ARG C 194 -21.78 -14.65 -20.80
CA ARG C 194 -21.07 -14.20 -21.99
C ARG C 194 -20.21 -12.97 -21.69
N ASN C 195 -20.75 -12.02 -20.93
CA ASN C 195 -19.96 -10.85 -20.56
C ASN C 195 -18.73 -11.26 -19.73
N ASN C 196 -18.93 -12.19 -18.79
CA ASN C 196 -17.80 -12.64 -17.96
C ASN C 196 -16.71 -13.28 -18.81
N LEU C 197 -17.10 -14.10 -19.79
CA LEU C 197 -16.10 -14.72 -20.66
C LEU C 197 -15.34 -13.68 -21.46
N ASP C 198 -16.05 -12.68 -22.00
CA ASP C 198 -15.36 -11.64 -22.76
C ASP C 198 -14.36 -10.89 -21.89
N ASN C 199 -14.77 -10.56 -20.66
CA ASN C 199 -13.85 -9.88 -19.75
C ASN C 199 -12.64 -10.74 -19.45
N ALA C 200 -12.84 -12.05 -19.26
CA ALA C 200 -11.73 -12.93 -18.93
C ALA C 200 -10.74 -13.04 -20.09
N VAL C 201 -11.23 -13.17 -21.33
CA VAL C 201 -10.32 -13.29 -22.46
C VAL C 201 -9.56 -11.99 -22.67
N GLU C 202 -10.22 -10.85 -22.46
CA GLU C 202 -9.49 -9.59 -22.56
C GLU C 202 -8.42 -9.47 -21.48
N GLN C 203 -8.71 -9.94 -20.27
CA GLN C 203 -7.71 -9.91 -19.21
C GLN C 203 -6.52 -10.80 -19.55
N LEU C 204 -6.78 -11.96 -20.16
CA LEU C 204 -5.68 -12.81 -20.59
C LEU C 204 -4.82 -12.12 -21.64
N ARG C 205 -5.46 -11.45 -22.60
CA ARG C 205 -4.69 -10.69 -23.60
C ARG C 205 -3.85 -9.61 -22.93
N GLN C 206 -4.40 -8.93 -21.93
CA GLN C 206 -3.65 -7.90 -21.24
C GLN C 206 -2.43 -8.48 -20.53
N ILE C 207 -2.59 -9.63 -19.86
CA ILE C 207 -1.46 -10.22 -19.15
C ILE C 207 -0.44 -10.81 -20.11
N THR C 208 -0.83 -11.15 -21.34
CA THR C 208 0.09 -11.75 -22.30
C THR C 208 0.61 -10.76 -23.33
N GLY C 209 -0.26 -9.90 -23.86
CA GLY C 209 0.11 -8.97 -24.91
C GLY C 209 -0.31 -9.39 -26.30
N ASN C 210 -1.04 -10.49 -26.44
CA ASN C 210 -1.48 -10.99 -27.72
C ASN C 210 -2.93 -11.43 -27.62
N TYR C 211 -3.61 -11.47 -28.75
CA TYR C 211 -5.00 -11.90 -28.82
C TYR C 211 -5.04 -13.35 -29.29
N TYR C 212 -5.58 -14.24 -28.45
CA TYR C 212 -5.57 -15.66 -28.72
C TYR C 212 -6.95 -16.11 -29.17
N PRO C 213 -7.10 -16.62 -30.39
CA PRO C 213 -8.42 -17.04 -30.87
C PRO C 213 -8.86 -18.38 -30.29
N GLU C 214 -7.91 -19.27 -30.03
CA GLU C 214 -8.24 -20.59 -29.51
C GLU C 214 -7.16 -21.05 -28.54
N LEU C 215 -7.59 -21.79 -27.51
CA LEU C 215 -6.70 -22.33 -26.51
C LEU C 215 -6.97 -23.82 -26.33
N ALA C 216 -5.96 -24.54 -25.84
CA ALA C 216 -6.12 -25.95 -25.58
C ALA C 216 -7.09 -26.18 -24.42
N ALA C 217 -8.09 -27.03 -24.64
CA ALA C 217 -9.10 -27.30 -23.62
C ALA C 217 -8.61 -28.40 -22.69
N LEU C 218 -9.49 -28.86 -21.81
CA LEU C 218 -9.19 -29.92 -20.85
C LEU C 218 -10.00 -31.16 -21.19
N ASN C 219 -9.33 -32.26 -21.46
CA ASN C 219 -10.01 -33.53 -21.73
C ASN C 219 -10.24 -34.29 -20.44
N VAL C 220 -11.39 -34.97 -20.36
CA VAL C 220 -11.75 -35.68 -19.14
C VAL C 220 -11.31 -37.14 -19.15
N GLU C 221 -10.88 -37.67 -20.29
CA GLU C 221 -10.41 -39.05 -20.34
C GLU C 221 -9.07 -39.20 -19.61
N ASN C 222 -8.13 -38.31 -19.88
CA ASN C 222 -6.78 -38.40 -19.34
C ASN C 222 -6.59 -37.63 -18.04
N PHE C 223 -7.66 -37.03 -17.49
CA PHE C 223 -7.55 -36.29 -16.25
C PHE C 223 -7.51 -37.26 -15.09
N LYS C 224 -6.31 -37.53 -14.59
CA LYS C 224 -6.10 -38.44 -13.48
C LYS C 224 -5.48 -37.66 -12.32
N THR C 225 -6.07 -37.78 -11.14
CA THR C 225 -5.61 -37.06 -9.96
C THR C 225 -4.56 -37.88 -9.22
N ASP C 226 -3.69 -37.15 -8.50
CA ASP C 226 -2.64 -37.76 -7.71
C ASP C 226 -2.61 -37.15 -6.32
N LYS C 227 -2.48 -38.01 -5.31
CA LYS C 227 -2.39 -37.53 -3.95
C LYS C 227 -1.07 -36.79 -3.72
N PRO C 228 -1.07 -35.74 -2.91
CA PRO C 228 0.15 -34.97 -2.69
C PRO C 228 1.05 -35.63 -1.65
N GLN C 229 2.25 -35.08 -1.53
CA GLN C 229 3.19 -35.56 -0.53
C GLN C 229 2.69 -35.21 0.87
N PRO C 230 3.09 -35.98 1.89
CA PRO C 230 2.66 -35.67 3.25
C PRO C 230 3.12 -34.28 3.66
N VAL C 231 2.31 -33.62 4.50
CA VAL C 231 2.57 -32.23 4.85
C VAL C 231 3.89 -32.07 5.59
N ASN C 232 4.44 -33.16 6.13
CA ASN C 232 5.73 -33.06 6.82
C ASN C 232 6.85 -32.69 5.86
N ALA C 233 7.10 -33.53 4.86
CA ALA C 233 8.15 -33.24 3.89
C ALA C 233 7.89 -31.94 3.16
N LEU C 234 6.61 -31.64 2.91
CA LEU C 234 6.26 -30.34 2.34
C LEU C 234 6.76 -29.21 3.21
N LEU C 235 6.51 -29.29 4.52
CA LEU C 235 6.98 -28.26 5.43
C LEU C 235 8.50 -28.19 5.45
N LYS C 236 9.16 -29.34 5.43
CA LYS C 236 10.62 -29.35 5.45
C LYS C 236 11.19 -28.62 4.25
N GLU C 237 10.75 -28.99 3.05
CA GLU C 237 11.26 -28.35 1.85
C GLU C 237 10.89 -26.87 1.79
N ALA C 238 9.67 -26.53 2.23
CA ALA C 238 9.25 -25.13 2.20
C ALA C 238 10.11 -24.29 3.14
N GLU C 239 10.36 -24.78 4.34
CA GLU C 239 11.22 -24.06 5.27
C GLU C 239 12.63 -23.91 4.72
N LYS C 240 13.15 -24.96 4.08
CA LYS C 240 14.53 -24.91 3.61
C LYS C 240 14.67 -23.97 2.41
N ARG C 241 13.66 -23.89 1.54
CA ARG C 241 13.83 -23.26 0.23
C ARG C 241 12.71 -22.30 -0.14
N ASN C 242 12.11 -21.61 0.83
CA ASN C 242 11.12 -20.60 0.48
C ASN C 242 11.79 -19.27 0.14
N LEU C 243 11.21 -18.55 -0.81
CA LEU C 243 11.79 -17.27 -1.23
C LEU C 243 11.54 -16.17 -0.20
N SER C 244 10.32 -16.09 0.35
CA SER C 244 10.02 -15.05 1.32
C SER C 244 10.84 -15.22 2.59
N LEU C 245 10.99 -16.46 3.06
CA LEU C 245 11.79 -16.70 4.25
C LEU C 245 13.27 -16.39 4.00
N LEU C 246 13.77 -16.71 2.81
CA LEU C 246 15.14 -16.35 2.47
C LEU C 246 15.31 -14.83 2.44
N GLN C 247 14.32 -14.12 1.91
CA GLN C 247 14.39 -12.66 1.93
C GLN C 247 14.40 -12.12 3.35
N ALA C 248 13.58 -12.71 4.23
CA ALA C 248 13.58 -12.28 5.63
C ALA C 248 14.93 -12.53 6.29
N ARG C 249 15.53 -13.69 6.02
CA ARG C 249 16.85 -13.98 6.58
C ARG C 249 17.89 -13.00 6.08
N LEU C 250 17.85 -12.67 4.79
CA LEU C 250 18.79 -11.69 4.24
C LEU C 250 18.57 -10.32 4.86
N SER C 251 17.31 -9.95 5.11
CA SER C 251 17.02 -8.67 5.75
C SER C 251 17.56 -8.62 7.17
N GLN C 252 17.42 -9.72 7.92
CA GLN C 252 17.97 -9.75 9.28
C GLN C 252 19.50 -9.65 9.24
N ASP C 253 20.14 -10.34 8.30
CA ASP C 253 21.58 -10.20 8.17
C ASP C 253 21.97 -8.78 7.80
N LEU C 254 21.17 -8.12 6.96
CA LEU C 254 21.42 -6.72 6.62
C LEU C 254 21.30 -5.84 7.85
N ALA C 255 20.32 -6.11 8.71
CA ALA C 255 20.19 -5.34 9.94
C ALA C 255 21.40 -5.56 10.85
N ARG C 256 21.90 -6.79 10.90
CA ARG C 256 23.10 -7.06 11.69
C ARG C 256 24.30 -6.29 11.15
N GLU C 257 24.46 -6.26 9.83
CA GLU C 257 25.56 -5.48 9.28
C GLU C 257 25.35 -3.98 9.48
N GLN C 258 24.09 -3.53 9.50
CA GLN C 258 23.78 -2.13 9.77
C GLN C 258 24.19 -1.74 11.18
N ILE C 259 23.87 -2.58 12.18
CA ILE C 259 24.30 -2.26 13.54
C ILE C 259 25.82 -2.34 13.64
N ARG C 260 26.45 -3.27 12.91
CA ARG C 260 27.91 -3.30 12.90
C ARG C 260 28.49 -2.01 12.36
N GLN C 261 27.92 -1.47 11.29
CA GLN C 261 28.34 -0.19 10.72
C GLN C 261 27.91 0.99 11.57
N ALA C 262 26.98 0.81 12.50
CA ALA C 262 26.30 1.94 13.12
C ALA C 262 27.26 2.85 13.87
N GLN C 263 28.24 2.27 14.59
CA GLN C 263 29.08 3.11 15.42
C GLN C 263 29.96 4.03 14.60
N ASP C 264 30.94 3.48 13.86
CA ASP C 264 31.82 4.20 12.94
C ASP C 264 32.32 5.53 13.53
N GLY C 265 32.40 5.61 14.85
CA GLY C 265 32.77 6.85 15.50
C GLY C 265 33.94 6.65 16.44
N HIS C 266 34.11 5.42 16.91
CA HIS C 266 35.21 5.08 17.79
C HIS C 266 36.47 4.69 17.04
N LEU C 267 36.40 4.60 15.71
CA LEU C 267 37.53 4.18 14.90
C LEU C 267 38.19 5.39 14.29
N PRO C 268 39.46 5.67 14.59
CA PRO C 268 40.14 6.79 13.96
C PRO C 268 40.30 6.58 12.46
N THR C 269 40.26 7.68 11.72
CA THR C 269 40.38 7.65 10.26
C THR C 269 41.74 8.18 9.83
N LEU C 270 42.23 7.67 8.70
CA LEU C 270 43.55 8.00 8.19
C LEU C 270 43.46 8.27 6.69
N ASP C 271 44.01 9.40 6.26
CA ASP C 271 43.96 9.80 4.86
C ASP C 271 45.37 10.16 4.37
N LEU C 272 45.58 9.99 3.07
CA LEU C 272 46.82 10.37 2.41
C LEU C 272 46.51 11.34 1.29
N THR C 273 47.23 12.46 1.25
CA THR C 273 46.98 13.50 0.26
C THR C 273 48.26 13.86 -0.46
N ALA C 274 48.14 14.18 -1.75
CA ALA C 274 49.23 14.70 -2.56
C ALA C 274 48.70 15.84 -3.40
N SER C 275 49.58 16.80 -3.72
CA SER C 275 49.11 18.00 -4.43
C SER C 275 50.28 18.72 -5.07
N THR C 276 50.17 18.96 -6.38
CA THR C 276 51.14 19.75 -7.12
C THR C 276 50.53 21.10 -7.45
N GLY C 277 51.13 22.17 -6.96
CA GLY C 277 50.54 23.49 -7.07
C GLY C 277 51.53 24.52 -7.55
N ILE C 278 51.01 25.49 -8.30
CA ILE C 278 51.76 26.63 -8.81
C ILE C 278 51.01 27.90 -8.44
N SER C 279 51.75 28.94 -8.06
CA SER C 279 51.13 30.21 -7.70
C SER C 279 52.01 31.35 -8.19
N ASP C 280 51.39 32.31 -8.87
CA ASP C 280 52.07 33.51 -9.37
C ASP C 280 51.39 34.73 -8.79
N THR C 281 52.11 35.48 -7.95
CA THR C 281 51.57 36.65 -7.27
C THR C 281 52.31 37.89 -7.75
N SER C 282 51.55 38.92 -8.10
CA SER C 282 52.11 40.19 -8.54
C SER C 282 51.52 41.31 -7.71
N TYR C 283 52.37 42.26 -7.31
CA TYR C 283 51.95 43.39 -6.50
C TYR C 283 52.03 44.67 -7.32
N SER C 284 51.10 45.59 -7.04
CA SER C 284 51.08 46.88 -7.70
C SER C 284 50.30 47.85 -6.84
N GLY C 285 50.61 49.12 -6.99
CA GLY C 285 49.91 50.16 -6.26
C GLY C 285 50.78 51.37 -6.04
N SER C 286 50.16 52.43 -5.54
CA SER C 286 50.88 53.68 -5.30
C SER C 286 51.93 53.50 -4.21
N LYS C 287 51.60 52.78 -3.14
CA LYS C 287 52.53 52.55 -2.05
C LYS C 287 53.50 51.40 -2.33
N THR C 288 53.25 50.61 -3.38
CA THR C 288 54.09 49.48 -3.71
C THR C 288 55.35 49.87 -4.48
N ARG C 289 55.47 51.14 -4.89
CA ARG C 289 56.65 51.62 -5.61
C ARG C 289 57.69 52.24 -4.69
N GLY C 290 57.77 51.79 -3.44
CA GLY C 290 58.71 52.33 -2.49
C GLY C 290 60.11 51.79 -2.69
N ALA C 291 60.98 52.15 -1.75
CA ALA C 291 62.39 51.77 -1.80
C ALA C 291 62.67 50.39 -1.24
N ALA C 292 61.66 49.70 -0.69
CA ALA C 292 61.87 48.37 -0.15
C ALA C 292 62.32 47.40 -1.23
N GLY C 293 61.46 47.15 -2.22
CA GLY C 293 61.83 46.32 -3.35
C GLY C 293 62.18 44.90 -3.01
N THR C 294 61.76 44.41 -1.84
CA THR C 294 62.09 43.07 -1.40
C THR C 294 60.86 42.18 -1.29
N GLN C 295 59.86 42.59 -0.52
CA GLN C 295 58.66 41.80 -0.29
C GLN C 295 57.51 42.19 -1.20
N TYR C 296 57.71 43.15 -2.11
CA TYR C 296 56.66 43.64 -2.98
C TYR C 296 56.97 43.35 -4.44
N ASP C 297 57.54 42.19 -4.72
CA ASP C 297 57.89 41.79 -6.08
C ASP C 297 57.16 40.50 -6.43
N ASP C 298 57.12 40.21 -7.73
CA ASP C 298 56.40 39.04 -8.22
C ASP C 298 57.03 37.76 -7.70
N SER C 299 56.19 36.85 -7.19
CA SER C 299 56.63 35.59 -6.63
C SER C 299 56.00 34.45 -7.39
N ASN C 300 56.83 33.51 -7.84
CA ASN C 300 56.37 32.33 -8.58
C ASN C 300 56.77 31.09 -7.80
N MET C 301 55.83 30.56 -7.01
CA MET C 301 56.10 29.44 -6.12
C MET C 301 55.49 28.16 -6.68
N GLY C 302 56.32 27.12 -6.78
CA GLY C 302 55.84 25.79 -7.12
C GLY C 302 56.10 24.85 -5.96
N GLN C 303 55.11 24.03 -5.63
CA GLN C 303 55.20 23.16 -4.46
C GLN C 303 54.46 21.87 -4.72
N ASN C 304 55.13 20.74 -4.54
CA ASN C 304 54.49 19.43 -4.56
C ASN C 304 54.56 18.83 -3.16
N LYS C 305 53.41 18.47 -2.62
CA LYS C 305 53.23 18.11 -1.23
C LYS C 305 52.68 16.69 -1.13
N VAL C 306 53.20 15.93 -0.18
CA VAL C 306 52.62 14.65 0.23
C VAL C 306 52.47 14.67 1.74
N GLY C 307 51.34 14.17 2.23
CA GLY C 307 51.08 14.24 3.65
C GLY C 307 50.03 13.24 4.09
N LEU C 308 49.97 13.03 5.41
CA LEU C 308 49.02 12.13 6.03
C LEU C 308 48.20 12.89 7.05
N SER C 309 46.93 12.52 7.18
CA SER C 309 46.00 13.14 8.10
C SER C 309 45.37 12.07 8.98
N PHE C 310 45.36 12.31 10.29
CA PHE C 310 44.83 11.37 11.27
C PHE C 310 43.74 12.07 12.07
N SER C 311 42.55 11.46 12.13
CA SER C 311 41.44 12.03 12.87
C SER C 311 40.89 10.99 13.84
N LEU C 312 40.36 11.45 14.97
CA LEU C 312 39.79 10.53 15.94
C LEU C 312 38.72 11.24 16.76
N PRO C 313 37.45 10.96 16.53
CA PRO C 313 36.42 11.44 17.45
C PRO C 313 36.61 10.83 18.83
N ILE C 314 36.38 11.63 19.87
CA ILE C 314 36.55 11.20 21.25
C ILE C 314 35.27 11.38 22.06
N TYR C 315 34.60 12.52 21.92
CA TYR C 315 33.31 12.78 22.55
C TYR C 315 32.42 13.43 21.51
N GLN C 316 31.52 12.64 20.93
CA GLN C 316 30.64 13.11 19.87
C GLN C 316 29.33 13.66 20.41
N GLY C 317 29.19 13.79 21.72
CA GLY C 317 27.94 14.24 22.30
C GLY C 317 26.89 13.16 22.46
N GLY C 318 27.29 11.89 22.39
CA GLY C 318 26.34 10.81 22.50
C GLY C 318 25.65 10.41 21.21
N MET C 319 26.05 10.99 20.08
CA MET C 319 25.43 10.65 18.81
C MET C 319 25.69 9.20 18.43
N VAL C 320 26.92 8.73 18.61
CA VAL C 320 27.26 7.37 18.19
C VAL C 320 26.55 6.35 19.06
N ASN C 321 26.46 6.61 20.37
CA ASN C 321 25.76 5.67 21.26
C ASN C 321 24.29 5.57 20.89
N SER C 322 23.65 6.71 20.62
CA SER C 322 22.24 6.69 20.23
C SER C 322 22.06 5.98 18.90
N GLN C 323 22.97 6.19 17.95
CA GLN C 323 22.88 5.50 16.67
C GLN C 323 23.01 3.99 16.84
N VAL C 324 23.94 3.56 17.69
CA VAL C 324 24.11 2.14 17.93
C VAL C 324 22.86 1.54 18.56
N LYS C 325 22.27 2.23 19.54
CA LYS C 325 21.07 1.71 20.16
C LYS C 325 19.89 1.65 19.18
N GLN C 326 19.76 2.68 18.33
CA GLN C 326 18.72 2.64 17.31
C GLN C 326 18.92 1.46 16.36
N ALA C 327 20.17 1.19 15.97
CA ALA C 327 20.43 0.05 15.12
C ALA C 327 20.11 -1.26 15.83
N GLN C 328 20.35 -1.33 17.14
CA GLN C 328 19.97 -2.52 17.90
C GLN C 328 18.46 -2.74 17.84
N TYR C 329 17.70 -1.67 18.05
CA TYR C 329 16.24 -1.79 17.96
C TYR C 329 15.81 -2.21 16.56
N ASN C 330 16.45 -1.65 15.54
CA ASN C 330 16.11 -2.02 14.17
C ASN C 330 16.42 -3.49 13.90
N PHE C 331 17.52 -4.00 14.43
CA PHE C 331 17.86 -5.41 14.27
C PHE C 331 16.84 -6.30 14.97
N VAL C 332 16.39 -5.90 16.16
CA VAL C 332 15.33 -6.64 16.85
C VAL C 332 14.06 -6.67 16.00
N GLY C 333 13.69 -5.52 15.43
CA GLY C 333 12.52 -5.46 14.59
C GLY C 333 12.65 -6.35 13.35
N ALA C 334 13.83 -6.36 12.74
CA ALA C 334 14.04 -7.21 11.56
C ALA C 334 13.94 -8.68 11.92
N SER C 335 14.50 -9.08 13.07
CA SER C 335 14.37 -10.47 13.50
C SER C 335 12.91 -10.84 13.73
N GLU C 336 12.14 -9.93 14.33
CA GLU C 336 10.73 -10.20 14.54
C GLU C 336 9.98 -10.31 13.22
N GLN C 337 10.33 -9.47 12.24
CA GLN C 337 9.71 -9.57 10.92
C GLN C 337 10.04 -10.91 10.28
N LEU C 338 11.28 -11.40 10.47
CA LEU C 338 11.63 -12.72 9.97
C LEU C 338 10.77 -13.80 10.61
N GLU C 339 10.55 -13.71 11.92
CA GLU C 339 9.72 -14.72 12.58
C GLU C 339 8.29 -14.67 12.06
N SER C 340 7.77 -13.46 11.84
CA SER C 340 6.44 -13.34 11.25
C SER C 340 6.38 -13.96 9.86
N ALA C 341 7.44 -13.76 9.07
CA ALA C 341 7.49 -14.36 7.73
C ALA C 341 7.49 -15.88 7.82
N HIS C 342 8.22 -16.44 8.77
CA HIS C 342 8.23 -17.90 8.94
C HIS C 342 6.84 -18.42 9.31
N ARG C 343 6.16 -17.73 10.23
CA ARG C 343 4.81 -18.15 10.58
C ARG C 343 3.87 -18.07 9.38
N SER C 344 4.01 -17.01 8.57
CA SER C 344 3.19 -16.89 7.38
C SER C 344 3.48 -18.01 6.39
N VAL C 345 4.74 -18.41 6.27
CA VAL C 345 5.09 -19.53 5.39
C VAL C 345 4.42 -20.82 5.86
N VAL C 346 4.47 -21.09 7.17
CA VAL C 346 3.83 -22.28 7.69
C VAL C 346 2.33 -22.25 7.41
N GLN C 347 1.70 -21.09 7.63
CA GLN C 347 0.28 -20.96 7.35
C GLN C 347 -0.03 -21.21 5.89
N THR C 348 0.79 -20.67 4.99
CA THR C 348 0.58 -20.85 3.56
C THR C 348 0.68 -22.32 3.17
N VAL C 349 1.68 -23.02 3.69
CA VAL C 349 1.85 -24.44 3.35
C VAL C 349 0.66 -25.25 3.83
N ARG C 350 0.25 -25.03 5.09
CA ARG C 350 -0.88 -25.78 5.63
C ARG C 350 -2.15 -25.50 4.84
N SER C 351 -2.41 -24.23 4.52
CA SER C 351 -3.60 -23.86 3.78
C SER C 351 -3.59 -24.49 2.39
N SER C 352 -2.43 -24.48 1.71
CA SER C 352 -2.36 -25.07 0.38
C SER C 352 -2.62 -26.57 0.41
N PHE C 353 -2.05 -27.27 1.39
CA PHE C 353 -2.28 -28.71 1.49
C PHE C 353 -3.75 -29.01 1.74
N ASN C 354 -4.37 -28.27 2.68
CA ASN C 354 -5.77 -28.51 2.99
C ASN C 354 -6.67 -28.21 1.78
N ASN C 355 -6.34 -27.14 1.05
CA ASN C 355 -7.12 -26.80 -0.13
C ASN C 355 -7.00 -27.87 -1.21
N ILE C 356 -5.79 -28.43 -1.39
CA ILE C 356 -5.62 -29.50 -2.37
C ILE C 356 -6.47 -30.71 -1.99
N ASN C 357 -6.45 -31.09 -0.71
CA ASN C 357 -7.23 -32.24 -0.27
C ASN C 357 -8.73 -31.98 -0.45
N ALA C 358 -9.17 -30.76 -0.14
CA ALA C 358 -10.58 -30.43 -0.35
C ALA C 358 -10.94 -30.52 -1.83
N SER C 359 -10.07 -30.06 -2.71
CA SER C 359 -10.35 -30.11 -4.14
C SER C 359 -10.47 -31.55 -4.63
N ILE C 360 -9.55 -32.42 -4.22
CA ILE C 360 -9.60 -33.79 -4.72
C ILE C 360 -10.84 -34.50 -4.17
N SER C 361 -11.22 -34.23 -2.92
CA SER C 361 -12.46 -34.82 -2.41
C SER C 361 -13.68 -34.29 -3.16
N SER C 362 -13.72 -32.99 -3.41
CA SER C 362 -14.90 -32.39 -4.03
C SER C 362 -15.06 -32.83 -5.47
N ILE C 363 -13.97 -33.17 -6.16
CA ILE C 363 -14.11 -33.67 -7.53
C ILE C 363 -14.97 -34.93 -7.55
N ASN C 364 -14.64 -35.90 -6.69
CA ASN C 364 -15.42 -37.13 -6.61
C ASN C 364 -16.83 -36.85 -6.12
N ALA C 365 -16.96 -35.98 -5.12
CA ALA C 365 -18.29 -35.66 -4.61
C ALA C 365 -19.19 -35.10 -5.70
N TYR C 366 -18.67 -34.18 -6.52
CA TYR C 366 -19.48 -33.57 -7.57
C TYR C 366 -19.73 -34.53 -8.74
N LYS C 367 -18.79 -35.44 -9.02
CA LYS C 367 -19.09 -36.47 -10.01
C LYS C 367 -20.27 -37.33 -9.58
N GLN C 368 -20.25 -37.79 -8.34
CA GLN C 368 -21.38 -38.56 -7.82
C GLN C 368 -22.66 -37.72 -7.85
N ALA C 369 -22.54 -36.44 -7.48
CA ALA C 369 -23.72 -35.57 -7.43
C ALA C 369 -24.33 -35.38 -8.82
N VAL C 370 -23.50 -35.21 -9.85
CA VAL C 370 -24.05 -34.99 -11.18
C VAL C 370 -24.68 -36.26 -11.73
N VAL C 371 -24.08 -37.42 -11.45
CA VAL C 371 -24.72 -38.67 -11.87
C VAL C 371 -26.08 -38.83 -11.17
N SER C 372 -26.11 -38.53 -9.88
CA SER C 372 -27.36 -38.61 -9.12
C SER C 372 -28.40 -37.64 -9.67
N ALA C 373 -27.97 -36.43 -10.03
CA ALA C 373 -28.89 -35.43 -10.56
C ALA C 373 -29.45 -35.88 -11.91
N GLN C 374 -28.63 -36.50 -12.75
CA GLN C 374 -29.14 -37.01 -14.03
C GLN C 374 -30.18 -38.08 -13.80
N SER C 375 -29.92 -39.00 -12.87
CA SER C 375 -30.91 -40.03 -12.55
C SER C 375 -32.19 -39.40 -12.03
N SER C 376 -32.06 -38.39 -11.17
CA SER C 376 -33.24 -37.73 -10.60
C SER C 376 -34.04 -37.02 -11.68
N LEU C 377 -33.36 -36.36 -12.62
CA LEU C 377 -34.06 -35.67 -13.70
C LEU C 377 -34.80 -36.67 -14.59
N ASP C 378 -34.18 -37.80 -14.90
CA ASP C 378 -34.86 -38.83 -15.68
C ASP C 378 -36.10 -39.34 -14.93
N ALA C 379 -35.97 -39.57 -13.63
CA ALA C 379 -37.11 -40.03 -12.84
C ALA C 379 -38.23 -38.99 -12.82
N MET C 380 -37.88 -37.72 -12.68
CA MET C 380 -38.90 -36.67 -12.67
C MET C 380 -39.59 -36.55 -14.02
N GLU C 381 -38.84 -36.70 -15.11
CA GLU C 381 -39.47 -36.68 -16.43
C GLU C 381 -40.44 -37.86 -16.59
N ALA C 382 -40.03 -39.04 -16.12
CA ALA C 382 -40.93 -40.20 -16.18
C ALA C 382 -42.18 -39.96 -15.34
N GLY C 383 -42.02 -39.37 -14.16
CA GLY C 383 -43.17 -39.08 -13.31
C GLY C 383 -44.10 -38.06 -13.94
N TYR C 384 -43.54 -37.03 -14.58
CA TYR C 384 -44.37 -36.07 -15.30
C TYR C 384 -45.12 -36.74 -16.44
N SER C 385 -44.46 -37.67 -17.14
CA SER C 385 -45.16 -38.44 -18.16
C SER C 385 -46.31 -39.22 -17.55
N VAL C 386 -46.10 -39.83 -16.39
CA VAL C 386 -47.19 -40.47 -15.65
C VAL C 386 -48.19 -39.42 -15.19
N GLY C 387 -47.70 -38.32 -14.64
CA GLY C 387 -48.56 -37.23 -14.22
C GLY C 387 -48.52 -36.93 -12.74
N THR C 388 -47.62 -37.57 -12.01
CA THR C 388 -47.53 -37.36 -10.57
C THR C 388 -46.84 -36.05 -10.22
N ARG C 389 -45.97 -35.55 -11.10
CA ARG C 389 -45.21 -34.34 -10.84
C ARG C 389 -45.73 -33.18 -11.69
N THR C 390 -45.07 -32.02 -11.55
CA THR C 390 -45.43 -30.82 -12.27
C THR C 390 -44.19 -30.26 -12.96
N ILE C 391 -44.42 -29.32 -13.88
CA ILE C 391 -43.33 -28.81 -14.72
C ILE C 391 -42.31 -28.04 -13.90
N VAL C 392 -42.73 -27.43 -12.80
CA VAL C 392 -41.77 -26.71 -11.95
C VAL C 392 -40.75 -27.68 -11.37
N ASP C 393 -41.18 -28.90 -11.06
CA ASP C 393 -40.26 -29.88 -10.51
C ASP C 393 -39.20 -30.29 -11.53
N VAL C 394 -39.61 -30.55 -12.77
CA VAL C 394 -38.63 -30.95 -13.77
C VAL C 394 -37.70 -29.78 -14.11
N LEU C 395 -38.22 -28.55 -14.11
CA LEU C 395 -37.34 -27.40 -14.32
C LEU C 395 -36.32 -27.28 -13.19
N ASP C 396 -36.76 -27.51 -11.95
CA ASP C 396 -35.83 -27.48 -10.82
C ASP C 396 -34.77 -28.57 -10.93
N ALA C 397 -35.17 -29.77 -11.37
CA ALA C 397 -34.21 -30.84 -11.58
C ALA C 397 -33.19 -30.44 -12.65
N THR C 398 -33.65 -29.81 -13.74
CA THR C 398 -32.76 -29.40 -14.80
C THR C 398 -31.75 -28.37 -14.31
N THR C 399 -32.22 -27.36 -13.58
CA THR C 399 -31.28 -26.34 -13.10
C THR C 399 -30.32 -26.91 -12.07
N THR C 400 -30.78 -27.86 -11.24
CA THR C 400 -29.86 -28.51 -10.31
C THR C 400 -28.79 -29.30 -11.04
N LEU C 401 -29.17 -30.01 -12.10
CA LEU C 401 -28.20 -30.74 -12.91
C LEU C 401 -27.15 -29.80 -13.49
N TYR C 402 -27.60 -28.71 -14.10
CA TYR C 402 -26.64 -27.83 -14.75
C TYR C 402 -25.76 -27.11 -13.73
N ASN C 403 -26.31 -26.77 -12.56
CA ASN C 403 -25.49 -26.20 -11.49
C ASN C 403 -24.44 -27.19 -11.03
N ALA C 404 -24.80 -28.47 -10.90
CA ALA C 404 -23.84 -29.49 -10.49
C ALA C 404 -22.72 -29.63 -11.51
N LYS C 405 -23.06 -29.64 -12.79
CA LYS C 405 -22.03 -29.73 -13.83
C LYS C 405 -21.10 -28.53 -13.78
N GLN C 406 -21.66 -27.33 -13.63
CA GLN C 406 -20.85 -26.12 -13.54
C GLN C 406 -19.91 -26.18 -12.34
N GLU C 407 -20.42 -26.63 -11.19
CA GLU C 407 -19.59 -26.72 -9.99
C GLU C 407 -18.49 -27.75 -10.16
N LEU C 408 -18.77 -28.87 -10.84
CA LEU C 408 -17.73 -29.86 -11.08
C LEU C 408 -16.60 -29.30 -11.94
N ALA C 409 -16.96 -28.59 -13.02
CA ALA C 409 -15.92 -28.00 -13.86
C ALA C 409 -15.10 -26.99 -13.09
N ASN C 410 -15.77 -26.13 -12.31
CA ASN C 410 -15.05 -25.15 -11.51
C ASN C 410 -14.13 -25.82 -10.50
N ALA C 411 -14.58 -26.93 -9.91
CA ALA C 411 -13.75 -27.64 -8.95
C ALA C 411 -12.52 -28.22 -9.61
N ARG C 412 -12.66 -28.74 -10.84
CA ARG C 412 -11.50 -29.26 -11.57
C ARG C 412 -10.47 -28.16 -11.80
N TYR C 413 -10.91 -27.02 -12.32
CA TYR C 413 -9.96 -25.94 -12.58
C TYR C 413 -9.33 -25.42 -11.30
N ASN C 414 -10.12 -25.34 -10.23
CA ASN C 414 -9.59 -24.91 -8.94
C ASN C 414 -8.55 -25.89 -8.42
N TYR C 415 -8.76 -27.19 -8.64
CA TYR C 415 -7.77 -28.18 -8.22
C TYR C 415 -6.46 -27.99 -8.95
N LEU C 416 -6.51 -27.78 -10.27
CA LEU C 416 -5.27 -27.57 -11.01
C LEU C 416 -4.54 -26.31 -10.53
N ILE C 417 -5.28 -25.21 -10.37
CA ILE C 417 -4.68 -23.97 -9.91
C ILE C 417 -4.09 -24.16 -8.52
N ASN C 418 -4.77 -24.94 -7.66
CA ASN C 418 -4.30 -25.15 -6.30
C ASN C 418 -3.04 -26.01 -6.28
N GLN C 419 -2.95 -26.97 -7.20
CA GLN C 419 -1.71 -27.74 -7.33
C GLN C 419 -0.55 -26.82 -7.68
N LEU C 420 -0.77 -25.91 -8.63
CA LEU C 420 0.29 -24.94 -8.93
C LEU C 420 0.59 -24.05 -7.73
N ASN C 421 -0.44 -23.72 -6.95
CA ASN C 421 -0.26 -22.84 -5.79
C ASN C 421 0.62 -23.49 -4.74
N ILE C 422 0.37 -24.77 -4.42
CA ILE C 422 1.20 -25.43 -3.42
C ILE C 422 2.60 -25.63 -3.95
N LYS C 423 2.75 -25.92 -5.25
CA LYS C 423 4.08 -26.04 -5.82
C LYS C 423 4.84 -24.72 -5.69
N SER C 424 4.16 -23.59 -5.92
CA SER C 424 4.81 -22.29 -5.77
C SER C 424 5.17 -22.00 -4.32
N ALA C 425 4.26 -22.30 -3.40
CA ALA C 425 4.52 -22.04 -1.99
C ALA C 425 5.67 -22.90 -1.47
N LEU C 426 5.91 -24.06 -2.09
CA LEU C 426 7.06 -24.87 -1.72
C LEU C 426 8.36 -24.16 -2.05
N GLY C 427 8.36 -23.26 -3.02
CA GLY C 427 9.54 -22.50 -3.38
C GLY C 427 10.36 -23.07 -4.52
N THR C 428 9.83 -24.04 -5.27
CA THR C 428 10.56 -24.68 -6.35
C THR C 428 9.69 -24.76 -7.60
N LEU C 429 9.07 -23.65 -7.97
CA LEU C 429 8.20 -23.58 -9.13
C LEU C 429 8.97 -23.08 -10.33
N ASN C 430 8.85 -23.78 -11.46
CA ASN C 430 9.53 -23.41 -12.69
C ASN C 430 8.69 -23.87 -13.87
N GLU C 431 9.30 -23.89 -15.06
CA GLU C 431 8.56 -24.27 -16.26
C GLU C 431 8.26 -25.76 -16.32
N GLN C 432 8.96 -26.58 -15.54
CA GLN C 432 8.66 -28.02 -15.53
C GLN C 432 7.26 -28.30 -15.00
N ASP C 433 6.84 -27.56 -13.98
CA ASP C 433 5.47 -27.71 -13.47
C ASP C 433 4.45 -27.30 -14.52
N LEU C 434 4.74 -26.23 -15.27
CA LEU C 434 3.86 -25.83 -16.36
C LEU C 434 3.80 -26.90 -17.44
N LEU C 435 4.93 -27.56 -17.71
CA LEU C 435 4.92 -28.67 -18.67
C LEU C 435 4.07 -29.82 -18.17
N ALA C 436 4.17 -30.12 -16.87
CA ALA C 436 3.34 -31.19 -16.29
C ALA C 436 1.86 -30.85 -16.41
N LEU C 437 1.49 -29.59 -16.14
CA LEU C 437 0.11 -29.17 -16.32
C LEU C 437 -0.31 -29.25 -17.77
N ASN C 438 0.55 -28.81 -18.69
CA ASN C 438 0.22 -28.77 -20.11
C ASN C 438 0.11 -30.16 -20.73
N ASN C 439 0.75 -31.16 -20.12
CA ASN C 439 0.63 -32.52 -20.65
C ASN C 439 -0.80 -33.05 -20.58
N ALA C 440 -1.67 -32.41 -19.80
CA ALA C 440 -3.05 -32.83 -19.65
C ALA C 440 -4.02 -32.09 -20.55
N LEU C 441 -3.53 -31.23 -21.44
CA LEU C 441 -4.37 -30.45 -22.34
C LEU C 441 -4.22 -30.98 -23.75
N SER C 442 -5.32 -31.41 -24.35
CA SER C 442 -5.28 -32.05 -25.67
C SER C 442 -6.06 -31.29 -26.74
N LYS C 443 -7.33 -31.00 -26.49
CA LYS C 443 -8.13 -30.50 -27.62
C LYS C 443 -8.15 -28.98 -27.64
N PRO C 444 -8.13 -28.36 -28.83
CA PRO C 444 -8.26 -26.91 -28.91
C PRO C 444 -9.71 -26.47 -29.07
N VAL C 445 -10.05 -25.38 -28.39
CA VAL C 445 -11.38 -24.80 -28.47
C VAL C 445 -11.24 -23.28 -28.65
N SER C 446 -12.17 -22.71 -29.40
CA SER C 446 -12.14 -21.29 -29.73
C SER C 446 -12.87 -20.49 -28.66
N THR C 447 -12.34 -19.31 -28.36
CA THR C 447 -12.90 -18.43 -27.33
C THR C 447 -13.66 -17.25 -27.94
N ASN C 448 -14.17 -17.42 -29.15
CA ASN C 448 -14.94 -16.36 -29.80
C ASN C 448 -16.36 -16.38 -29.25
N PRO C 449 -16.84 -15.29 -28.64
CA PRO C 449 -18.20 -15.29 -28.09
C PRO C 449 -19.29 -15.61 -29.10
N GLU C 450 -19.16 -15.11 -30.34
CA GLU C 450 -20.19 -15.34 -31.35
C GLU C 450 -20.12 -16.76 -31.90
N ASN C 451 -18.91 -17.29 -32.10
CA ASN C 451 -18.76 -18.61 -32.71
C ASN C 451 -19.35 -19.70 -31.83
N VAL C 452 -19.12 -19.61 -30.51
CA VAL C 452 -19.57 -20.66 -29.60
C VAL C 452 -21.09 -20.69 -29.51
N ALA C 453 -21.73 -19.51 -29.53
CA ALA C 453 -23.18 -19.40 -29.46
C ALA C 453 -23.67 -18.54 -30.63
N PRO C 454 -23.83 -19.14 -31.81
CA PRO C 454 -24.27 -18.40 -33.01
C PRO C 454 -25.74 -17.99 -32.94
N CYS D 19 20.67 10.41 28.66
CA CYS D 19 19.39 10.79 29.23
C CYS D 19 18.23 10.15 28.47
N THR D 20 17.02 10.67 28.71
CA THR D 20 15.78 10.24 28.06
C THR D 20 15.72 8.72 27.89
N THR D 21 15.71 8.04 29.03
CA THR D 21 15.63 6.59 29.06
C THR D 21 14.39 6.09 28.32
N VAL D 22 14.50 4.88 27.77
CA VAL D 22 13.46 4.35 26.90
C VAL D 22 12.15 4.15 27.65
N THR D 23 12.24 3.59 28.87
CA THR D 23 11.07 3.23 29.69
C THR D 23 10.09 2.39 28.87
N PRO D 24 10.40 1.12 28.62
CA PRO D 24 9.52 0.30 27.78
C PRO D 24 8.17 0.08 28.45
N ALA D 25 7.15 -0.13 27.62
CA ALA D 25 5.78 -0.28 28.07
C ALA D 25 5.36 -1.73 28.24
N TYR D 26 6.27 -2.60 28.67
CA TYR D 26 6.00 -4.03 28.78
C TYR D 26 6.26 -4.47 30.22
N LYS D 27 5.23 -4.40 31.06
CA LYS D 27 5.29 -4.93 32.42
C LYS D 27 4.73 -6.36 32.43
N ASP D 28 5.34 -7.20 31.60
CA ASP D 28 4.84 -8.54 31.33
C ASP D 28 6.03 -9.39 30.87
N ASN D 29 5.74 -10.51 30.21
CA ASN D 29 6.75 -11.42 29.68
C ASN D 29 7.56 -12.04 30.81
N GLY D 30 6.85 -12.79 31.65
CA GLY D 30 7.48 -13.50 32.75
C GLY D 30 7.05 -14.94 32.86
N THR D 31 6.73 -15.39 34.07
CA THR D 31 6.28 -16.75 34.36
C THR D 31 7.28 -17.79 33.85
N ARG D 32 8.45 -17.77 34.47
CA ARG D 32 9.51 -18.75 34.23
C ARG D 32 9.59 -19.71 35.41
N SER D 33 9.65 -21.01 35.12
CA SER D 33 9.62 -22.03 36.16
C SER D 33 11.02 -22.59 36.49
N GLY D 34 11.70 -23.14 35.50
CA GLY D 34 12.98 -23.78 35.73
C GLY D 34 14.14 -22.82 35.75
N PRO D 35 15.32 -23.30 36.14
CA PRO D 35 16.51 -22.45 36.20
C PRO D 35 17.08 -22.24 34.80
N CYS D 36 18.11 -21.40 34.72
CA CYS D 36 18.75 -21.09 33.44
C CYS D 36 20.06 -20.37 33.71
N VAL D 37 20.77 -20.05 32.63
CA VAL D 37 22.02 -19.31 32.67
C VAL D 37 21.73 -17.81 32.77
N GLU D 38 22.78 -17.02 33.00
CA GLU D 38 22.61 -15.59 33.27
C GLU D 38 21.81 -14.89 32.20
N GLY D 39 22.32 -14.83 30.98
CA GLY D 39 21.62 -14.17 29.90
C GLY D 39 22.53 -13.86 28.74
N GLY D 40 21.93 -13.22 27.74
CA GLY D 40 22.60 -12.94 26.49
C GLY D 40 22.35 -14.03 25.48
N PRO D 41 21.66 -13.70 24.38
CA PRO D 41 21.27 -14.72 23.41
C PRO D 41 22.44 -15.53 22.86
N ASP D 42 23.39 -14.85 22.22
CA ASP D 42 24.58 -15.53 21.75
C ASP D 42 25.26 -16.29 22.89
N ASN D 43 25.27 -15.71 24.09
CA ASN D 43 25.90 -16.35 25.23
C ASN D 43 25.23 -17.68 25.56
N VAL D 44 23.90 -17.67 25.71
CA VAL D 44 23.22 -18.89 26.14
C VAL D 44 23.25 -19.94 25.03
N ALA D 45 23.07 -19.54 23.77
CA ALA D 45 23.13 -20.50 22.69
C ALA D 45 24.51 -21.15 22.60
N GLN D 46 25.57 -20.34 22.70
CA GLN D 46 26.92 -20.88 22.66
C GLN D 46 27.17 -21.80 23.85
N GLN D 47 26.68 -21.42 25.04
CA GLN D 47 26.89 -22.25 26.22
C GLN D 47 26.17 -23.58 26.08
N PHE D 48 24.95 -23.57 25.56
CA PHE D 48 24.20 -24.81 25.38
C PHE D 48 24.87 -25.72 24.38
N TYR D 49 25.32 -25.15 23.24
CA TYR D 49 26.02 -25.97 22.26
C TYR D 49 27.32 -26.52 22.84
N ASP D 50 28.05 -25.70 23.59
CA ASP D 50 29.31 -26.15 24.18
C ASP D 50 29.07 -27.26 25.20
N TYR D 51 28.00 -27.16 25.97
CA TYR D 51 27.68 -28.25 26.89
C TYR D 51 27.33 -29.52 26.15
N ARG D 52 26.62 -29.41 25.03
CA ARG D 52 26.27 -30.60 24.26
C ARG D 52 27.52 -31.27 23.68
N ILE D 53 28.42 -30.50 23.08
CA ILE D 53 29.61 -31.11 22.47
C ILE D 53 30.57 -31.62 23.53
N LEU D 54 30.80 -30.85 24.60
CA LEU D 54 31.80 -31.24 25.59
C LEU D 54 31.44 -32.55 26.25
N HIS D 55 30.18 -32.71 26.65
CA HIS D 55 29.70 -33.97 27.19
C HIS D 55 29.24 -34.88 26.05
N ARG D 56 28.78 -36.08 26.40
CA ARG D 56 28.31 -37.03 25.41
C ARG D 56 26.89 -37.51 25.69
N SER D 57 26.22 -36.94 26.68
CA SER D 57 24.89 -37.41 27.07
C SER D 57 23.80 -36.80 26.20
N ASN D 58 23.72 -35.46 26.17
CA ASN D 58 22.71 -34.69 25.46
C ASN D 58 21.28 -35.03 25.90
N ASP D 59 21.12 -35.81 26.96
CA ASP D 59 19.80 -36.16 27.45
C ASP D 59 19.11 -34.93 28.04
N ILE D 60 17.77 -34.97 28.05
CA ILE D 60 16.98 -33.79 28.38
C ILE D 60 17.10 -33.44 29.85
N THR D 61 17.28 -34.44 30.72
CA THR D 61 17.34 -34.17 32.15
C THR D 61 18.50 -33.24 32.49
N ALA D 62 19.67 -33.46 31.88
CA ALA D 62 20.79 -32.56 32.08
C ALA D 62 20.64 -31.26 31.32
N LEU D 63 19.86 -31.24 30.24
CA LEU D 63 19.67 -30.06 29.41
C LEU D 63 18.49 -29.21 29.86
N ARG D 64 17.85 -29.57 30.96
CA ARG D 64 16.66 -28.86 31.43
C ARG D 64 16.82 -27.35 31.54
N PRO D 65 17.93 -26.79 32.07
CA PRO D 65 17.99 -25.32 32.21
C PRO D 65 17.88 -24.56 30.89
N TYR D 66 18.38 -25.10 29.78
CA TYR D 66 18.46 -24.30 28.57
C TYR D 66 17.16 -24.27 27.77
N LEU D 67 16.19 -25.15 28.07
CA LEU D 67 14.87 -25.11 27.49
C LEU D 67 13.87 -24.86 28.61
N SER D 68 12.97 -23.89 28.41
CA SER D 68 12.31 -23.28 29.57
C SER D 68 11.14 -24.08 30.11
N ASP D 69 10.03 -24.12 29.37
CA ASP D 69 8.81 -24.71 29.92
C ASP D 69 7.98 -25.52 28.95
N LYS D 70 8.18 -25.39 27.64
CA LYS D 70 7.35 -26.07 26.66
C LYS D 70 8.11 -27.12 25.86
N LEU D 71 9.32 -26.80 25.40
CA LEU D 71 10.11 -27.80 24.70
C LEU D 71 10.53 -28.92 25.65
N ALA D 72 10.76 -28.60 26.92
CA ALA D 72 11.12 -29.64 27.88
C ALA D 72 9.99 -30.65 28.04
N THR D 73 8.77 -30.17 28.27
CA THR D 73 7.63 -31.07 28.43
C THR D 73 7.31 -31.81 27.14
N LEU D 74 7.43 -31.13 25.99
CA LEU D 74 7.18 -31.80 24.72
C LEU D 74 8.19 -32.92 24.50
N LEU D 75 9.46 -32.68 24.79
CA LEU D 75 10.45 -33.74 24.64
C LEU D 75 10.20 -34.85 25.65
N SER D 76 9.74 -34.50 26.85
CA SER D 76 9.45 -35.51 27.86
C SER D 76 8.34 -36.45 27.40
N ASP D 77 7.22 -35.88 26.93
CA ASP D 77 6.11 -36.75 26.55
C ASP D 77 6.38 -37.44 25.21
N ALA D 78 7.24 -36.87 24.37
CA ALA D 78 7.68 -37.58 23.18
C ALA D 78 8.53 -38.79 23.55
N SER D 79 9.41 -38.63 24.55
CA SER D 79 10.21 -39.76 25.02
C SER D 79 9.32 -40.83 25.63
N ARG D 80 8.32 -40.42 26.40
CA ARG D 80 7.40 -41.39 26.99
C ARG D 80 6.37 -41.93 26.01
N ASP D 81 6.28 -41.35 24.81
CA ASP D 81 5.30 -41.79 23.82
C ASP D 81 5.66 -43.11 23.16
N ASN D 82 6.96 -43.42 23.07
CA ASN D 82 7.45 -44.63 22.40
C ASN D 82 6.90 -44.65 20.97
N ASN D 83 7.10 -43.55 20.27
CA ASN D 83 6.85 -43.46 18.84
C ASN D 83 8.03 -42.85 18.09
N HIS D 84 8.69 -41.86 18.68
CA HIS D 84 9.79 -41.12 18.05
C HIS D 84 11.13 -41.54 18.62
N ARG D 85 11.32 -42.83 18.90
CA ARG D 85 12.53 -43.28 19.57
C ARG D 85 13.78 -42.96 18.74
N GLU D 86 13.71 -43.21 17.44
CA GLU D 86 14.87 -42.96 16.58
C GLU D 86 15.26 -41.49 16.56
N LEU D 87 14.28 -40.62 16.31
CA LEU D 87 14.57 -39.18 16.25
C LEU D 87 15.07 -38.66 17.59
N LEU D 88 14.47 -39.13 18.69
CA LEU D 88 14.85 -38.63 20.00
C LEU D 88 16.10 -39.30 20.56
N THR D 89 16.62 -40.34 19.92
CA THR D 89 17.82 -41.00 20.41
C THR D 89 19.05 -40.73 19.56
N ASN D 90 18.92 -40.54 18.24
CA ASN D 90 20.09 -40.19 17.46
C ASN D 90 20.55 -38.77 17.77
N ASP D 91 19.72 -37.77 17.44
CA ASP D 91 19.97 -36.40 17.83
C ASP D 91 18.70 -35.59 17.58
N PRO D 92 18.17 -34.89 18.57
CA PRO D 92 16.96 -34.09 18.35
C PRO D 92 17.23 -32.64 18.02
N PHE D 93 18.46 -32.17 18.24
CA PHE D 93 18.75 -30.75 18.12
C PHE D 93 19.65 -30.40 16.94
N SER D 94 20.23 -31.38 16.27
CA SER D 94 21.09 -31.15 15.12
C SER D 94 20.44 -31.75 13.88
N SER D 95 20.78 -31.18 12.73
CA SER D 95 20.17 -31.63 11.48
C SER D 95 20.63 -33.01 11.05
N ARG D 96 21.64 -33.58 11.68
CA ARG D 96 22.18 -34.88 11.30
C ARG D 96 21.87 -35.92 12.35
N THR D 97 22.43 -37.11 12.15
CA THR D 97 22.35 -38.20 13.10
C THR D 97 23.60 -38.33 13.96
N THR D 98 24.59 -37.47 13.77
CA THR D 98 25.85 -37.53 14.50
C THR D 98 26.06 -36.23 15.27
N LEU D 99 26.66 -36.33 16.43
CA LEU D 99 26.94 -35.16 17.24
C LEU D 99 27.94 -34.25 16.53
N PRO D 100 27.68 -32.94 16.43
CA PRO D 100 28.59 -32.05 15.71
C PRO D 100 29.96 -31.99 16.38
N ASP D 101 30.87 -31.29 15.70
CA ASP D 101 32.23 -31.09 16.20
C ASP D 101 32.52 -29.68 16.66
N SER D 102 31.86 -28.67 16.09
CA SER D 102 32.02 -27.31 16.56
C SER D 102 30.80 -26.50 16.15
N ALA D 103 30.52 -25.45 16.93
CA ALA D 103 29.38 -24.58 16.67
C ALA D 103 29.83 -23.13 16.81
N HIS D 104 29.23 -22.27 15.99
CA HIS D 104 29.51 -20.84 16.02
C HIS D 104 28.20 -20.10 15.86
N VAL D 105 27.70 -19.50 16.94
CA VAL D 105 26.40 -18.83 16.92
C VAL D 105 26.56 -17.44 16.34
N ALA D 106 25.53 -17.00 15.62
CA ALA D 106 25.55 -15.66 15.04
C ALA D 106 25.59 -14.62 16.14
N SER D 107 26.39 -13.58 15.92
CA SER D 107 26.58 -12.55 16.93
C SER D 107 25.34 -11.68 17.07
N ALA D 108 25.19 -11.09 18.24
CA ALA D 108 24.11 -10.13 18.51
C ALA D 108 24.55 -9.26 19.67
N SER D 109 24.71 -7.96 19.43
CA SER D 109 25.32 -7.08 20.42
C SER D 109 24.36 -6.83 21.58
N THR D 110 24.25 -7.82 22.48
CA THR D 110 23.31 -7.78 23.60
C THR D 110 21.90 -7.50 23.12
N ILE D 111 21.01 -7.13 24.04
CA ILE D 111 19.63 -6.82 23.69
C ILE D 111 19.19 -5.63 24.53
N PRO D 112 18.71 -4.55 23.91
CA PRO D 112 18.25 -3.41 24.70
C PRO D 112 17.04 -3.76 25.56
N ASN D 113 17.01 -3.16 26.75
CA ASN D 113 15.97 -3.34 27.76
C ASN D 113 15.42 -4.77 27.81
N ARG D 114 14.09 -4.90 27.85
CA ARG D 114 13.44 -6.19 27.91
C ARG D 114 12.36 -6.37 26.85
N ASP D 115 12.02 -5.33 26.11
CA ASP D 115 10.98 -5.39 25.08
C ASP D 115 11.53 -6.09 23.83
N ALA D 116 11.80 -7.38 24.00
CA ALA D 116 12.33 -8.19 22.91
C ALA D 116 12.05 -9.65 23.22
N ARG D 117 11.50 -10.37 22.24
CA ARG D 117 11.18 -11.77 22.38
C ARG D 117 11.23 -12.42 21.00
N ASN D 118 11.38 -13.74 20.98
CA ASN D 118 11.35 -14.52 19.75
C ASN D 118 12.44 -14.04 18.78
N ILE D 119 13.69 -14.22 19.20
CA ILE D 119 14.85 -13.87 18.39
C ILE D 119 15.33 -15.14 17.69
N PRO D 120 15.25 -15.22 16.36
CA PRO D 120 15.82 -16.39 15.68
C PRO D 120 17.27 -16.18 15.30
N LEU D 121 18.15 -17.10 15.71
CA LEU D 121 19.57 -16.99 15.41
C LEU D 121 20.02 -18.22 14.63
N ARG D 122 20.85 -17.99 13.62
CA ARG D 122 21.41 -19.06 12.82
C ARG D 122 22.80 -19.39 13.35
N VAL D 123 23.01 -20.66 13.69
CA VAL D 123 24.29 -21.15 14.19
C VAL D 123 24.95 -21.98 13.10
N ASP D 124 26.20 -21.64 12.79
CA ASP D 124 26.99 -22.43 11.85
C ASP D 124 27.47 -23.66 12.61
N LEU D 125 26.96 -24.82 12.22
CA LEU D 125 27.27 -26.09 12.86
C LEU D 125 28.30 -26.81 11.99
N LYS D 126 29.57 -26.65 12.32
CA LYS D 126 30.65 -27.10 11.45
C LYS D 126 31.25 -28.40 12.00
N GLN D 127 31.39 -29.39 11.12
CA GLN D 127 32.12 -30.61 11.38
C GLN D 127 33.35 -30.62 10.47
N GLY D 128 34.07 -31.74 10.48
CA GLY D 128 35.24 -31.86 9.63
C GLY D 128 34.90 -31.74 8.16
N ASP D 129 35.29 -30.60 7.56
CA ASP D 129 35.04 -30.31 6.15
C ASP D 129 33.55 -30.43 5.80
N GLN D 130 32.71 -29.85 6.65
CA GLN D 130 31.27 -29.87 6.42
C GLN D 130 30.63 -28.71 7.16
N GLY D 131 29.42 -28.34 6.71
CA GLY D 131 28.67 -27.30 7.37
C GLY D 131 27.19 -27.45 7.11
N TRP D 132 26.38 -27.08 8.08
CA TRP D 132 24.94 -27.28 7.96
C TRP D 132 24.15 -26.02 8.29
N GLN D 133 24.67 -25.18 9.18
CA GLN D 133 24.13 -23.84 9.42
C GLN D 133 22.65 -23.89 9.81
N ASP D 134 22.41 -24.48 10.98
CA ASP D 134 21.04 -24.61 11.46
C ASP D 134 20.54 -23.29 12.04
N GLU D 135 19.27 -23.26 12.40
CA GLU D 135 18.65 -22.07 12.97
C GLU D 135 17.81 -22.45 14.18
N VAL D 136 17.81 -21.58 15.19
CA VAL D 136 17.13 -21.87 16.45
C VAL D 136 16.42 -20.61 16.92
N LEU D 137 15.17 -20.75 17.36
CA LEU D 137 14.45 -19.63 17.95
C LEU D 137 14.86 -19.48 19.41
N MET D 138 14.69 -18.27 19.93
CA MET D 138 15.04 -18.03 21.32
C MET D 138 14.00 -17.14 21.98
N ILE D 139 13.63 -17.51 23.21
CA ILE D 139 12.52 -16.87 23.91
C ILE D 139 13.05 -16.35 25.24
N GLN D 140 12.53 -15.19 25.66
CA GLN D 140 13.06 -14.54 26.87
C GLN D 140 12.62 -15.25 28.14
N GLU D 141 11.31 -15.28 28.40
CA GLU D 141 10.75 -15.86 29.62
C GLU D 141 11.34 -15.19 30.87
N GLY D 142 11.03 -13.90 31.01
CA GLY D 142 11.43 -13.17 32.20
C GLY D 142 12.70 -12.38 32.05
N GLN D 143 13.70 -12.70 32.88
CA GLN D 143 15.00 -12.04 32.85
C GLN D 143 16.06 -12.88 32.17
N CYS D 144 15.66 -13.93 31.45
CA CYS D 144 16.60 -14.92 30.95
C CYS D 144 16.45 -15.10 29.44
N TRP D 145 17.11 -16.12 28.89
CA TRP D 145 16.98 -16.51 27.50
C TRP D 145 17.02 -18.03 27.40
N VAL D 146 16.18 -18.59 26.56
CA VAL D 146 16.08 -20.04 26.42
C VAL D 146 15.95 -20.43 24.95
N ILE D 147 16.38 -21.66 24.65
CA ILE D 147 16.41 -22.21 23.30
C ILE D 147 15.02 -22.73 22.95
N ASP D 148 14.66 -22.70 21.66
CA ASP D 148 13.37 -23.19 21.23
C ASP D 148 13.40 -23.51 19.75
N ASP D 149 12.45 -24.35 19.34
CA ASP D 149 12.19 -24.70 17.94
C ASP D 149 13.34 -25.49 17.32
N VAL D 150 14.47 -24.83 17.05
CA VAL D 150 15.55 -25.38 16.25
C VAL D 150 15.01 -25.69 14.87
N ARG D 151 15.30 -24.81 13.90
CA ARG D 151 14.59 -24.82 12.63
C ARG D 151 15.01 -25.94 11.69
N TYR D 152 16.05 -26.71 12.03
CA TYR D 152 16.50 -27.82 11.19
C TYR D 152 16.84 -27.35 9.78
N LEU D 153 17.48 -26.19 9.68
CA LEU D 153 17.82 -25.55 8.41
C LEU D 153 19.16 -26.10 7.92
N GLY D 154 19.10 -27.01 6.95
CA GLY D 154 20.32 -27.57 6.40
C GLY D 154 19.99 -28.74 5.50
N GLY D 155 20.99 -29.16 4.75
CA GLY D 155 20.80 -30.30 3.86
C GLY D 155 20.75 -31.61 4.63
N SER D 156 20.08 -32.59 4.02
CA SER D 156 19.98 -33.94 4.58
C SER D 156 19.37 -33.92 5.97
N VAL D 157 18.11 -33.50 6.04
CA VAL D 157 17.40 -33.41 7.30
C VAL D 157 17.40 -34.77 8.00
N HIS D 158 17.58 -34.76 9.31
CA HIS D 158 17.78 -35.97 10.11
C HIS D 158 16.62 -36.93 9.94
N ALA D 159 15.44 -36.54 10.41
CA ALA D 159 14.29 -37.44 10.40
C ALA D 159 13.02 -36.61 10.56
N THR D 160 11.89 -37.27 10.34
CA THR D 160 10.57 -36.62 10.24
C THR D 160 10.74 -35.46 9.26
N ALA D 161 10.42 -34.24 9.64
CA ALA D 161 10.58 -33.09 8.75
C ALA D 161 10.30 -31.81 9.52
N GLY D 162 10.58 -30.69 8.87
CA GLY D 162 10.33 -29.39 9.47
C GLY D 162 11.25 -29.13 10.66
N THR D 163 10.76 -28.29 11.56
CA THR D 163 11.47 -28.01 12.79
C THR D 163 11.13 -29.06 13.85
N LEU D 164 11.85 -29.00 14.97
CA LEU D 164 11.68 -30.00 16.02
C LEU D 164 10.28 -29.96 16.60
N ARG D 165 9.75 -28.76 16.85
CA ARG D 165 8.43 -28.64 17.45
C ARG D 165 7.35 -29.24 16.56
N GLN D 166 7.40 -28.94 15.25
CA GLN D 166 6.44 -29.55 14.34
C GLN D 166 6.72 -31.04 14.15
N SER D 167 7.99 -31.43 14.18
CA SER D 167 8.33 -32.84 13.97
C SER D 167 7.76 -33.72 15.08
N ILE D 168 7.85 -33.28 16.34
CA ILE D 168 7.37 -34.09 17.45
C ILE D 168 5.95 -33.71 17.87
N GLU D 169 5.32 -32.75 17.20
CA GLU D 169 3.93 -32.44 17.50
C GLU D 169 3.03 -33.58 17.04
N ASN D 170 2.06 -33.92 17.89
CA ASN D 170 1.14 -35.01 17.59
C ASN D 170 0.19 -34.64 16.45
N GLU E 23 -8.39 -23.78 25.52
CA GLU E 23 -8.49 -22.70 26.50
C GLU E 23 -9.52 -21.67 26.06
N ASN E 24 -10.03 -20.90 27.01
CA ASN E 24 -11.04 -19.90 26.72
C ASN E 24 -10.39 -18.68 26.08
N LEU E 25 -11.16 -17.59 25.91
CA LEU E 25 -10.65 -16.43 25.19
C LEU E 25 -9.54 -15.73 25.95
N MET E 26 -9.62 -15.69 27.28
CA MET E 26 -8.61 -14.99 28.06
C MET E 26 -7.22 -15.62 27.89
N GLN E 27 -7.13 -16.94 28.05
CA GLN E 27 -5.83 -17.59 27.94
C GLN E 27 -5.31 -17.54 26.51
N VAL E 28 -6.21 -17.67 25.53
CA VAL E 28 -5.79 -17.56 24.13
C VAL E 28 -5.21 -16.18 23.87
N TYR E 29 -5.89 -15.14 24.34
CA TYR E 29 -5.39 -13.78 24.13
C TYR E 29 -4.07 -13.55 24.86
N GLN E 30 -3.95 -14.07 26.09
CA GLN E 30 -2.70 -13.87 26.83
C GLN E 30 -1.54 -14.54 26.11
N GLN E 31 -1.75 -15.76 25.61
CA GLN E 31 -0.69 -16.41 24.85
C GLN E 31 -0.38 -15.66 23.56
N ALA E 32 -1.41 -15.12 22.90
CA ALA E 32 -1.18 -14.38 21.67
C ALA E 32 -0.37 -13.11 21.94
N ARG E 33 -0.70 -12.39 23.01
CA ARG E 33 0.03 -11.16 23.35
C ARG E 33 1.44 -11.47 23.78
N LEU E 34 1.65 -12.60 24.46
CA LEU E 34 2.99 -12.91 24.96
C LEU E 34 3.96 -13.24 23.83
N SER E 35 3.46 -13.77 22.72
CA SER E 35 4.32 -14.29 21.66
C SER E 35 3.87 -13.81 20.29
N ASN E 36 3.59 -12.52 20.16
CA ASN E 36 3.20 -12.05 18.84
C ASN E 36 4.36 -11.33 18.17
N PRO E 37 4.69 -11.66 16.92
CA PRO E 37 5.80 -10.96 16.26
C PRO E 37 5.47 -9.55 15.82
N GLU E 38 4.28 -9.30 15.25
CA GLU E 38 3.98 -7.97 14.73
C GLU E 38 3.91 -6.94 15.85
N LEU E 39 3.32 -7.30 16.99
CA LEU E 39 3.28 -6.38 18.12
C LEU E 39 4.67 -6.08 18.63
N ARG E 40 5.53 -7.11 18.71
CA ARG E 40 6.92 -6.88 19.11
C ARG E 40 7.62 -5.93 18.14
N LYS E 41 7.39 -6.10 16.85
CA LYS E 41 8.02 -5.22 15.87
C LYS E 41 7.55 -3.78 16.03
N SER E 42 6.24 -3.59 16.24
CA SER E 42 5.74 -2.24 16.45
C SER E 42 6.34 -1.62 17.72
N ALA E 43 6.46 -2.41 18.78
CA ALA E 43 7.06 -1.91 20.01
C ALA E 43 8.52 -1.56 19.82
N ALA E 44 9.26 -2.37 19.06
CA ALA E 44 10.65 -2.06 18.78
C ALA E 44 10.78 -0.78 17.97
N ASP E 45 9.91 -0.59 16.98
CA ASP E 45 9.93 0.65 16.20
C ASP E 45 9.63 1.85 17.09
N ARG E 46 8.67 1.71 18.00
CA ARG E 46 8.37 2.80 18.93
C ARG E 46 9.56 3.12 19.81
N ASP E 47 10.25 2.10 20.32
CA ASP E 47 11.41 2.34 21.15
C ASP E 47 12.54 3.01 20.37
N ALA E 48 12.73 2.62 19.11
CA ALA E 48 13.76 3.26 18.29
C ALA E 48 13.43 4.74 18.08
N ALA E 49 12.17 5.04 17.75
CA ALA E 49 11.78 6.42 17.57
C ALA E 49 11.89 7.20 18.88
N PHE E 50 11.73 6.52 20.01
CA PHE E 50 11.88 7.18 21.31
C PHE E 50 13.34 7.47 21.60
N GLU E 51 14.24 6.56 21.25
CA GLU E 51 15.66 6.77 21.47
C GLU E 51 16.27 7.77 20.49
N LYS E 52 15.61 8.03 19.36
CA LYS E 52 16.09 9.05 18.44
C LYS E 52 16.26 10.42 19.11
N ILE E 53 15.68 10.60 20.30
CA ILE E 53 15.80 11.88 21.01
C ILE E 53 17.26 12.18 21.34
N ASN E 54 18.02 11.15 21.73
CA ASN E 54 19.42 11.38 22.05
C ASN E 54 20.22 11.81 20.83
N GLU E 55 19.97 11.20 19.68
CA GLU E 55 20.63 11.64 18.45
C GLU E 55 20.24 13.08 18.12
N ALA E 56 18.97 13.43 18.31
CA ALA E 56 18.54 14.79 18.05
C ALA E 56 19.22 15.78 19.00
N ARG E 57 19.42 15.38 20.26
CA ARG E 57 20.00 16.25 21.26
C ARG E 57 21.53 16.30 21.20
N SER E 58 22.16 15.37 20.49
CA SER E 58 23.61 15.33 20.43
C SER E 58 24.27 16.62 19.96
N PRO E 59 23.86 17.25 18.84
CA PRO E 59 24.61 18.41 18.35
C PRO E 59 24.61 19.61 19.30
N LEU E 60 23.66 19.68 20.23
CA LEU E 60 23.68 20.78 21.19
C LEU E 60 24.79 20.61 22.21
N LEU E 61 25.14 19.37 22.55
CA LEU E 61 26.17 19.11 23.54
C LEU E 61 27.56 19.38 22.96
N PRO E 62 28.58 19.53 23.80
CA PRO E 62 29.91 19.84 23.29
C PRO E 62 30.41 18.77 22.32
N GLN E 63 31.14 19.21 21.30
CA GLN E 63 31.74 18.31 20.31
C GLN E 63 33.25 18.42 20.44
N LEU E 64 33.90 17.34 20.88
CA LEU E 64 35.32 17.34 21.16
C LEU E 64 36.00 16.35 20.22
N GLY E 65 37.18 16.73 19.73
CA GLY E 65 37.89 15.86 18.79
C GLY E 65 39.38 16.08 18.85
N LEU E 66 40.10 15.17 18.20
CA LEU E 66 41.56 15.19 18.13
C LEU E 66 42.01 14.94 16.71
N GLY E 67 43.15 15.50 16.32
CA GLY E 67 43.66 15.29 14.98
C GLY E 67 45.12 15.65 14.81
N ALA E 68 45.88 14.75 14.18
CA ALA E 68 47.30 14.98 13.96
C ALA E 68 47.63 14.71 12.50
N ASP E 69 48.67 15.38 12.01
CA ASP E 69 49.05 15.25 10.61
C ASP E 69 50.54 15.50 10.44
N TYR E 70 51.05 15.14 9.27
CA TYR E 70 52.47 15.30 8.94
C TYR E 70 52.55 15.59 7.45
N THR E 71 53.02 16.79 7.11
CA THR E 71 53.03 17.27 5.74
C THR E 71 54.47 17.51 5.29
N TYR E 72 54.82 16.96 4.13
CA TYR E 72 56.13 17.13 3.52
C TYR E 72 55.98 17.99 2.27
N SER E 73 56.75 19.06 2.19
CA SER E 73 56.67 20.01 1.09
C SER E 73 58.00 20.05 0.34
N ASN E 74 57.93 19.90 -0.97
CA ASN E 74 59.10 19.99 -1.84
C ASN E 74 58.99 21.24 -2.70
N GLY E 75 60.09 21.99 -2.80
CA GLY E 75 60.06 23.24 -3.53
C GLY E 75 60.14 23.05 -5.03
N TYR E 76 59.75 24.10 -5.75
CA TYR E 76 59.73 24.08 -7.21
C TYR E 76 59.68 25.52 -7.69
N ARG E 77 60.07 25.73 -8.94
CA ARG E 77 60.09 27.05 -9.58
C ARG E 77 61.02 27.94 -8.77
N ASP E 78 60.63 29.17 -8.41
CA ASP E 78 61.50 30.03 -7.62
C ASP E 78 61.76 29.48 -6.22
N ALA E 79 60.95 28.54 -5.76
CA ALA E 79 61.15 27.88 -4.47
C ALA E 79 62.06 26.67 -4.58
N ASN E 80 62.93 26.62 -5.59
CA ASN E 80 63.82 25.49 -5.76
C ASN E 80 64.79 25.39 -4.59
N GLY E 81 65.07 24.16 -4.17
CA GLY E 81 65.97 23.93 -3.06
C GLY E 81 65.39 24.18 -1.70
N ILE E 82 64.06 24.21 -1.59
CA ILE E 82 63.38 24.42 -0.30
C ILE E 82 62.56 23.17 0.00
N ASN E 83 62.90 22.48 1.07
CA ASN E 83 62.16 21.32 1.54
C ASN E 83 61.72 21.58 2.98
N SER E 84 60.47 21.28 3.28
CA SER E 84 59.92 21.53 4.61
C SER E 84 59.19 20.29 5.11
N ASN E 85 59.22 20.10 6.43
CA ASN E 85 58.56 18.96 7.07
C ASN E 85 57.86 19.47 8.31
N ALA E 86 56.53 19.38 8.33
CA ALA E 86 55.73 19.94 9.41
C ALA E 86 54.87 18.85 10.04
N THR E 87 55.09 18.59 11.32
CA THR E 87 54.31 17.62 12.08
C THR E 87 53.47 18.37 13.10
N SER E 88 52.16 18.18 13.06
CA SER E 88 51.23 18.94 13.88
C SER E 88 50.27 18.01 14.59
N ALA E 89 49.84 18.44 15.78
CA ALA E 89 48.77 17.78 16.53
C ALA E 89 47.84 18.85 17.09
N SER E 90 46.57 18.48 17.27
CA SER E 90 45.58 19.45 17.69
C SER E 90 44.45 18.74 18.42
N LEU E 91 43.86 19.45 19.37
CA LEU E 91 42.74 18.98 20.17
C LEU E 91 41.70 20.10 20.20
N GLN E 92 40.53 19.85 19.62
CA GLN E 92 39.53 20.88 19.37
C GLN E 92 38.25 20.60 20.15
N LEU E 93 37.54 21.67 20.50
CA LEU E 93 36.25 21.60 21.18
C LEU E 93 35.35 22.69 20.60
N THR E 94 34.11 22.33 20.28
CA THR E 94 33.16 23.24 19.67
C THR E 94 31.83 23.17 20.39
N GLN E 95 31.17 24.31 20.53
CA GLN E 95 29.86 24.42 21.16
C GLN E 95 29.01 25.41 20.37
N SER E 96 27.71 25.14 20.31
CA SER E 96 26.76 26.02 19.62
C SER E 96 26.05 26.86 20.66
N ILE E 97 26.46 28.13 20.78
CA ILE E 97 25.93 28.98 21.84
C ILE E 97 24.47 29.33 21.60
N PHE E 98 24.13 29.69 20.36
CA PHE E 98 22.76 30.10 20.04
C PHE E 98 22.43 29.62 18.63
N ASP E 99 21.57 28.61 18.53
CA ASP E 99 21.14 28.08 17.24
C ASP E 99 19.76 27.45 17.45
N MET E 100 18.71 28.15 17.01
CA MET E 100 17.36 27.65 17.24
C MET E 100 17.03 26.44 16.39
N SER E 101 17.78 26.19 15.32
CA SER E 101 17.48 25.05 14.45
C SER E 101 17.62 23.74 15.22
N LYS E 102 18.63 23.63 16.07
CA LYS E 102 18.82 22.41 16.84
C LYS E 102 17.66 22.17 17.80
N TRP E 103 17.21 23.22 18.49
CA TRP E 103 16.07 23.07 19.41
C TRP E 103 14.81 22.68 18.65
N ARG E 104 14.59 23.28 17.48
CA ARG E 104 13.42 22.91 16.69
C ARG E 104 13.50 21.47 16.21
N ALA E 105 14.69 21.01 15.82
CA ALA E 105 14.85 19.60 15.44
C ALA E 105 14.57 18.69 16.63
N LEU E 106 15.01 19.07 17.82
CA LEU E 106 14.70 18.29 19.01
C LEU E 106 13.20 18.20 19.25
N THR E 107 12.50 19.32 19.10
CA THR E 107 11.05 19.31 19.29
C THR E 107 10.36 18.44 18.23
N LEU E 108 10.85 18.50 16.99
CA LEU E 108 10.29 17.64 15.94
C LEU E 108 10.48 16.17 16.28
N GLN E 109 11.66 15.82 16.79
CA GLN E 109 11.89 14.43 17.19
C GLN E 109 10.96 14.02 18.33
N GLU E 110 10.72 14.93 19.27
CA GLU E 110 9.78 14.65 20.36
C GLU E 110 8.39 14.35 19.80
N LYS E 111 7.91 15.19 18.88
CA LYS E 111 6.58 14.96 18.32
C LYS E 111 6.52 13.66 17.54
N ALA E 112 7.59 13.32 16.81
CA ALA E 112 7.61 12.05 16.10
C ALA E 112 7.53 10.87 17.05
N ALA E 113 8.25 10.96 18.17
CA ALA E 113 8.15 9.90 19.18
C ALA E 113 6.74 9.79 19.72
N GLY E 114 6.07 10.92 19.94
CA GLY E 114 4.69 10.88 20.41
C GLY E 114 3.76 10.17 19.43
N ILE E 115 3.86 10.52 18.15
CA ILE E 115 2.97 9.88 17.17
C ILE E 115 3.30 8.40 17.04
N GLN E 116 4.58 8.01 17.21
CA GLN E 116 4.91 6.60 17.19
C GLN E 116 4.30 5.86 18.39
N ASP E 117 4.30 6.50 19.56
CA ASP E 117 3.63 5.88 20.70
C ASP E 117 2.14 5.67 20.43
N VAL E 118 1.50 6.68 19.83
CA VAL E 118 0.08 6.54 19.51
C VAL E 118 -0.16 5.41 18.53
N THR E 119 0.67 5.30 17.48
CA THR E 119 0.46 4.23 16.52
C THR E 119 0.73 2.87 17.14
N TYR E 120 1.63 2.79 18.13
CA TYR E 120 1.83 1.53 18.84
C TYR E 120 0.57 1.15 19.62
N GLN E 121 -0.07 2.12 20.27
CA GLN E 121 -1.31 1.83 20.97
C GLN E 121 -2.38 1.33 20.00
N THR E 122 -2.48 1.96 18.83
CA THR E 122 -3.44 1.50 17.83
C THR E 122 -3.13 0.07 17.39
N ASP E 123 -1.84 -0.26 17.25
CA ASP E 123 -1.46 -1.62 16.89
C ASP E 123 -1.90 -2.62 17.96
N GLN E 124 -1.76 -2.25 19.22
CA GLN E 124 -2.21 -3.13 20.30
C GLN E 124 -3.71 -3.39 20.22
N GLN E 125 -4.49 -2.32 19.98
CA GLN E 125 -5.94 -2.50 19.83
C GLN E 125 -6.25 -3.43 18.66
N THR E 126 -5.55 -3.24 17.55
CA THR E 126 -5.78 -4.08 16.38
C THR E 126 -5.46 -5.54 16.68
N LEU E 127 -4.40 -5.80 17.45
CA LEU E 127 -4.08 -7.16 17.82
C LEU E 127 -5.21 -7.80 18.63
N ILE E 128 -5.76 -7.06 19.60
CA ILE E 128 -6.84 -7.62 20.41
C ILE E 128 -8.04 -7.96 19.52
N LEU E 129 -8.41 -7.02 18.64
CA LEU E 129 -9.55 -7.26 17.77
C LEU E 129 -9.32 -8.46 16.87
N ASN E 130 -8.12 -8.58 16.30
CA ASN E 130 -7.83 -9.68 15.38
C ASN E 130 -7.88 -11.03 16.10
N THR E 131 -7.28 -11.13 17.29
CA THR E 131 -7.29 -12.42 17.96
C THR E 131 -8.71 -12.83 18.35
N ALA E 132 -9.52 -11.87 18.82
CA ALA E 132 -10.90 -12.20 19.13
C ALA E 132 -11.66 -12.66 17.87
N THR E 133 -11.46 -11.96 16.76
CA THR E 133 -12.16 -12.32 15.53
C THR E 133 -11.81 -13.73 15.08
N ALA E 134 -10.52 -14.07 15.10
CA ALA E 134 -10.10 -15.40 14.68
C ALA E 134 -10.64 -16.47 15.62
N TYR E 135 -10.57 -16.22 16.94
CA TYR E 135 -11.03 -17.23 17.89
C TYR E 135 -12.52 -17.49 17.72
N PHE E 136 -13.31 -16.45 17.45
CA PHE E 136 -14.74 -16.69 17.23
C PHE E 136 -15.02 -17.28 15.85
N ASN E 137 -14.17 -16.99 14.86
CA ASN E 137 -14.34 -17.60 13.55
C ASN E 137 -14.19 -19.11 13.64
N VAL E 138 -13.26 -19.59 14.47
CA VAL E 138 -13.09 -21.03 14.64
C VAL E 138 -14.39 -21.66 15.15
N LEU E 139 -15.00 -21.04 16.17
CA LEU E 139 -16.24 -21.57 16.72
C LEU E 139 -17.37 -21.53 15.70
N ASN E 140 -17.44 -20.46 14.92
CA ASN E 140 -18.47 -20.37 13.90
C ASN E 140 -18.31 -21.48 12.86
N ALA E 141 -17.06 -21.76 12.46
CA ALA E 141 -16.82 -22.85 11.53
C ALA E 141 -17.23 -24.20 12.13
N ILE E 142 -16.93 -24.41 13.41
CA ILE E 142 -17.32 -25.66 14.06
C ILE E 142 -18.84 -25.81 14.05
N ASP E 143 -19.56 -24.74 14.37
CA ASP E 143 -21.02 -24.80 14.38
C ASP E 143 -21.56 -25.09 12.99
N VAL E 144 -21.00 -24.45 11.96
CA VAL E 144 -21.44 -24.69 10.59
C VAL E 144 -21.24 -26.15 10.22
N LEU E 145 -20.07 -26.71 10.54
CA LEU E 145 -19.79 -28.09 10.21
C LEU E 145 -20.76 -29.04 10.92
N SER E 146 -21.03 -28.79 12.21
CA SER E 146 -21.93 -29.66 12.95
C SER E 146 -23.34 -29.60 12.37
N TYR E 147 -23.81 -28.40 12.00
CA TYR E 147 -25.14 -28.30 11.42
C TYR E 147 -25.23 -29.02 10.09
N THR E 148 -24.20 -28.89 9.24
CA THR E 148 -24.20 -29.59 7.96
C THR E 148 -24.20 -31.10 8.16
N GLN E 149 -23.41 -31.59 9.11
CA GLN E 149 -23.37 -33.03 9.38
C GLN E 149 -24.73 -33.53 9.88
N ALA E 150 -25.40 -32.74 10.73
CA ALA E 150 -26.73 -33.13 11.19
C ALA E 150 -27.72 -33.18 10.03
N GLN E 151 -27.63 -32.22 9.12
CA GLN E 151 -28.49 -32.26 7.93
C GLN E 151 -28.24 -33.51 7.11
N LYS E 152 -26.96 -33.87 6.95
CA LYS E 152 -26.63 -35.09 6.21
C LYS E 152 -27.21 -36.32 6.89
N GLU E 153 -27.14 -36.37 8.22
CA GLU E 153 -27.71 -37.50 8.94
C GLU E 153 -29.22 -37.58 8.75
N ALA E 154 -29.91 -36.44 8.80
CA ALA E 154 -31.36 -36.44 8.60
C ALA E 154 -31.73 -36.92 7.20
N ILE E 155 -31.00 -36.43 6.19
CA ILE E 155 -31.28 -36.84 4.82
C ILE E 155 -30.97 -38.32 4.62
N TYR E 156 -29.93 -38.83 5.28
CA TYR E 156 -29.62 -40.25 5.22
C TYR E 156 -30.75 -41.07 5.82
N ARG E 157 -31.30 -40.62 6.96
CA ARG E 157 -32.43 -41.33 7.57
C ARG E 157 -33.63 -41.35 6.63
N GLN E 158 -33.93 -40.21 6.01
CA GLN E 158 -35.04 -40.16 5.06
C GLN E 158 -34.80 -41.08 3.88
N LEU E 159 -33.57 -41.11 3.36
CA LEU E 159 -33.22 -42.00 2.26
C LEU E 159 -33.42 -43.45 2.64
N ASP E 160 -32.96 -43.83 3.83
CA ASP E 160 -33.10 -45.21 4.27
C ASP E 160 -34.56 -45.60 4.40
N GLN E 161 -35.38 -44.72 4.97
CA GLN E 161 -36.81 -45.01 5.10
C GLN E 161 -37.46 -45.19 3.73
N THR E 162 -37.18 -44.27 2.79
CA THR E 162 -37.77 -44.38 1.47
C THR E 162 -37.30 -45.62 0.73
N THR E 163 -36.01 -45.94 0.84
CA THR E 163 -35.47 -47.11 0.16
C THR E 163 -36.08 -48.40 0.72
N GLN E 164 -36.24 -48.49 2.04
CA GLN E 164 -36.85 -49.69 2.61
C GLN E 164 -38.33 -49.78 2.22
N ARG E 165 -39.02 -48.63 2.13
CA ARG E 165 -40.41 -48.66 1.69
C ARG E 165 -40.51 -49.15 0.24
N PHE E 166 -39.59 -48.70 -0.62
CA PHE E 166 -39.60 -49.17 -2.01
C PHE E 166 -39.23 -50.64 -2.09
N ASN E 167 -38.30 -51.10 -1.23
CA ASN E 167 -37.94 -52.51 -1.23
C ASN E 167 -39.13 -53.38 -0.86
N VAL E 168 -39.90 -52.96 0.15
CA VAL E 168 -41.19 -53.59 0.40
C VAL E 168 -42.11 -53.37 -0.79
N GLY E 169 -42.12 -52.14 -1.31
CA GLY E 169 -42.85 -51.79 -2.51
C GLY E 169 -44.13 -51.04 -2.23
N LEU E 170 -44.06 -49.71 -2.27
CA LEU E 170 -45.24 -48.86 -2.15
C LEU E 170 -45.25 -47.67 -3.11
N VAL E 171 -44.10 -47.22 -3.61
CA VAL E 171 -44.01 -45.98 -4.37
C VAL E 171 -42.92 -46.13 -5.41
N ALA E 172 -43.02 -45.35 -6.48
CA ALA E 172 -42.11 -45.47 -7.61
C ALA E 172 -40.70 -45.00 -7.21
N ILE E 173 -39.79 -45.01 -8.18
CA ILE E 173 -38.37 -44.79 -7.90
C ILE E 173 -37.98 -43.32 -7.85
N THR E 174 -38.90 -42.41 -8.15
CA THR E 174 -38.55 -40.99 -8.22
C THR E 174 -38.07 -40.45 -6.88
N ASP E 175 -38.75 -40.83 -5.80
CA ASP E 175 -38.41 -40.30 -4.48
C ASP E 175 -37.00 -40.72 -4.08
N VAL E 176 -36.63 -41.97 -4.35
CA VAL E 176 -35.28 -42.43 -4.02
C VAL E 176 -34.24 -41.59 -4.75
N GLN E 177 -34.47 -41.36 -6.05
CA GLN E 177 -33.51 -40.59 -6.85
C GLN E 177 -33.37 -39.17 -6.30
N ASN E 178 -34.50 -38.51 -6.01
CA ASN E 178 -34.43 -37.14 -5.52
C ASN E 178 -33.73 -37.07 -4.16
N ALA E 179 -34.08 -37.99 -3.25
CA ALA E 179 -33.46 -37.96 -1.94
C ALA E 179 -31.96 -38.22 -2.03
N ARG E 180 -31.54 -39.13 -2.90
CA ARG E 180 -30.12 -39.42 -3.00
C ARG E 180 -29.35 -38.29 -3.68
N ALA E 181 -29.99 -37.57 -4.61
CA ALA E 181 -29.35 -36.38 -5.17
C ALA E 181 -29.14 -35.32 -4.10
N GLN E 182 -30.16 -35.09 -3.26
CA GLN E 182 -29.99 -34.15 -2.16
C GLN E 182 -28.90 -34.61 -1.20
N TYR E 183 -28.83 -35.92 -0.95
CA TYR E 183 -27.79 -36.46 -0.08
C TYR E 183 -26.40 -36.19 -0.63
N ASP E 184 -26.22 -36.38 -1.95
CA ASP E 184 -24.92 -36.10 -2.55
C ASP E 184 -24.55 -34.62 -2.44
N THR E 185 -25.52 -33.74 -2.70
CA THR E 185 -25.23 -32.31 -2.57
C THR E 185 -24.84 -31.94 -1.13
N VAL E 186 -25.54 -32.51 -0.15
CA VAL E 186 -25.22 -32.23 1.24
C VAL E 186 -23.83 -32.77 1.58
N LEU E 187 -23.46 -33.92 1.01
CA LEU E 187 -22.12 -34.45 1.23
C LEU E 187 -21.05 -33.52 0.71
N ALA E 188 -21.25 -32.96 -0.49
CA ALA E 188 -20.29 -32.00 -1.01
C ALA E 188 -20.19 -30.77 -0.11
N ASN E 189 -21.33 -30.27 0.36
CA ASN E 189 -21.30 -29.12 1.26
C ASN E 189 -20.56 -29.46 2.56
N GLU E 190 -20.72 -30.68 3.04
CA GLU E 190 -20.03 -31.10 4.26
C GLU E 190 -18.52 -31.11 4.05
N VAL E 191 -18.06 -31.59 2.89
CA VAL E 191 -16.63 -31.57 2.60
C VAL E 191 -16.11 -30.14 2.61
N THR E 192 -16.85 -29.23 1.97
CA THR E 192 -16.43 -27.83 1.95
C THR E 192 -16.36 -27.25 3.37
N ALA E 193 -17.37 -27.56 4.20
CA ALA E 193 -17.39 -27.02 5.57
C ALA E 193 -16.22 -27.55 6.39
N ARG E 194 -15.89 -28.84 6.23
CA ARG E 194 -14.76 -29.40 6.96
C ARG E 194 -13.46 -28.72 6.55
N ASN E 195 -13.27 -28.48 5.25
CA ASN E 195 -12.08 -27.77 4.80
C ASN E 195 -12.02 -26.37 5.40
N ASN E 196 -13.16 -25.67 5.43
CA ASN E 196 -13.18 -24.33 5.99
C ASN E 196 -12.81 -24.34 7.48
N LEU E 197 -13.31 -25.33 8.23
CA LEU E 197 -12.96 -25.42 9.64
C LEU E 197 -11.47 -25.66 9.82
N ASP E 198 -10.88 -26.55 9.02
CA ASP E 198 -9.45 -26.79 9.15
C ASP E 198 -8.64 -25.53 8.85
N ASN E 199 -9.04 -24.80 7.80
CA ASN E 199 -8.35 -23.55 7.49
C ASN E 199 -8.45 -22.56 8.64
N ALA E 200 -9.64 -22.45 9.24
CA ALA E 200 -9.84 -21.50 10.32
C ALA E 200 -8.99 -21.85 11.54
N VAL E 201 -8.95 -23.13 11.91
CA VAL E 201 -8.17 -23.50 13.10
C VAL E 201 -6.68 -23.29 12.85
N GLU E 202 -6.22 -23.57 11.62
CA GLU E 202 -4.82 -23.30 11.32
C GLU E 202 -4.52 -21.79 11.37
N GLN E 203 -5.45 -20.96 10.89
CA GLN E 203 -5.24 -19.51 10.97
C GLN E 203 -5.17 -19.05 12.42
N LEU E 204 -6.01 -19.61 13.29
CA LEU E 204 -5.95 -19.27 14.70
C LEU E 204 -4.60 -19.66 15.31
N ARG E 205 -4.10 -20.85 14.95
CA ARG E 205 -2.78 -21.24 15.42
C ARG E 205 -1.71 -20.25 14.94
N GLN E 206 -1.80 -19.83 13.68
CA GLN E 206 -0.81 -18.90 13.14
C GLN E 206 -0.83 -17.57 13.87
N ILE E 207 -2.03 -17.04 14.15
CA ILE E 207 -2.08 -15.74 14.80
C ILE E 207 -1.69 -15.85 16.28
N THR E 208 -1.91 -17.02 16.89
CA THR E 208 -1.59 -17.19 18.30
C THR E 208 -0.17 -17.74 18.52
N GLY E 209 0.24 -18.73 17.73
CA GLY E 209 1.52 -19.38 17.91
C GLY E 209 1.45 -20.73 18.58
N ASN E 210 0.26 -21.23 18.89
CA ASN E 210 0.09 -22.51 19.55
C ASN E 210 -1.04 -23.26 18.89
N TYR E 211 -1.02 -24.58 19.03
CA TYR E 211 -2.06 -25.44 18.48
C TYR E 211 -3.04 -25.81 19.58
N TYR E 212 -4.30 -25.42 19.43
CA TYR E 212 -5.30 -25.61 20.46
C TYR E 212 -6.20 -26.77 20.09
N PRO E 213 -6.26 -27.83 20.90
CA PRO E 213 -7.12 -28.97 20.57
C PRO E 213 -8.58 -28.72 20.89
N GLU E 214 -8.86 -27.83 21.84
CA GLU E 214 -10.23 -27.54 22.22
C GLU E 214 -10.34 -26.11 22.73
N LEU E 215 -11.51 -25.51 22.51
CA LEU E 215 -11.78 -24.14 22.93
C LEU E 215 -13.14 -24.09 23.62
N ALA E 216 -13.31 -23.07 24.46
CA ALA E 216 -14.60 -22.88 25.13
C ALA E 216 -15.66 -22.49 24.11
N ALA E 217 -16.82 -23.13 24.18
CA ALA E 217 -17.90 -22.87 23.25
C ALA E 217 -18.82 -21.78 23.81
N LEU E 218 -19.90 -21.51 23.10
CA LEU E 218 -20.88 -20.50 23.48
C LEU E 218 -22.18 -21.19 23.88
N ASN E 219 -22.59 -21.01 25.13
CA ASN E 219 -23.82 -21.59 25.62
C ASN E 219 -25.00 -20.66 25.32
N VAL E 220 -26.17 -21.25 25.11
CA VAL E 220 -27.35 -20.47 24.77
C VAL E 220 -28.21 -20.12 25.98
N GLU E 221 -27.99 -20.77 27.12
CA GLU E 221 -28.78 -20.46 28.31
C GLU E 221 -28.42 -19.08 28.86
N ASN E 222 -27.12 -18.80 28.98
CA ASN E 222 -26.64 -17.57 29.60
C ASN E 222 -26.40 -16.45 28.59
N PHE E 223 -26.71 -16.66 27.31
CA PHE E 223 -26.51 -15.63 26.31
C PHE E 223 -27.66 -14.62 26.40
N LYS E 224 -27.38 -13.47 27.00
CA LYS E 224 -28.34 -12.39 27.13
C LYS E 224 -27.77 -11.13 26.52
N THR E 225 -28.56 -10.47 25.68
CA THR E 225 -28.11 -9.28 24.97
C THR E 225 -28.40 -8.03 25.78
N ASP E 226 -27.68 -6.95 25.45
CA ASP E 226 -27.86 -5.68 26.11
C ASP E 226 -27.89 -4.57 25.06
N LYS E 227 -28.82 -3.63 25.24
CA LYS E 227 -28.91 -2.50 24.33
C LYS E 227 -27.70 -1.59 24.52
N PRO E 228 -27.16 -1.01 23.45
CA PRO E 228 -25.99 -0.15 23.58
C PRO E 228 -26.37 1.25 24.00
N GLN E 229 -25.36 2.04 24.35
CA GLN E 229 -25.56 3.41 24.74
C GLN E 229 -26.02 4.24 23.55
N PRO E 230 -26.76 5.32 23.78
CA PRO E 230 -27.21 6.17 22.67
C PRO E 230 -26.03 6.70 21.88
N VAL E 231 -26.24 6.85 20.57
CA VAL E 231 -25.15 7.21 19.68
C VAL E 231 -24.56 8.58 20.01
N ASN E 232 -25.27 9.40 20.79
CA ASN E 232 -24.74 10.71 21.15
C ASN E 232 -23.53 10.59 22.07
N ALA E 233 -23.71 9.98 23.24
CA ALA E 233 -22.59 9.80 24.16
C ALA E 233 -21.49 8.97 23.52
N LEU E 234 -21.86 8.02 22.67
CA LEU E 234 -20.88 7.28 21.89
C LEU E 234 -20.02 8.22 21.06
N LEU E 235 -20.66 9.15 20.34
CA LEU E 235 -19.92 10.09 19.50
C LEU E 235 -19.04 10.98 20.35
N LYS E 236 -19.55 11.44 21.50
CA LYS E 236 -18.77 12.31 22.37
C LYS E 236 -17.49 11.61 22.84
N GLU E 237 -17.64 10.41 23.40
CA GLU E 237 -16.46 9.69 23.90
C GLU E 237 -15.52 9.33 22.77
N ALA E 238 -16.05 8.95 21.60
CA ALA E 238 -15.19 8.59 20.48
C ALA E 238 -14.38 9.78 20.01
N GLU E 239 -15.02 10.94 19.85
CA GLU E 239 -14.31 12.13 19.42
C GLU E 239 -13.25 12.54 20.45
N LYS E 240 -13.57 12.39 21.74
CA LYS E 240 -12.60 12.77 22.77
C LYS E 240 -11.40 11.83 22.81
N ARG E 241 -11.63 10.52 22.67
CA ARG E 241 -10.62 9.53 23.03
C ARG E 241 -10.23 8.58 21.90
N ASN E 242 -10.54 8.90 20.64
CA ASN E 242 -10.15 8.01 19.56
C ASN E 242 -8.65 8.09 19.31
N LEU E 243 -8.05 6.95 18.94
CA LEU E 243 -6.62 6.90 18.68
C LEU E 243 -6.26 7.55 17.35
N SER E 244 -7.04 7.29 16.30
CA SER E 244 -6.73 7.84 15.00
C SER E 244 -6.84 9.36 15.00
N LEU E 245 -7.86 9.89 15.68
CA LEU E 245 -8.01 11.34 15.76
C LEU E 245 -6.86 11.98 16.54
N LEU E 246 -6.42 11.32 17.62
CA LEU E 246 -5.27 11.82 18.36
C LEU E 246 -4.01 11.80 17.51
N GLN E 247 -3.83 10.75 16.71
CA GLN E 247 -2.68 10.70 15.81
C GLN E 247 -2.74 11.83 14.78
N ALA E 248 -3.93 12.10 14.24
CA ALA E 248 -4.05 13.19 13.28
C ALA E 248 -3.77 14.54 13.93
N ARG E 249 -4.24 14.75 15.16
CA ARG E 249 -3.96 16.00 15.86
C ARG E 249 -2.46 16.16 16.10
N LEU E 250 -1.79 15.08 16.51
CA LEU E 250 -0.35 15.15 16.73
C LEU E 250 0.38 15.42 15.42
N SER E 251 -0.10 14.85 14.31
CA SER E 251 0.53 15.12 13.02
C SER E 251 0.36 16.58 12.62
N GLN E 252 -0.82 17.16 12.87
CA GLN E 252 -1.01 18.58 12.55
C GLN E 252 -0.11 19.46 13.42
N ASP E 253 0.03 19.12 14.70
CA ASP E 253 0.95 19.87 15.55
C ASP E 253 2.39 19.72 15.07
N LEU E 254 2.75 18.53 14.60
CA LEU E 254 4.08 18.32 14.03
C LEU E 254 4.28 19.19 12.79
N ALA E 255 3.25 19.31 11.96
CA ALA E 255 3.35 20.19 10.79
C ALA E 255 3.52 21.64 11.20
N ARG E 256 2.82 22.05 12.27
CA ARG E 256 2.98 23.41 12.77
C ARG E 256 4.41 23.65 13.26
N GLU E 257 4.98 22.70 13.98
CA GLU E 257 6.37 22.88 14.39
C GLU E 257 7.32 22.80 13.21
N GLN E 258 6.95 22.06 12.16
CA GLN E 258 7.76 22.02 10.95
C GLN E 258 7.79 23.36 10.26
N ILE E 259 6.65 24.03 10.13
CA ILE E 259 6.64 25.37 9.55
C ILE E 259 7.37 26.35 10.45
N ARG E 260 7.29 26.15 11.77
CA ARG E 260 8.06 27.00 12.68
C ARG E 260 9.55 26.84 12.46
N GLN E 261 10.02 25.60 12.27
CA GLN E 261 11.43 25.33 12.05
C GLN E 261 11.91 25.69 10.65
N ALA E 262 11.01 25.67 9.66
CA ALA E 262 11.43 25.64 8.27
C ALA E 262 12.19 26.90 7.86
N GLN E 263 11.99 28.01 8.57
CA GLN E 263 12.67 29.23 8.14
C GLN E 263 14.16 29.18 8.48
N ASP E 264 14.51 29.21 9.76
CA ASP E 264 15.87 29.00 10.27
C ASP E 264 16.94 29.71 9.44
N GLY E 265 16.58 30.81 8.79
CA GLY E 265 17.50 31.48 7.90
C GLY E 265 17.70 32.94 8.28
N HIS E 266 16.72 33.50 8.96
CA HIS E 266 16.78 34.88 9.43
C HIS E 266 17.40 34.99 10.81
N LEU E 267 17.73 33.88 11.44
CA LEU E 267 18.28 33.88 12.80
C LEU E 267 19.78 33.69 12.74
N PRO E 268 20.58 34.67 13.17
CA PRO E 268 22.03 34.49 13.15
C PRO E 268 22.47 33.40 14.12
N THR E 269 23.54 32.71 13.76
CA THR E 269 24.09 31.62 14.55
C THR E 269 25.37 32.07 15.25
N LEU E 270 25.64 31.46 16.40
CA LEU E 270 26.78 31.81 17.23
C LEU E 270 27.45 30.54 17.74
N ASP E 271 28.77 30.44 17.55
CA ASP E 271 29.53 29.27 17.95
C ASP E 271 30.72 29.68 18.80
N LEU E 272 31.16 28.77 19.67
CA LEU E 272 32.34 28.96 20.50
C LEU E 272 33.30 27.81 20.26
N THR E 273 34.57 28.13 20.01
CA THR E 273 35.58 27.12 19.69
C THR E 273 36.80 27.30 20.59
N ALA E 274 37.40 26.18 20.96
CA ALA E 274 38.66 26.16 21.69
C ALA E 274 39.56 25.09 21.08
N SER E 275 40.87 25.30 21.18
CA SER E 275 41.80 24.37 20.54
C SER E 275 43.16 24.48 21.20
N THR E 276 43.82 23.34 21.39
CA THR E 276 45.21 23.26 21.82
C THR E 276 46.02 22.56 20.75
N GLY E 277 47.04 23.23 20.23
CA GLY E 277 47.76 22.71 19.09
C GLY E 277 49.26 22.85 19.26
N ILE E 278 49.98 21.88 18.71
CA ILE E 278 51.43 21.86 18.69
C ILE E 278 51.87 21.65 17.24
N SER E 279 52.91 22.37 16.82
CA SER E 279 53.42 22.24 15.47
C SER E 279 54.94 22.31 15.49
N ASP E 280 55.58 21.35 14.82
CA ASP E 280 57.04 21.30 14.71
C ASP E 280 57.40 21.31 13.23
N THR E 281 58.07 22.37 12.80
CA THR E 281 58.44 22.55 11.40
C THR E 281 59.95 22.56 11.28
N SER E 282 60.48 21.80 10.33
CA SER E 282 61.91 21.72 10.07
C SER E 282 62.17 21.96 8.59
N TYR E 283 63.24 22.68 8.29
CA TYR E 283 63.61 23.02 6.92
C TYR E 283 64.91 22.34 6.55
N SER E 284 65.00 21.92 5.29
CA SER E 284 66.22 21.30 4.78
C SER E 284 66.23 21.45 3.27
N GLY E 285 67.43 21.42 2.70
CA GLY E 285 67.58 21.53 1.26
C GLY E 285 68.90 22.17 0.92
N SER E 286 69.18 22.20 -0.39
CA SER E 286 70.44 22.77 -0.86
C SER E 286 70.53 24.27 -0.57
N LYS E 287 69.44 24.99 -0.78
CA LYS E 287 69.45 26.45 -0.58
C LYS E 287 69.21 26.85 0.87
N THR E 288 68.78 25.92 1.72
CA THR E 288 68.51 26.26 3.12
C THR E 288 69.78 26.37 3.96
N ARG E 289 70.94 26.00 3.42
CA ARG E 289 72.20 26.06 4.15
C ARG E 289 72.95 27.36 3.91
N GLY E 290 72.24 28.45 3.64
CA GLY E 290 72.86 29.73 3.40
C GLY E 290 73.23 30.43 4.69
N ALA E 291 73.61 31.70 4.55
CA ALA E 291 74.08 32.50 5.67
C ALA E 291 72.96 33.18 6.43
N ALA E 292 71.71 33.05 5.99
CA ALA E 292 70.60 33.68 6.69
C ALA E 292 70.47 33.14 8.11
N GLY E 293 70.17 31.85 8.24
CA GLY E 293 70.11 31.21 9.54
C GLY E 293 69.05 31.75 10.47
N THR E 294 68.07 32.47 9.95
CA THR E 294 67.03 33.07 10.79
C THR E 294 65.64 32.52 10.50
N GLN E 295 65.21 32.52 9.25
CA GLN E 295 63.88 32.06 8.87
C GLN E 295 63.87 30.61 8.44
N TYR E 296 65.02 29.94 8.40
CA TYR E 296 65.12 28.56 7.93
C TYR E 296 65.59 27.63 9.04
N ASP E 297 65.04 27.80 10.23
CA ASP E 297 65.37 26.98 11.38
C ASP E 297 64.11 26.33 11.93
N ASP E 298 64.31 25.31 12.76
CA ASP E 298 63.19 24.55 13.31
C ASP E 298 62.33 25.42 14.21
N SER E 299 61.02 25.35 14.02
CA SER E 299 60.07 26.13 14.79
C SER E 299 59.14 25.18 15.55
N ASN E 300 58.96 25.42 16.83
CA ASN E 300 58.13 24.57 17.69
C ASN E 300 57.08 25.46 18.36
N MET E 301 55.93 25.60 17.71
CA MET E 301 54.88 26.49 18.17
C MET E 301 53.83 25.72 18.96
N GLY E 302 53.54 26.19 20.16
CA GLY E 302 52.46 25.64 20.96
C GLY E 302 51.42 26.69 21.28
N GLN E 303 50.22 26.56 20.73
CA GLN E 303 49.23 27.62 20.77
C GLN E 303 47.88 27.07 21.19
N ASN E 304 47.21 27.73 22.14
CA ASN E 304 45.84 27.42 22.50
C ASN E 304 44.95 28.63 22.22
N LYS E 305 43.91 28.41 21.44
CA LYS E 305 43.02 29.46 20.98
C LYS E 305 41.64 29.28 21.59
N VAL E 306 41.02 30.40 21.97
CA VAL E 306 39.61 30.44 22.35
C VAL E 306 38.96 31.56 21.55
N GLY E 307 37.86 31.24 20.85
CA GLY E 307 37.26 32.23 19.98
C GLY E 307 35.76 32.01 19.80
N LEU E 308 35.12 33.02 19.25
CA LEU E 308 33.69 32.98 18.95
C LEU E 308 33.47 33.33 17.49
N SER E 309 32.45 32.73 16.90
CA SER E 309 32.10 32.94 15.50
C SER E 309 30.64 33.32 15.40
N PHE E 310 30.35 34.35 14.61
CA PHE E 310 29.00 34.87 14.42
C PHE E 310 28.68 34.87 12.94
N SER E 311 27.57 34.22 12.57
CA SER E 311 27.16 34.14 11.17
C SER E 311 25.73 34.63 11.04
N LEU E 312 25.41 35.21 9.89
CA LEU E 312 24.06 35.70 9.67
C LEU E 312 23.73 35.72 8.19
N PRO E 313 22.91 34.78 7.70
CA PRO E 313 22.42 34.89 6.33
C PRO E 313 21.56 36.13 6.16
N ILE E 314 21.70 36.79 5.02
CA ILE E 314 21.00 38.03 4.72
C ILE E 314 20.17 37.92 3.44
N TYR E 315 20.77 37.38 2.38
CA TYR E 315 20.06 37.11 1.13
C TYR E 315 20.44 35.70 0.68
N GLN E 316 19.53 34.75 0.90
CA GLN E 316 19.78 33.35 0.59
C GLN E 316 19.30 32.97 -0.80
N GLY E 317 18.95 33.95 -1.63
CA GLY E 317 18.42 33.65 -2.96
C GLY E 317 16.97 33.20 -2.98
N GLY E 318 16.21 33.52 -1.94
CA GLY E 318 14.83 33.10 -1.87
C GLY E 318 14.60 31.69 -1.39
N MET E 319 15.66 31.00 -0.95
CA MET E 319 15.51 29.61 -0.50
C MET E 319 14.64 29.53 0.75
N VAL E 320 14.88 30.40 1.72
CA VAL E 320 14.15 30.33 2.99
C VAL E 320 12.68 30.65 2.79
N ASN E 321 12.37 31.65 1.96
CA ASN E 321 10.98 31.99 1.71
C ASN E 321 10.24 30.84 1.04
N SER E 322 10.87 30.20 0.05
CA SER E 322 10.24 29.07 -0.62
C SER E 322 10.04 27.92 0.35
N GLN E 323 11.03 27.65 1.22
CA GLN E 323 10.87 26.59 2.21
C GLN E 323 9.73 26.88 3.16
N VAL E 324 9.60 28.15 3.58
CA VAL E 324 8.52 28.53 4.49
C VAL E 324 7.17 28.31 3.81
N LYS E 325 7.05 28.72 2.55
CA LYS E 325 5.77 28.55 1.86
C LYS E 325 5.45 27.07 1.66
N GLN E 326 6.46 26.25 1.35
CA GLN E 326 6.22 24.81 1.26
C GLN E 326 5.73 24.25 2.59
N ALA E 327 6.32 24.72 3.69
CA ALA E 327 5.85 24.28 5.00
C ALA E 327 4.42 24.72 5.27
N GLN E 328 4.05 25.91 4.81
CA GLN E 328 2.67 26.36 4.95
C GLN E 328 1.71 25.43 4.22
N TYR E 329 2.07 25.06 2.99
CA TYR E 329 1.23 24.15 2.22
C TYR E 329 1.15 22.78 2.90
N ASN E 330 2.27 22.31 3.44
CA ASN E 330 2.26 21.03 4.14
C ASN E 330 1.38 21.07 5.38
N PHE E 331 1.39 22.20 6.10
CA PHE E 331 0.52 22.34 7.27
C PHE E 331 -0.95 22.33 6.86
N VAL E 332 -1.29 23.01 5.76
CA VAL E 332 -2.66 22.98 5.27
C VAL E 332 -3.06 21.55 4.91
N GLY E 333 -2.16 20.81 4.25
CA GLY E 333 -2.44 19.42 3.93
C GLY E 333 -2.65 18.56 5.16
N ALA E 334 -1.84 18.79 6.20
CA ALA E 334 -2.01 18.04 7.44
C ALA E 334 -3.35 18.34 8.09
N SER E 335 -3.78 19.61 8.07
CA SER E 335 -5.09 19.95 8.61
C SER E 335 -6.19 19.25 7.84
N GLU E 336 -6.07 19.20 6.51
CA GLU E 336 -7.06 18.48 5.71
C GLU E 336 -7.08 17.00 6.05
N GLN E 337 -5.90 16.41 6.26
CA GLN E 337 -5.84 15.00 6.63
C GLN E 337 -6.52 14.77 7.98
N LEU E 338 -6.32 15.69 8.93
CA LEU E 338 -6.99 15.56 10.22
C LEU E 338 -8.50 15.64 10.08
N GLU E 339 -8.99 16.55 9.23
CA GLU E 339 -10.43 16.64 9.01
C GLU E 339 -10.97 15.35 8.39
N SER E 340 -10.24 14.79 7.43
CA SER E 340 -10.64 13.52 6.84
C SER E 340 -10.68 12.41 7.90
N ALA E 341 -9.69 12.40 8.79
CA ALA E 341 -9.67 11.40 9.85
C ALA E 341 -10.88 11.54 10.77
N HIS E 342 -11.25 12.78 11.10
CA HIS E 342 -12.43 12.98 11.95
C HIS E 342 -13.69 12.49 11.27
N ARG E 343 -13.85 12.78 9.97
CA ARG E 343 -15.02 12.30 9.26
C ARG E 343 -15.06 10.77 9.22
N SER E 344 -13.90 10.14 9.01
CA SER E 344 -13.85 8.68 9.00
C SER E 344 -14.20 8.11 10.37
N VAL E 345 -13.78 8.79 11.44
CA VAL E 345 -14.13 8.33 12.79
C VAL E 345 -15.63 8.39 13.00
N VAL E 346 -16.26 9.48 12.58
CA VAL E 346 -17.71 9.60 12.71
C VAL E 346 -18.40 8.49 11.93
N GLN E 347 -17.93 8.23 10.71
CA GLN E 347 -18.52 7.17 9.90
C GLN E 347 -18.37 5.82 10.58
N THR E 348 -17.19 5.55 11.15
CA THR E 348 -16.97 4.27 11.82
C THR E 348 -17.90 4.09 13.01
N VAL E 349 -18.07 5.14 13.82
CA VAL E 349 -18.93 5.04 15.00
C VAL E 349 -20.37 4.78 14.59
N ARG E 350 -20.87 5.55 13.61
CA ARG E 350 -22.26 5.36 13.18
C ARG E 350 -22.46 3.97 12.59
N SER E 351 -21.50 3.50 11.78
CA SER E 351 -21.62 2.18 11.19
C SER E 351 -21.64 1.10 12.25
N SER E 352 -20.79 1.21 13.28
CA SER E 352 -20.76 0.21 14.33
C SER E 352 -22.07 0.17 15.11
N PHE E 353 -22.62 1.35 15.43
CA PHE E 353 -23.89 1.37 16.15
C PHE E 353 -25.00 0.73 15.32
N ASN E 354 -25.09 1.09 14.04
CA ASN E 354 -26.12 0.50 13.19
C ASN E 354 -25.92 -1.00 13.05
N ASN E 355 -24.66 -1.46 12.99
CA ASN E 355 -24.41 -2.89 12.89
C ASN E 355 -24.87 -3.63 14.14
N ILE E 356 -24.63 -3.07 15.32
CA ILE E 356 -25.13 -3.71 16.53
C ILE E 356 -26.65 -3.79 16.51
N ASN E 357 -27.31 -2.69 16.12
CA ASN E 357 -28.78 -2.71 16.12
C ASN E 357 -29.30 -3.76 15.14
N ALA E 358 -28.69 -3.85 13.96
CA ALA E 358 -29.09 -4.88 13.00
C ALA E 358 -28.86 -6.26 13.57
N SER E 359 -27.74 -6.48 14.25
CA SER E 359 -27.44 -7.81 14.79
C SER E 359 -28.45 -8.20 15.86
N ILE E 360 -28.78 -7.28 16.77
CA ILE E 360 -29.70 -7.63 17.85
C ILE E 360 -31.10 -7.87 17.31
N SER E 361 -31.52 -7.10 16.29
CA SER E 361 -32.82 -7.39 15.67
C SER E 361 -32.80 -8.75 14.96
N SER E 362 -31.71 -9.04 14.24
CA SER E 362 -31.65 -10.26 13.44
C SER E 362 -31.58 -11.50 14.32
N ILE E 363 -31.03 -11.39 15.54
CA ILE E 363 -31.01 -12.55 16.43
C ILE E 363 -32.44 -13.02 16.72
N ASN E 364 -33.30 -12.08 17.12
CA ASN E 364 -34.69 -12.43 17.38
C ASN E 364 -35.40 -12.89 16.11
N ALA E 365 -35.13 -12.20 14.99
CA ALA E 365 -35.79 -12.58 13.74
C ALA E 365 -35.44 -14.02 13.36
N TYR E 366 -34.17 -14.40 13.49
CA TYR E 366 -33.76 -15.75 13.11
C TYR E 366 -34.22 -16.78 14.11
N LYS E 367 -34.33 -16.43 15.40
CA LYS E 367 -34.91 -17.35 16.36
C LYS E 367 -36.35 -17.68 15.98
N GLN E 368 -37.14 -16.65 15.69
CA GLN E 368 -38.52 -16.88 15.27
C GLN E 368 -38.58 -17.66 13.96
N ALA E 369 -37.68 -17.35 13.03
CA ALA E 369 -37.63 -18.07 11.76
C ALA E 369 -37.32 -19.54 11.97
N VAL E 370 -36.40 -19.86 12.88
CA VAL E 370 -36.05 -21.26 13.15
C VAL E 370 -37.24 -21.99 13.74
N VAL E 371 -37.94 -21.37 14.69
CA VAL E 371 -39.10 -22.03 15.29
C VAL E 371 -40.16 -22.29 14.24
N SER E 372 -40.44 -21.28 13.41
CA SER E 372 -41.46 -21.43 12.38
C SER E 372 -41.05 -22.48 11.34
N ALA E 373 -39.77 -22.54 11.01
CA ALA E 373 -39.30 -23.52 10.04
C ALA E 373 -39.41 -24.93 10.59
N GLN E 374 -39.11 -25.12 11.88
CA GLN E 374 -39.29 -26.44 12.49
C GLN E 374 -40.76 -26.84 12.46
N SER E 375 -41.65 -25.91 12.79
CA SER E 375 -43.09 -26.21 12.72
C SER E 375 -43.49 -26.56 11.29
N SER E 376 -42.96 -25.83 10.31
CA SER E 376 -43.28 -26.10 8.91
C SER E 376 -42.78 -27.47 8.48
N LEU E 377 -41.58 -27.86 8.93
CA LEU E 377 -41.07 -29.19 8.61
C LEU E 377 -41.94 -30.27 9.21
N ASP E 378 -42.39 -30.08 10.46
CA ASP E 378 -43.31 -31.04 11.05
C ASP E 378 -44.61 -31.13 10.26
N ALA E 379 -45.14 -29.99 9.82
CA ALA E 379 -46.36 -29.98 9.03
C ALA E 379 -46.18 -30.70 7.70
N MET E 380 -45.05 -30.48 7.03
CA MET E 380 -44.79 -31.17 5.77
C MET E 380 -44.64 -32.67 5.98
N GLU E 381 -43.99 -33.07 7.08
CA GLU E 381 -43.88 -34.49 7.37
C GLU E 381 -45.25 -35.11 7.57
N ALA E 382 -46.13 -34.43 8.32
CA ALA E 382 -47.48 -34.94 8.52
C ALA E 382 -48.24 -35.01 7.20
N GLY E 383 -48.09 -34.00 6.35
CA GLY E 383 -48.77 -34.01 5.07
C GLY E 383 -48.29 -35.12 4.16
N TYR E 384 -46.98 -35.38 4.15
CA TYR E 384 -46.44 -36.50 3.39
C TYR E 384 -46.96 -37.83 3.93
N SER E 385 -47.07 -37.95 5.25
CA SER E 385 -47.68 -39.13 5.83
C SER E 385 -49.11 -39.31 5.35
N VAL E 386 -49.87 -38.21 5.32
CA VAL E 386 -51.22 -38.26 4.74
C VAL E 386 -51.12 -38.51 3.24
N GLY E 387 -50.23 -37.80 2.56
CA GLY E 387 -50.03 -38.00 1.13
C GLY E 387 -50.30 -36.77 0.30
N THR E 388 -50.47 -35.62 0.95
CA THR E 388 -50.78 -34.39 0.22
C THR E 388 -49.53 -33.70 -0.30
N ARG E 389 -48.35 -34.12 0.15
CA ARG E 389 -47.10 -33.52 -0.28
C ARG E 389 -46.20 -34.55 -0.94
N THR E 390 -44.99 -34.12 -1.27
CA THR E 390 -43.99 -34.96 -1.94
C THR E 390 -42.66 -34.84 -1.22
N ILE E 391 -41.76 -35.77 -1.52
CA ILE E 391 -40.49 -35.85 -0.81
C ILE E 391 -39.63 -34.63 -1.07
N VAL E 392 -39.73 -34.05 -2.27
CA VAL E 392 -38.95 -32.84 -2.56
C VAL E 392 -39.36 -31.71 -1.62
N ASP E 393 -40.65 -31.62 -1.30
CA ASP E 393 -41.11 -30.57 -0.41
C ASP E 393 -40.54 -30.73 1.00
N VAL E 394 -40.54 -31.95 1.54
CA VAL E 394 -40.01 -32.14 2.89
C VAL E 394 -38.50 -31.93 2.90
N LEU E 395 -37.80 -32.33 1.83
CA LEU E 395 -36.37 -32.06 1.75
C LEU E 395 -36.10 -30.55 1.71
N ASP E 396 -36.92 -29.80 0.98
CA ASP E 396 -36.76 -28.35 0.94
C ASP E 396 -37.03 -27.74 2.32
N ALA E 397 -38.04 -28.23 3.02
CA ALA E 397 -38.30 -27.74 4.37
C ALA E 397 -37.12 -28.03 5.30
N THR E 398 -36.54 -29.22 5.18
CA THR E 398 -35.38 -29.57 6.01
C THR E 398 -34.21 -28.65 5.73
N THR E 399 -33.91 -28.40 4.45
CA THR E 399 -32.79 -27.54 4.12
C THR E 399 -33.04 -26.10 4.56
N THR E 400 -34.30 -25.64 4.48
CA THR E 400 -34.62 -24.30 4.97
C THR E 400 -34.42 -24.19 6.48
N LEU E 401 -34.86 -25.22 7.22
CA LEU E 401 -34.68 -25.20 8.66
C LEU E 401 -33.20 -25.17 9.04
N TYR E 402 -32.39 -26.00 8.38
CA TYR E 402 -30.98 -26.04 8.73
C TYR E 402 -30.27 -24.76 8.33
N ASN E 403 -30.65 -24.17 7.19
CA ASN E 403 -30.10 -22.89 6.80
C ASN E 403 -30.44 -21.80 7.82
N ALA E 404 -31.69 -21.81 8.32
CA ALA E 404 -32.09 -20.83 9.32
C ALA E 404 -31.27 -20.99 10.60
N LYS E 405 -31.06 -22.23 11.04
CA LYS E 405 -30.26 -22.45 12.25
C LYS E 405 -28.82 -21.97 12.04
N GLN E 406 -28.24 -22.27 10.88
CA GLN E 406 -26.88 -21.83 10.59
C GLN E 406 -26.80 -20.31 10.59
N GLU E 407 -27.78 -19.64 9.99
CA GLU E 407 -27.76 -18.19 9.94
C GLU E 407 -27.92 -17.58 11.33
N LEU E 408 -28.72 -18.21 12.19
CA LEU E 408 -28.85 -17.71 13.56
C LEU E 408 -27.52 -17.81 14.31
N ALA E 409 -26.83 -18.95 14.17
CA ALA E 409 -25.54 -19.07 14.83
C ALA E 409 -24.55 -18.04 14.31
N ASN E 410 -24.52 -17.85 12.99
CA ASN E 410 -23.62 -16.84 12.42
C ASN E 410 -23.98 -15.45 12.91
N ALA E 411 -25.27 -15.16 13.07
CA ALA E 411 -25.69 -13.85 13.56
C ALA E 411 -25.21 -13.62 14.98
N ARG E 412 -25.28 -14.65 15.82
CA ARG E 412 -24.76 -14.54 17.19
C ARG E 412 -23.27 -14.22 17.18
N TYR E 413 -22.50 -15.01 16.44
CA TYR E 413 -21.05 -14.82 16.42
C TYR E 413 -20.66 -13.49 15.79
N ASN E 414 -21.50 -12.97 14.90
CA ASN E 414 -21.26 -11.65 14.33
C ASN E 414 -21.62 -10.54 15.30
N TYR E 415 -22.65 -10.74 16.12
CA TYR E 415 -23.01 -9.73 17.11
C TYR E 415 -21.91 -9.54 18.14
N LEU E 416 -21.30 -10.64 18.59
CA LEU E 416 -20.20 -10.50 19.56
C LEU E 416 -19.05 -9.68 18.96
N ILE E 417 -18.67 -9.99 17.72
CA ILE E 417 -17.58 -9.27 17.06
C ILE E 417 -17.95 -7.82 16.84
N ASN E 418 -19.23 -7.54 16.53
CA ASN E 418 -19.66 -6.17 16.34
C ASN E 418 -19.56 -5.38 17.65
N GLN E 419 -19.91 -6.01 18.76
CA GLN E 419 -19.77 -5.37 20.07
C GLN E 419 -18.30 -5.01 20.32
N LEU E 420 -17.40 -5.95 20.04
CA LEU E 420 -15.98 -5.64 20.20
C LEU E 420 -15.54 -4.52 19.25
N ASN E 421 -16.09 -4.51 18.03
CA ASN E 421 -15.70 -3.50 17.05
C ASN E 421 -16.11 -2.10 17.48
N ILE E 422 -17.32 -1.95 17.99
CA ILE E 422 -17.75 -0.63 18.45
C ILE E 422 -16.94 -0.21 19.67
N LYS E 423 -16.65 -1.16 20.57
CA LYS E 423 -15.81 -0.82 21.71
C LYS E 423 -14.44 -0.34 21.28
N SER E 424 -13.87 -0.97 20.25
CA SER E 424 -12.59 -0.51 19.71
C SER E 424 -12.70 0.87 19.09
N ALA E 425 -13.75 1.10 18.30
CA ALA E 425 -13.92 2.39 17.64
C ALA E 425 -14.13 3.51 18.64
N LEU E 426 -14.68 3.19 19.82
CA LEU E 426 -14.79 4.19 20.88
C LEU E 426 -13.43 4.62 21.39
N GLY E 427 -12.41 3.78 21.24
CA GLY E 427 -11.07 4.13 21.64
C GLY E 427 -10.68 3.72 23.04
N THR E 428 -11.48 2.89 23.72
CA THR E 428 -11.24 2.50 25.09
C THR E 428 -11.36 0.99 25.25
N LEU E 429 -10.70 0.25 24.38
CA LEU E 429 -10.74 -1.21 24.40
C LEU E 429 -9.50 -1.75 25.10
N ASN E 430 -9.73 -2.69 26.03
CA ASN E 430 -8.64 -3.30 26.78
C ASN E 430 -9.05 -4.73 27.13
N GLU E 431 -8.34 -5.34 28.08
CA GLU E 431 -8.62 -6.72 28.44
C GLU E 431 -9.90 -6.87 29.26
N GLN E 432 -10.42 -5.79 29.84
CA GLN E 432 -11.67 -5.89 30.58
C GLN E 432 -12.83 -6.25 29.66
N ASP E 433 -12.85 -5.69 28.45
CA ASP E 433 -13.89 -6.05 27.49
C ASP E 433 -13.77 -7.52 27.09
N LEU E 434 -12.53 -8.01 26.93
CA LEU E 434 -12.34 -9.43 26.66
C LEU E 434 -12.84 -10.27 27.83
N LEU E 435 -12.67 -9.79 29.06
CA LEU E 435 -13.21 -10.51 30.21
C LEU E 435 -14.74 -10.54 30.16
N ALA E 436 -15.35 -9.42 29.78
CA ALA E 436 -16.81 -9.38 29.66
C ALA E 436 -17.29 -10.38 28.61
N LEU E 437 -16.60 -10.46 27.48
CA LEU E 437 -16.96 -11.45 26.47
C LEU E 437 -16.75 -12.87 26.99
N ASN E 438 -15.60 -13.11 27.64
CA ASN E 438 -15.25 -14.46 28.07
C ASN E 438 -16.13 -14.96 29.20
N ASN E 439 -16.79 -14.07 29.94
CA ASN E 439 -17.70 -14.51 30.99
C ASN E 439 -18.91 -15.26 30.45
N ALA E 440 -19.15 -15.19 29.13
CA ALA E 440 -20.30 -15.85 28.52
C ALA E 440 -19.96 -17.20 27.89
N LEU E 441 -18.73 -17.69 28.06
CA LEU E 441 -18.31 -18.97 27.49
C LEU E 441 -18.10 -19.96 28.63
N SER E 442 -18.82 -21.09 28.57
CA SER E 442 -18.76 -22.07 29.65
C SER E 442 -18.27 -23.44 29.18
N LYS E 443 -18.89 -24.02 28.16
CA LYS E 443 -18.56 -25.41 27.85
C LYS E 443 -17.42 -25.49 26.85
N PRO E 444 -16.51 -26.46 27.02
CA PRO E 444 -15.44 -26.66 26.04
C PRO E 444 -15.82 -27.68 24.97
N VAL E 445 -15.34 -27.44 23.75
CA VAL E 445 -15.57 -28.34 22.63
C VAL E 445 -14.26 -28.48 21.86
N SER E 446 -14.03 -29.69 21.34
CA SER E 446 -12.82 -29.98 20.60
C SER E 446 -12.96 -29.58 19.14
N THR E 447 -11.88 -29.08 18.56
CA THR E 447 -11.86 -28.62 17.18
C THR E 447 -11.17 -29.60 16.24
N ASN E 448 -11.14 -30.88 16.59
CA ASN E 448 -10.53 -31.89 15.74
C ASN E 448 -11.51 -32.27 14.64
N PRO E 449 -11.15 -32.10 13.37
CA PRO E 449 -12.08 -32.47 12.29
C PRO E 449 -12.54 -33.92 12.33
N GLU E 450 -11.65 -34.85 12.67
CA GLU E 450 -12.02 -36.26 12.66
C GLU E 450 -12.89 -36.61 13.86
N ASN E 451 -12.57 -36.06 15.03
CA ASN E 451 -13.31 -36.42 16.24
C ASN E 451 -14.77 -35.98 16.16
N VAL E 452 -15.02 -34.78 15.63
CA VAL E 452 -16.38 -34.25 15.61
C VAL E 452 -17.25 -35.06 14.64
N ALA E 453 -16.68 -35.49 13.52
CA ALA E 453 -17.39 -36.28 12.52
C ALA E 453 -16.60 -37.55 12.23
N PRO E 454 -16.78 -38.59 13.05
CA PRO E 454 -16.05 -39.85 12.89
C PRO E 454 -16.52 -40.65 11.68
N CYS F 19 9.31 34.78 -7.93
CA CYS F 19 8.74 34.44 -9.23
C CYS F 19 7.86 33.20 -9.13
N THR F 20 7.58 32.60 -10.28
CA THR F 20 6.80 31.37 -10.43
C THR F 20 5.61 31.31 -9.46
N THR F 21 4.70 32.27 -9.65
CA THR F 21 3.50 32.34 -8.82
C THR F 21 2.72 31.04 -8.90
N VAL F 22 2.07 30.70 -7.79
CA VAL F 22 1.43 29.39 -7.66
C VAL F 22 0.29 29.24 -8.66
N THR F 23 -0.54 30.28 -8.82
CA THR F 23 -1.70 30.27 -9.70
C THR F 23 -2.60 29.07 -9.36
N PRO F 24 -3.33 29.11 -8.25
CA PRO F 24 -4.12 27.95 -7.84
C PRO F 24 -5.23 27.65 -8.84
N ALA F 25 -5.59 26.36 -8.90
CA ALA F 25 -6.58 25.87 -9.85
C ALA F 25 -7.98 25.85 -9.27
N TYR F 26 -8.31 26.76 -8.35
CA TYR F 26 -9.58 26.78 -7.65
C TYR F 26 -10.28 28.11 -7.91
N LYS F 27 -11.06 28.16 -8.99
CA LYS F 27 -11.91 29.33 -9.28
C LYS F 27 -13.32 29.09 -8.75
N ASP F 28 -13.40 28.90 -7.44
CA ASP F 28 -14.63 28.48 -6.78
C ASP F 28 -14.55 28.91 -5.31
N ASN F 29 -15.36 28.28 -4.47
CA ASN F 29 -15.40 28.56 -3.03
C ASN F 29 -15.86 29.99 -2.76
N GLY F 30 -17.09 30.27 -3.18
CA GLY F 30 -17.70 31.56 -2.93
C GLY F 30 -19.01 31.45 -2.18
N THR F 31 -20.01 32.22 -2.62
CA THR F 31 -21.36 32.19 -2.06
C THR F 31 -21.36 32.54 -0.56
N ARG F 32 -21.00 33.78 -0.28
CA ARG F 32 -21.05 34.33 1.08
C ARG F 32 -22.16 35.37 1.16
N SER F 33 -23.03 35.23 2.17
CA SER F 33 -24.18 36.10 2.31
C SER F 33 -23.97 37.20 3.35
N GLY F 34 -23.67 36.82 4.60
CA GLY F 34 -23.54 37.78 5.67
C GLY F 34 -22.16 38.38 5.76
N PRO F 35 -22.01 39.43 6.57
CA PRO F 35 -20.71 40.10 6.71
C PRO F 35 -19.77 39.27 7.58
N CYS F 36 -18.56 39.77 7.77
CA CYS F 36 -17.54 39.07 8.56
C CYS F 36 -16.37 40.03 8.80
N VAL F 37 -15.37 39.51 9.52
CA VAL F 37 -14.13 40.23 9.81
C VAL F 37 -13.18 40.13 8.62
N GLU F 38 -12.08 40.87 8.68
CA GLU F 38 -11.14 40.94 7.56
C GLU F 38 -10.67 39.55 7.12
N GLY F 39 -9.95 38.86 7.99
CA GLY F 39 -9.47 37.54 7.64
C GLY F 39 -8.42 37.04 8.61
N GLY F 40 -7.98 35.81 8.35
CA GLY F 40 -7.04 35.13 9.21
C GLY F 40 -7.75 34.20 10.18
N PRO F 41 -7.52 32.89 10.03
CA PRO F 41 -8.24 31.93 10.89
C PRO F 41 -8.00 32.15 12.37
N ASP F 42 -6.74 32.18 12.79
CA ASP F 42 -6.45 32.50 14.18
C ASP F 42 -6.97 33.87 14.54
N ASN F 43 -6.89 34.82 13.61
CA ASN F 43 -7.37 36.17 13.87
C ASN F 43 -8.87 36.18 14.14
N VAL F 44 -9.67 35.53 13.29
CA VAL F 44 -11.11 35.57 13.48
C VAL F 44 -11.51 34.77 14.71
N ALA F 45 -10.84 33.64 14.98
CA ALA F 45 -11.15 32.88 16.18
C ALA F 45 -10.86 33.69 17.44
N GLN F 46 -9.71 34.37 17.47
CA GLN F 46 -9.38 35.20 18.60
C GLN F 46 -10.37 36.35 18.75
N GLN F 47 -10.76 36.96 17.64
CA GLN F 47 -11.73 38.06 17.71
C GLN F 47 -13.07 37.57 18.25
N PHE F 48 -13.52 36.40 17.80
CA PHE F 48 -14.79 35.85 18.27
C PHE F 48 -14.74 35.58 19.78
N TYR F 49 -13.67 34.92 20.23
CA TYR F 49 -13.57 34.62 21.65
C TYR F 49 -13.45 35.89 22.47
N ASP F 50 -12.70 36.88 21.99
CA ASP F 50 -12.58 38.15 22.71
C ASP F 50 -13.92 38.87 22.79
N TYR F 51 -14.70 38.85 21.72
CA TYR F 51 -16.02 39.48 21.75
C TYR F 51 -16.92 38.78 22.74
N ARG F 52 -16.91 37.44 22.76
CA ARG F 52 -17.76 36.72 23.69
C ARG F 52 -17.34 36.97 25.14
N ILE F 53 -16.04 37.02 25.42
CA ILE F 53 -15.57 37.21 26.78
C ILE F 53 -15.85 38.64 27.24
N LEU F 54 -15.55 39.62 26.39
CA LEU F 54 -15.70 41.02 26.80
C LEU F 54 -17.17 41.36 27.06
N HIS F 55 -18.05 41.01 26.13
CA HIS F 55 -19.47 41.21 26.33
C HIS F 55 -20.03 40.08 27.18
N ARG F 56 -21.33 40.17 27.50
CA ARG F 56 -22.00 39.15 28.30
C ARG F 56 -23.24 38.60 27.61
N SER F 57 -23.52 39.02 26.38
CA SER F 57 -24.76 38.62 25.73
C SER F 57 -24.62 37.25 25.05
N ASN F 58 -23.57 37.09 24.25
CA ASN F 58 -23.28 35.89 23.45
C ASN F 58 -24.47 35.40 22.65
N ASP F 59 -25.47 36.26 22.42
CA ASP F 59 -26.62 35.88 21.60
C ASP F 59 -26.24 35.83 20.13
N ILE F 60 -27.01 35.06 19.36
CA ILE F 60 -26.65 34.78 17.98
C ILE F 60 -26.82 36.00 17.09
N THR F 61 -27.79 36.86 17.39
CA THR F 61 -28.07 38.01 16.53
C THR F 61 -26.86 38.92 16.44
N ALA F 62 -26.19 39.19 17.56
CA ALA F 62 -24.98 39.99 17.54
C ALA F 62 -23.77 39.21 17.05
N LEU F 63 -23.86 37.89 16.99
CA LEU F 63 -22.76 37.04 16.58
C LEU F 63 -22.86 36.60 15.13
N ARG F 64 -23.80 37.17 14.36
CA ARG F 64 -24.01 36.75 12.98
C ARG F 64 -22.76 36.80 12.12
N PRO F 65 -21.93 37.85 12.13
CA PRO F 65 -20.78 37.88 11.21
C PRO F 65 -19.79 36.75 11.42
N TYR F 66 -19.66 36.23 12.64
CA TYR F 66 -18.58 35.27 12.90
C TYR F 66 -18.95 33.85 12.48
N LEU F 67 -20.21 33.45 12.64
CA LEU F 67 -20.68 32.18 12.11
C LEU F 67 -21.12 32.36 10.66
N SER F 68 -20.99 31.32 9.86
CA SER F 68 -20.94 31.55 8.42
C SER F 68 -22.29 31.74 7.74
N ASP F 69 -22.99 30.64 7.45
CA ASP F 69 -24.30 30.75 6.82
C ASP F 69 -25.21 29.63 7.29
N LYS F 70 -24.61 28.57 7.84
CA LYS F 70 -25.32 27.36 8.21
C LYS F 70 -25.42 27.17 9.70
N LEU F 71 -24.34 27.44 10.44
CA LEU F 71 -24.43 27.40 11.89
C LEU F 71 -25.38 28.49 12.39
N ALA F 72 -25.43 29.62 11.70
CA ALA F 72 -26.36 30.68 12.09
C ALA F 72 -27.81 30.22 11.98
N THR F 73 -28.19 29.69 10.82
CA THR F 73 -29.58 29.25 10.65
C THR F 73 -29.88 28.00 11.47
N LEU F 74 -28.90 27.10 11.61
CA LEU F 74 -29.11 25.93 12.46
C LEU F 74 -29.37 26.35 13.90
N LEU F 75 -28.59 27.29 14.41
CA LEU F 75 -28.82 27.75 15.78
C LEU F 75 -30.13 28.53 15.89
N SER F 76 -30.49 29.29 14.85
CA SER F 76 -31.76 30.01 14.88
C SER F 76 -32.94 29.06 14.97
N ASP F 77 -32.95 28.01 14.13
CA ASP F 77 -34.08 27.10 14.16
C ASP F 77 -34.05 26.19 15.38
N ALA F 78 -32.86 25.91 15.94
CA ALA F 78 -32.81 25.21 17.21
C ALA F 78 -33.40 26.08 18.33
N SER F 79 -33.12 27.38 18.31
CA SER F 79 -33.70 28.27 19.30
C SER F 79 -35.21 28.35 19.15
N ARG F 80 -35.71 28.41 17.92
CA ARG F 80 -37.14 28.42 17.70
C ARG F 80 -37.80 27.06 17.89
N ASP F 81 -37.01 25.99 17.98
CA ASP F 81 -37.56 24.65 18.14
C ASP F 81 -38.08 24.39 19.55
N ASN F 82 -37.44 25.00 20.56
CA ASN F 82 -37.77 24.80 21.97
C ASN F 82 -37.67 23.30 22.29
N ASN F 83 -36.50 22.76 22.04
CA ASN F 83 -36.11 21.43 22.47
C ASN F 83 -34.75 21.42 23.16
N HIS F 84 -33.81 22.23 22.66
CA HIS F 84 -32.46 22.32 23.22
C HIS F 84 -32.28 23.60 24.03
N ARG F 85 -33.31 23.99 24.79
CA ARG F 85 -33.22 25.23 25.57
C ARG F 85 -32.08 25.19 26.56
N GLU F 86 -31.93 24.06 27.27
CA GLU F 86 -30.86 23.96 28.26
C GLU F 86 -29.49 24.04 27.61
N LEU F 87 -29.31 23.38 26.47
CA LEU F 87 -28.04 23.48 25.76
C LEU F 87 -27.79 24.90 25.26
N LEU F 88 -28.84 25.56 24.77
CA LEU F 88 -28.67 26.84 24.08
C LEU F 88 -28.61 28.03 25.03
N THR F 89 -29.00 27.86 26.29
CA THR F 89 -29.12 29.03 27.15
C THR F 89 -27.85 29.34 27.95
N ASN F 90 -27.14 28.33 28.47
CA ASN F 90 -25.92 28.61 29.21
C ASN F 90 -24.78 29.01 28.28
N ASP F 91 -24.34 28.07 27.43
CA ASP F 91 -23.28 28.37 26.49
C ASP F 91 -23.23 27.27 25.44
N PRO F 92 -23.34 27.62 24.16
CA PRO F 92 -23.26 26.60 23.11
C PRO F 92 -21.85 26.37 22.60
N PHE F 93 -20.97 27.35 22.76
CA PHE F 93 -19.67 27.33 22.10
C PHE F 93 -18.53 26.87 23.00
N SER F 94 -18.70 26.91 24.31
CA SER F 94 -17.70 26.41 25.24
C SER F 94 -18.12 25.04 25.73
N SER F 95 -17.13 24.24 26.15
CA SER F 95 -17.42 22.90 26.62
C SER F 95 -18.12 22.88 27.98
N ARG F 96 -18.22 24.01 28.66
CA ARG F 96 -18.78 24.07 30.00
C ARG F 96 -20.14 24.76 29.99
N THR F 97 -20.68 24.96 31.18
CA THR F 97 -21.92 25.70 31.37
C THR F 97 -21.68 27.15 31.80
N THR F 98 -20.42 27.56 31.93
CA THR F 98 -20.08 28.91 32.35
C THR F 98 -19.20 29.57 31.30
N LEU F 99 -19.36 30.87 31.13
CA LEU F 99 -18.56 31.60 30.16
C LEU F 99 -17.10 31.60 30.57
N PRO F 100 -16.17 31.32 29.65
CA PRO F 100 -14.75 31.24 30.00
C PRO F 100 -14.20 32.57 30.48
N ASP F 101 -12.94 32.55 30.90
CA ASP F 101 -12.24 33.74 31.37
C ASP F 101 -11.14 34.21 30.42
N SER F 102 -10.53 33.32 29.66
CA SER F 102 -9.56 33.73 28.65
C SER F 102 -9.42 32.63 27.62
N ALA F 103 -8.97 33.01 26.43
CA ALA F 103 -8.80 32.08 25.33
C ALA F 103 -7.48 32.37 24.62
N HIS F 104 -6.91 31.32 24.03
CA HIS F 104 -5.66 31.44 23.28
C HIS F 104 -5.74 30.49 22.11
N VAL F 105 -5.91 31.04 20.90
CA VAL F 105 -6.06 30.20 19.71
C VAL F 105 -4.70 29.78 19.21
N ALA F 106 -4.62 28.55 18.71
CA ALA F 106 -3.38 28.05 18.13
C ALA F 106 -2.98 28.90 16.94
N SER F 107 -1.70 29.25 16.87
CA SER F 107 -1.22 30.14 15.82
C SER F 107 -1.20 29.42 14.47
N ALA F 108 -1.28 30.23 13.41
CA ALA F 108 -1.16 29.72 12.05
C ALA F 108 -0.55 30.84 11.20
N SER F 109 0.57 30.56 10.55
CA SER F 109 1.30 31.61 9.85
C SER F 109 0.57 32.03 8.58
N THR F 110 -0.59 32.65 8.75
CA THR F 110 -1.46 33.05 7.64
C THR F 110 -1.80 31.84 6.76
N ILE F 111 -2.43 32.10 5.61
CA ILE F 111 -2.83 31.03 4.70
C ILE F 111 -2.39 31.41 3.29
N PRO F 112 -1.64 30.58 2.60
CA PRO F 112 -1.27 30.88 1.22
C PRO F 112 -2.49 30.89 0.32
N ASN F 113 -2.48 31.82 -0.65
CA ASN F 113 -3.53 32.01 -1.63
C ASN F 113 -4.93 31.77 -1.08
N ARG F 114 -5.76 31.02 -1.80
CA ARG F 114 -7.12 30.73 -1.39
C ARG F 114 -7.45 29.25 -1.41
N ASP F 115 -6.54 28.40 -1.89
CA ASP F 115 -6.79 26.97 -2.03
C ASP F 115 -6.56 26.28 -0.68
N ALA F 116 -7.45 26.58 0.26
CA ALA F 116 -7.39 26.00 1.60
C ALA F 116 -8.76 26.19 2.25
N ARG F 117 -9.35 25.08 2.71
CA ARG F 117 -10.66 25.13 3.34
C ARG F 117 -10.71 24.09 4.45
N ASN F 118 -11.62 24.30 5.40
CA ASN F 118 -11.87 23.35 6.49
C ASN F 118 -10.59 23.10 7.29
N ILE F 119 -10.10 24.15 7.93
CA ILE F 119 -8.92 24.07 8.79
C ILE F 119 -9.37 24.01 10.24
N PRO F 120 -9.15 22.91 10.95
CA PRO F 120 -9.56 22.87 12.35
C PRO F 120 -8.45 23.37 13.29
N LEU F 121 -8.79 24.32 14.15
CA LEU F 121 -7.83 24.90 15.08
C LEU F 121 -8.25 24.58 16.50
N ARG F 122 -7.27 24.20 17.33
CA ARG F 122 -7.51 23.92 18.73
C ARG F 122 -7.19 25.17 19.54
N VAL F 123 -8.17 25.63 20.32
CA VAL F 123 -8.03 26.82 21.14
C VAL F 123 -7.97 26.40 22.60
N ASP F 124 -6.95 26.89 23.30
CA ASP F 124 -6.82 26.66 24.73
C ASP F 124 -7.77 27.62 25.44
N LEU F 125 -8.79 27.07 26.07
CA LEU F 125 -9.81 27.84 26.78
C LEU F 125 -9.46 27.79 28.27
N LYS F 126 -8.79 28.83 28.75
CA LYS F 126 -8.25 28.83 30.09
C LYS F 126 -9.13 29.65 31.02
N GLN F 127 -9.46 29.07 32.17
CA GLN F 127 -10.17 29.73 33.25
C GLN F 127 -9.26 29.73 34.49
N GLY F 128 -9.82 30.16 35.62
CA GLY F 128 -9.06 30.15 36.85
C GLY F 128 -8.62 28.76 37.25
N ASP F 129 -7.32 28.49 37.08
CA ASP F 129 -6.73 27.19 37.42
C ASP F 129 -7.44 26.04 36.71
N GLN F 130 -7.75 26.22 35.44
CA GLN F 130 -8.43 25.19 34.67
C GLN F 130 -8.15 25.39 33.19
N GLY F 131 -8.35 24.31 32.43
CA GLY F 131 -8.18 24.36 30.99
C GLY F 131 -8.94 23.23 30.33
N TRP F 132 -9.42 23.49 29.11
CA TRP F 132 -10.27 22.51 28.44
C TRP F 132 -9.82 22.25 27.01
N GLN F 133 -9.25 23.25 26.35
CA GLN F 133 -8.60 23.08 25.05
C GLN F 133 -9.57 22.52 24.00
N ASP F 134 -10.57 23.35 23.67
CA ASP F 134 -11.58 22.94 22.71
C ASP F 134 -11.04 23.08 21.29
N GLU F 135 -11.87 22.73 20.30
CA GLU F 135 -11.46 22.79 18.90
C GLU F 135 -12.60 23.35 18.07
N VAL F 136 -12.27 24.15 17.06
CA VAL F 136 -13.25 24.83 16.23
C VAL F 136 -12.81 24.71 14.77
N LEU F 137 -13.75 24.37 13.88
CA LEU F 137 -13.46 24.30 12.47
C LEU F 137 -13.47 25.69 11.84
N MET F 138 -12.70 25.86 10.78
CA MET F 138 -12.59 27.13 10.08
C MET F 138 -12.93 26.90 8.62
N ILE F 139 -13.82 27.72 8.08
CA ILE F 139 -14.30 27.60 6.72
C ILE F 139 -14.11 28.95 6.03
N GLN F 140 -13.71 28.92 4.75
CA GLN F 140 -13.33 30.15 4.07
C GLN F 140 -14.53 30.93 3.54
N GLU F 141 -15.29 30.34 2.62
CA GLU F 141 -16.37 31.02 1.89
C GLU F 141 -15.91 32.36 1.32
N GLY F 142 -15.02 32.26 0.33
CA GLY F 142 -14.64 33.43 -0.43
C GLY F 142 -13.34 34.07 0.00
N GLN F 143 -13.40 35.36 0.34
CA GLN F 143 -12.23 36.11 0.77
C GLN F 143 -12.13 36.21 2.28
N CYS F 144 -12.92 35.44 3.02
CA CYS F 144 -13.04 35.62 4.46
C CYS F 144 -12.77 34.31 5.22
N TRP F 145 -12.97 34.32 6.53
CA TRP F 145 -12.88 33.13 7.35
C TRP F 145 -14.02 33.18 8.37
N VAL F 146 -14.56 32.00 8.70
CA VAL F 146 -15.69 31.90 9.61
C VAL F 146 -15.61 30.60 10.41
N ILE F 147 -16.28 30.60 11.57
CA ILE F 147 -16.26 29.52 12.54
C ILE F 147 -17.31 28.47 12.17
N ASP F 148 -17.00 27.21 12.47
CA ASP F 148 -17.93 26.12 12.26
C ASP F 148 -17.71 25.03 13.29
N ASP F 149 -18.75 24.22 13.48
CA ASP F 149 -18.71 23.00 14.28
C ASP F 149 -18.47 23.26 15.76
N VAL F 150 -17.26 23.67 16.13
CA VAL F 150 -16.80 23.69 17.51
C VAL F 150 -16.81 22.25 18.04
N ARG F 151 -15.64 21.65 18.17
CA ARG F 151 -15.55 20.21 18.34
C ARG F 151 -15.83 19.73 19.76
N TYR F 152 -16.02 20.63 20.72
CA TYR F 152 -16.37 20.25 22.09
C TYR F 152 -15.35 19.29 22.69
N LEU F 153 -14.07 19.55 22.43
CA LEU F 153 -12.98 18.69 22.89
C LEU F 153 -12.57 19.12 24.29
N GLY F 154 -13.18 18.50 25.30
CA GLY F 154 -12.86 18.82 26.68
C GLY F 154 -13.64 17.95 27.63
N GLY F 155 -13.10 17.82 28.83
CA GLY F 155 -13.76 17.01 29.84
C GLY F 155 -15.03 17.68 30.36
N SER F 156 -15.98 16.84 30.78
CA SER F 156 -17.24 17.28 31.36
C SER F 156 -17.96 18.25 30.42
N VAL F 157 -18.37 17.71 29.27
CA VAL F 157 -19.01 18.53 28.25
C VAL F 157 -20.30 19.13 28.80
N HIS F 158 -20.75 20.20 28.13
CA HIS F 158 -21.88 20.99 28.61
C HIS F 158 -23.15 20.14 28.66
N ALA F 159 -23.61 19.70 27.50
CA ALA F 159 -24.86 18.94 27.42
C ALA F 159 -24.91 18.25 26.06
N THR F 160 -25.93 17.42 25.89
CA THR F 160 -26.08 16.56 24.71
C THR F 160 -24.77 15.79 24.57
N ALA F 161 -24.13 15.79 23.40
CA ALA F 161 -22.87 15.09 23.23
C ALA F 161 -22.30 15.43 21.85
N GLY F 162 -21.09 14.93 21.61
CA GLY F 162 -20.43 15.18 20.35
C GLY F 162 -20.05 16.64 20.20
N THR F 163 -19.99 17.09 18.94
CA THR F 163 -19.77 18.49 18.65
C THR F 163 -21.13 19.19 18.52
N LEU F 164 -21.11 20.49 18.27
CA LEU F 164 -22.36 21.25 18.26
C LEU F 164 -23.25 20.84 17.09
N ARG F 165 -22.64 20.55 15.94
CA ARG F 165 -23.44 20.25 14.75
C ARG F 165 -24.29 19.00 14.94
N GLN F 166 -23.70 17.93 15.45
CA GLN F 166 -24.49 16.74 15.74
C GLN F 166 -25.35 16.91 16.98
N SER F 167 -24.92 17.79 17.90
CA SER F 167 -25.70 18.01 19.12
C SER F 167 -27.05 18.64 18.81
N ILE F 168 -27.08 19.64 17.93
CA ILE F 168 -28.32 20.33 17.61
C ILE F 168 -28.99 19.78 16.36
N GLU F 169 -28.38 18.82 15.68
CA GLU F 169 -29.01 18.21 14.52
C GLU F 169 -30.21 17.37 14.95
N ASN F 170 -31.30 17.49 14.20
CA ASN F 170 -32.53 16.77 14.52
C ASN F 170 -32.35 15.27 14.32
#